data_4NHP
# 
_entry.id   4NHP 
# 
_audit_conform.dict_name       mmcif_pdbx.dic 
_audit_conform.dict_version    5.397 
_audit_conform.dict_location   http://mmcif.pdb.org/dictionaries/ascii/mmcif_pdbx.dic 
# 
loop_
_database_2.database_id 
_database_2.database_code 
_database_2.pdbx_database_accession 
_database_2.pdbx_DOI 
PDB   4NHP         pdb_00004nhp 10.2210/pdb4nhp/pdb 
RCSB  RCSB083216   ?            ?                   
WWPDB D_1000083216 ?            ?                   
# 
loop_
_pdbx_audit_revision_history.ordinal 
_pdbx_audit_revision_history.data_content_type 
_pdbx_audit_revision_history.major_revision 
_pdbx_audit_revision_history.minor_revision 
_pdbx_audit_revision_history.revision_date 
1 'Structure model' 1 0 2014-09-17 
2 'Structure model' 1 1 2015-06-24 
3 'Structure model' 1 2 2023-11-08 
4 'Structure model' 1 3 2024-10-09 
# 
_pdbx_audit_revision_details.ordinal             1 
_pdbx_audit_revision_details.revision_ordinal    1 
_pdbx_audit_revision_details.data_content_type   'Structure model' 
_pdbx_audit_revision_details.provider            repository 
_pdbx_audit_revision_details.type                'Initial release' 
_pdbx_audit_revision_details.description         ? 
_pdbx_audit_revision_details.details             ? 
# 
loop_
_pdbx_audit_revision_group.ordinal 
_pdbx_audit_revision_group.revision_ordinal 
_pdbx_audit_revision_group.data_content_type 
_pdbx_audit_revision_group.group 
1 2 'Structure model' 'Database references'    
2 3 'Structure model' 'Data collection'        
3 3 'Structure model' 'Database references'    
4 3 'Structure model' 'Derived calculations'   
5 3 'Structure model' 'Refinement description' 
6 4 'Structure model' 'Structure summary'      
# 
loop_
_pdbx_audit_revision_category.ordinal 
_pdbx_audit_revision_category.revision_ordinal 
_pdbx_audit_revision_category.data_content_type 
_pdbx_audit_revision_category.category 
1 3 'Structure model' chem_comp_atom                
2 3 'Structure model' chem_comp_bond                
3 3 'Structure model' database_2                    
4 3 'Structure model' pdbx_initial_refinement_model 
5 3 'Structure model' pdbx_struct_conn_angle        
6 3 'Structure model' struct_conn                   
7 3 'Structure model' struct_site                   
8 4 'Structure model' pdbx_entry_details            
9 4 'Structure model' pdbx_modification_feature     
# 
loop_
_pdbx_audit_revision_item.ordinal 
_pdbx_audit_revision_item.revision_ordinal 
_pdbx_audit_revision_item.data_content_type 
_pdbx_audit_revision_item.item 
1  3 'Structure model' '_database_2.pdbx_DOI'                         
2  3 'Structure model' '_database_2.pdbx_database_accession'          
3  3 'Structure model' '_pdbx_struct_conn_angle.ptnr1_auth_comp_id'   
4  3 'Structure model' '_pdbx_struct_conn_angle.ptnr1_auth_seq_id'    
5  3 'Structure model' '_pdbx_struct_conn_angle.ptnr1_label_asym_id'  
6  3 'Structure model' '_pdbx_struct_conn_angle.ptnr1_label_atom_id'  
7  3 'Structure model' '_pdbx_struct_conn_angle.ptnr1_label_comp_id'  
8  3 'Structure model' '_pdbx_struct_conn_angle.ptnr1_label_seq_id'   
9  3 'Structure model' '_pdbx_struct_conn_angle.ptnr3_auth_comp_id'   
10 3 'Structure model' '_pdbx_struct_conn_angle.ptnr3_auth_seq_id'    
11 3 'Structure model' '_pdbx_struct_conn_angle.ptnr3_label_asym_id'  
12 3 'Structure model' '_pdbx_struct_conn_angle.ptnr3_label_atom_id'  
13 3 'Structure model' '_pdbx_struct_conn_angle.ptnr3_label_comp_id'  
14 3 'Structure model' '_pdbx_struct_conn_angle.ptnr3_label_seq_id'   
15 3 'Structure model' '_pdbx_struct_conn_angle.value'                
16 3 'Structure model' '_struct_conn.pdbx_dist_value'                 
17 3 'Structure model' '_struct_conn.ptnr1_auth_comp_id'              
18 3 'Structure model' '_struct_conn.ptnr1_auth_seq_id'               
19 3 'Structure model' '_struct_conn.ptnr1_label_asym_id'             
20 3 'Structure model' '_struct_conn.ptnr1_label_atom_id'             
21 3 'Structure model' '_struct_conn.ptnr1_label_comp_id'             
22 3 'Structure model' '_struct_conn.ptnr1_label_seq_id'              
23 3 'Structure model' '_struct_conn.ptnr2_auth_comp_id'              
24 3 'Structure model' '_struct_conn.ptnr2_auth_seq_id'               
25 3 'Structure model' '_struct_conn.ptnr2_label_asym_id'             
26 3 'Structure model' '_struct_conn.ptnr2_label_atom_id'             
27 3 'Structure model' '_struct_conn.ptnr2_label_comp_id'             
28 3 'Structure model' '_struct_site.pdbx_auth_asym_id'               
29 3 'Structure model' '_struct_site.pdbx_auth_comp_id'               
30 3 'Structure model' '_struct_site.pdbx_auth_seq_id'                
31 4 'Structure model' '_pdbx_entry_details.has_protein_modification' 
# 
_pdbx_database_status.status_code                     REL 
_pdbx_database_status.entry_id                        4NHP 
_pdbx_database_status.recvd_initial_deposition_date   2013-11-05 
_pdbx_database_status.deposit_site                    RCSB 
_pdbx_database_status.process_site                    PDBJ 
_pdbx_database_status.methods_development_category    ? 
_pdbx_database_status.status_code_sf                  REL 
_pdbx_database_status.status_code_mr                  ? 
_pdbx_database_status.SG_entry                        ? 
_pdbx_database_status.status_code_cs                  ? 
_pdbx_database_status.pdb_format_compatible           Y 
_pdbx_database_status.status_code_nmr_data            ? 
# 
_pdbx_database_related.db_name        PDB 
_pdbx_database_related.db_id          4N9R 
_pdbx_database_related.details        
'X-ray structure of the adduct formation between hen egg white lysozyme and pentachloroiridate(III) (1 day)' 
_pdbx_database_related.content_type   unspecified 
# 
loop_
_audit_author.name 
_audit_author.pdbx_ordinal 
'Petruk, A.A.' 1 
'Bikiel, D.E.' 2 
'Vergara, A.'  3 
'Merlino, A.'  4 
# 
_citation.id                        primary 
_citation.title                     
'Interaction between proteins and Ir based CO releasing molecules: mechanism of adduct formation and CO release.' 
_citation.journal_abbrev            Inorg.Chem. 
_citation.journal_volume            53 
_citation.page_first                10456 
_citation.page_last                 10462 
_citation.year                      2014 
_citation.journal_id_ASTM           INOCAJ 
_citation.country                   US 
_citation.journal_id_ISSN           0020-1669 
_citation.journal_id_CSD            0009 
_citation.book_publisher            ? 
_citation.pdbx_database_id_PubMed   25215611 
_citation.pdbx_database_id_DOI      10.1021/ic501498g 
# 
loop_
_citation_author.citation_id 
_citation_author.name 
_citation_author.ordinal 
_citation_author.identifier_ORCID 
primary 'Petruk, A.A.'    1 ? 
primary 'Vergara, A.'     2 ? 
primary 'Marasco, D.'     3 ? 
primary 'Bikiel, D.'      4 ? 
primary 'Doctorovich, F.' 5 ? 
primary 'Estrin, D.A.'    6 ? 
primary 'Merlino, A.'     7 ? 
# 
loop_
_entity.id 
_entity.type 
_entity.src_method 
_entity.pdbx_description 
_entity.formula_weight 
_entity.pdbx_number_of_molecules 
_entity.pdbx_ec 
_entity.pdbx_mutation 
_entity.pdbx_fragment 
_entity.details 
1 polymer     nat 'Lysozyme C'                        14331.160 1   3.2.1.17 ? ? ? 
2 non-polymer syn 'carbonyl(tetrachloro)oxidoiridium' 378.038   3   ?        ? ? ? 
3 non-polymer syn 'CHLORIDE ION'                      35.453    2   ?        ? ? ? 
4 non-polymer syn 'SODIUM ION'                        22.990    1   ?        ? ? ? 
5 water       nat water                               18.015    190 ?        ? ? ? 
# 
_entity_name_com.entity_id   1 
_entity_name_com.name        '1,4-beta-N-acetylmuramidase C, Allergen Gal d IV' 
# 
_entity_poly.entity_id                      1 
_entity_poly.type                           'polypeptide(L)' 
_entity_poly.nstd_linkage                   no 
_entity_poly.nstd_monomer                   no 
_entity_poly.pdbx_seq_one_letter_code       
;KVFGRCELAAAMKRHGLDNYRGYSLGNWVCAAKFESNFNTQATNRNTDGSTDYGILQINSRWWCNDGRTPGSRNLCNIPC
SALLSSDITASVNCAKKIVSDGNGMNAWVAWRNRCKGTDVQAWIRGCRL
;
_entity_poly.pdbx_seq_one_letter_code_can   
;KVFGRCELAAAMKRHGLDNYRGYSLGNWVCAAKFESNFNTQATNRNTDGSTDYGILQINSRWWCNDGRTPGSRNLCNIPC
SALLSSDITASVNCAKKIVSDGNGMNAWVAWRNRCKGTDVQAWIRGCRL
;
_entity_poly.pdbx_strand_id                 A 
_entity_poly.pdbx_target_identifier         ? 
# 
loop_
_pdbx_entity_nonpoly.entity_id 
_pdbx_entity_nonpoly.name 
_pdbx_entity_nonpoly.comp_id 
2 'carbonyl(tetrachloro)oxidoiridium' 2T8 
3 'CHLORIDE ION'                      CL  
4 'SODIUM ION'                        NA  
5 water                               HOH 
# 
loop_
_entity_poly_seq.entity_id 
_entity_poly_seq.num 
_entity_poly_seq.mon_id 
_entity_poly_seq.hetero 
1 1   LYS n 
1 2   VAL n 
1 3   PHE n 
1 4   GLY n 
1 5   ARG n 
1 6   CYS n 
1 7   GLU n 
1 8   LEU n 
1 9   ALA n 
1 10  ALA n 
1 11  ALA n 
1 12  MET n 
1 13  LYS n 
1 14  ARG n 
1 15  HIS n 
1 16  GLY n 
1 17  LEU n 
1 18  ASP n 
1 19  ASN n 
1 20  TYR n 
1 21  ARG n 
1 22  GLY n 
1 23  TYR n 
1 24  SER n 
1 25  LEU n 
1 26  GLY n 
1 27  ASN n 
1 28  TRP n 
1 29  VAL n 
1 30  CYS n 
1 31  ALA n 
1 32  ALA n 
1 33  LYS n 
1 34  PHE n 
1 35  GLU n 
1 36  SER n 
1 37  ASN n 
1 38  PHE n 
1 39  ASN n 
1 40  THR n 
1 41  GLN n 
1 42  ALA n 
1 43  THR n 
1 44  ASN n 
1 45  ARG n 
1 46  ASN n 
1 47  THR n 
1 48  ASP n 
1 49  GLY n 
1 50  SER n 
1 51  THR n 
1 52  ASP n 
1 53  TYR n 
1 54  GLY n 
1 55  ILE n 
1 56  LEU n 
1 57  GLN n 
1 58  ILE n 
1 59  ASN n 
1 60  SER n 
1 61  ARG n 
1 62  TRP n 
1 63  TRP n 
1 64  CYS n 
1 65  ASN n 
1 66  ASP n 
1 67  GLY n 
1 68  ARG n 
1 69  THR n 
1 70  PRO n 
1 71  GLY n 
1 72  SER n 
1 73  ARG n 
1 74  ASN n 
1 75  LEU n 
1 76  CYS n 
1 77  ASN n 
1 78  ILE n 
1 79  PRO n 
1 80  CYS n 
1 81  SER n 
1 82  ALA n 
1 83  LEU n 
1 84  LEU n 
1 85  SER n 
1 86  SER n 
1 87  ASP n 
1 88  ILE n 
1 89  THR n 
1 90  ALA n 
1 91  SER n 
1 92  VAL n 
1 93  ASN n 
1 94  CYS n 
1 95  ALA n 
1 96  LYS n 
1 97  LYS n 
1 98  ILE n 
1 99  VAL n 
1 100 SER n 
1 101 ASP n 
1 102 GLY n 
1 103 ASN n 
1 104 GLY n 
1 105 MET n 
1 106 ASN n 
1 107 ALA n 
1 108 TRP n 
1 109 VAL n 
1 110 ALA n 
1 111 TRP n 
1 112 ARG n 
1 113 ASN n 
1 114 ARG n 
1 115 CYS n 
1 116 LYS n 
1 117 GLY n 
1 118 THR n 
1 119 ASP n 
1 120 VAL n 
1 121 GLN n 
1 122 ALA n 
1 123 TRP n 
1 124 ILE n 
1 125 ARG n 
1 126 GLY n 
1 127 CYS n 
1 128 ARG n 
1 129 LEU n 
# 
_entity_src_nat.entity_id                  1 
_entity_src_nat.pdbx_src_id                1 
_entity_src_nat.pdbx_alt_source_flag       sample 
_entity_src_nat.pdbx_beg_seq_num           ? 
_entity_src_nat.pdbx_end_seq_num           ? 
_entity_src_nat.common_name                chicken 
_entity_src_nat.pdbx_organism_scientific   'Gallus gallus' 
_entity_src_nat.pdbx_ncbi_taxonomy_id      9031 
_entity_src_nat.genus                      ? 
_entity_src_nat.species                    ? 
_entity_src_nat.strain                     ? 
_entity_src_nat.tissue                     ? 
_entity_src_nat.tissue_fraction            ? 
_entity_src_nat.pdbx_secretion             ? 
_entity_src_nat.pdbx_fragment              ? 
_entity_src_nat.pdbx_variant               ? 
_entity_src_nat.pdbx_cell_line             ? 
_entity_src_nat.pdbx_atcc                  ? 
_entity_src_nat.pdbx_cellular_location     ? 
_entity_src_nat.pdbx_organ                 ? 
_entity_src_nat.pdbx_organelle             ? 
_entity_src_nat.pdbx_cell                  ? 
_entity_src_nat.pdbx_plasmid_name          ? 
_entity_src_nat.pdbx_plasmid_details       ? 
_entity_src_nat.details                    ? 
# 
loop_
_chem_comp.id 
_chem_comp.type 
_chem_comp.mon_nstd_flag 
_chem_comp.name 
_chem_comp.pdbx_synonyms 
_chem_comp.formula 
_chem_comp.formula_weight 
2T8 non-polymer         . 'carbonyl(tetrachloro)oxidoiridium' ? 'C Cl4 Ir O2'    378.038 
ALA 'L-peptide linking' y ALANINE                             ? 'C3 H7 N O2'     89.093  
ARG 'L-peptide linking' y ARGININE                            ? 'C6 H15 N4 O2 1' 175.209 
ASN 'L-peptide linking' y ASPARAGINE                          ? 'C4 H8 N2 O3'    132.118 
ASP 'L-peptide linking' y 'ASPARTIC ACID'                     ? 'C4 H7 N O4'     133.103 
CL  non-polymer         . 'CHLORIDE ION'                      ? 'Cl -1'          35.453  
CYS 'L-peptide linking' y CYSTEINE                            ? 'C3 H7 N O2 S'   121.158 
GLN 'L-peptide linking' y GLUTAMINE                           ? 'C5 H10 N2 O3'   146.144 
GLU 'L-peptide linking' y 'GLUTAMIC ACID'                     ? 'C5 H9 N O4'     147.129 
GLY 'peptide linking'   y GLYCINE                             ? 'C2 H5 N O2'     75.067  
HIS 'L-peptide linking' y HISTIDINE                           ? 'C6 H10 N3 O2 1' 156.162 
HOH non-polymer         . WATER                               ? 'H2 O'           18.015  
ILE 'L-peptide linking' y ISOLEUCINE                          ? 'C6 H13 N O2'    131.173 
LEU 'L-peptide linking' y LEUCINE                             ? 'C6 H13 N O2'    131.173 
LYS 'L-peptide linking' y LYSINE                              ? 'C6 H15 N2 O2 1' 147.195 
MET 'L-peptide linking' y METHIONINE                          ? 'C5 H11 N O2 S'  149.211 
NA  non-polymer         . 'SODIUM ION'                        ? 'Na 1'           22.990  
PHE 'L-peptide linking' y PHENYLALANINE                       ? 'C9 H11 N O2'    165.189 
PRO 'L-peptide linking' y PROLINE                             ? 'C5 H9 N O2'     115.130 
SER 'L-peptide linking' y SERINE                              ? 'C3 H7 N O3'     105.093 
THR 'L-peptide linking' y THREONINE                           ? 'C4 H9 N O3'     119.119 
TRP 'L-peptide linking' y TRYPTOPHAN                          ? 'C11 H12 N2 O2'  204.225 
TYR 'L-peptide linking' y TYROSINE                            ? 'C9 H11 N O3'    181.189 
VAL 'L-peptide linking' y VALINE                              ? 'C5 H11 N O2'    117.146 
# 
loop_
_pdbx_poly_seq_scheme.asym_id 
_pdbx_poly_seq_scheme.entity_id 
_pdbx_poly_seq_scheme.seq_id 
_pdbx_poly_seq_scheme.mon_id 
_pdbx_poly_seq_scheme.ndb_seq_num 
_pdbx_poly_seq_scheme.pdb_seq_num 
_pdbx_poly_seq_scheme.auth_seq_num 
_pdbx_poly_seq_scheme.pdb_mon_id 
_pdbx_poly_seq_scheme.auth_mon_id 
_pdbx_poly_seq_scheme.pdb_strand_id 
_pdbx_poly_seq_scheme.pdb_ins_code 
_pdbx_poly_seq_scheme.hetero 
A 1 1   LYS 1   1   1   LYS LYS A . n 
A 1 2   VAL 2   2   2   VAL VAL A . n 
A 1 3   PHE 3   3   3   PHE PHE A . n 
A 1 4   GLY 4   4   4   GLY GLY A . n 
A 1 5   ARG 5   5   5   ARG ARG A . n 
A 1 6   CYS 6   6   6   CYS CYS A . n 
A 1 7   GLU 7   7   7   GLU GLU A . n 
A 1 8   LEU 8   8   8   LEU LEU A . n 
A 1 9   ALA 9   9   9   ALA ALA A . n 
A 1 10  ALA 10  10  10  ALA ALA A . n 
A 1 11  ALA 11  11  11  ALA ALA A . n 
A 1 12  MET 12  12  12  MET MET A . n 
A 1 13  LYS 13  13  13  LYS LYS A . n 
A 1 14  ARG 14  14  14  ARG ARG A . n 
A 1 15  HIS 15  15  15  HIS HIS A . n 
A 1 16  GLY 16  16  16  GLY GLY A . n 
A 1 17  LEU 17  17  17  LEU LEU A . n 
A 1 18  ASP 18  18  18  ASP ASP A . n 
A 1 19  ASN 19  19  19  ASN ASN A . n 
A 1 20  TYR 20  20  20  TYR TYR A . n 
A 1 21  ARG 21  21  21  ARG ARG A . n 
A 1 22  GLY 22  22  22  GLY GLY A . n 
A 1 23  TYR 23  23  23  TYR TYR A . n 
A 1 24  SER 24  24  24  SER SER A . n 
A 1 25  LEU 25  25  25  LEU LEU A . n 
A 1 26  GLY 26  26  26  GLY GLY A . n 
A 1 27  ASN 27  27  27  ASN ASN A . n 
A 1 28  TRP 28  28  28  TRP TRP A . n 
A 1 29  VAL 29  29  29  VAL VAL A . n 
A 1 30  CYS 30  30  30  CYS CYS A . n 
A 1 31  ALA 31  31  31  ALA ALA A . n 
A 1 32  ALA 32  32  32  ALA ALA A . n 
A 1 33  LYS 33  33  33  LYS LYS A . n 
A 1 34  PHE 34  34  34  PHE PHE A . n 
A 1 35  GLU 35  35  35  GLU GLU A . n 
A 1 36  SER 36  36  36  SER SER A . n 
A 1 37  ASN 37  37  37  ASN ASN A . n 
A 1 38  PHE 38  38  38  PHE PHE A . n 
A 1 39  ASN 39  39  39  ASN ASN A . n 
A 1 40  THR 40  40  40  THR THR A . n 
A 1 41  GLN 41  41  41  GLN GLN A . n 
A 1 42  ALA 42  42  42  ALA ALA A . n 
A 1 43  THR 43  43  43  THR THR A . n 
A 1 44  ASN 44  44  44  ASN ASN A . n 
A 1 45  ARG 45  45  45  ARG ARG A . n 
A 1 46  ASN 46  46  46  ASN ASN A . n 
A 1 47  THR 47  47  47  THR THR A . n 
A 1 48  ASP 48  48  48  ASP ASP A . n 
A 1 49  GLY 49  49  49  GLY GLY A . n 
A 1 50  SER 50  50  50  SER SER A . n 
A 1 51  THR 51  51  51  THR THR A . n 
A 1 52  ASP 52  52  52  ASP ASP A . n 
A 1 53  TYR 53  53  53  TYR TYR A . n 
A 1 54  GLY 54  54  54  GLY GLY A . n 
A 1 55  ILE 55  55  55  ILE ILE A . n 
A 1 56  LEU 56  56  56  LEU LEU A . n 
A 1 57  GLN 57  57  57  GLN GLN A . n 
A 1 58  ILE 58  58  58  ILE ILE A . n 
A 1 59  ASN 59  59  59  ASN ASN A . n 
A 1 60  SER 60  60  60  SER SER A . n 
A 1 61  ARG 61  61  61  ARG ARG A . n 
A 1 62  TRP 62  62  62  TRP TRP A . n 
A 1 63  TRP 63  63  63  TRP TRP A . n 
A 1 64  CYS 64  64  64  CYS CYS A . n 
A 1 65  ASN 65  65  65  ASN ASN A . n 
A 1 66  ASP 66  66  66  ASP ASP A . n 
A 1 67  GLY 67  67  67  GLY GLY A . n 
A 1 68  ARG 68  68  68  ARG ARG A . n 
A 1 69  THR 69  69  69  THR THR A . n 
A 1 70  PRO 70  70  70  PRO PRO A . n 
A 1 71  GLY 71  71  71  GLY GLY A . n 
A 1 72  SER 72  72  72  SER SER A . n 
A 1 73  ARG 73  73  73  ARG ARG A . n 
A 1 74  ASN 74  74  74  ASN ASN A . n 
A 1 75  LEU 75  75  75  LEU LEU A . n 
A 1 76  CYS 76  76  76  CYS CYS A . n 
A 1 77  ASN 77  77  77  ASN ASN A . n 
A 1 78  ILE 78  78  78  ILE ILE A . n 
A 1 79  PRO 79  79  79  PRO PRO A . n 
A 1 80  CYS 80  80  80  CYS CYS A . n 
A 1 81  SER 81  81  81  SER SER A . n 
A 1 82  ALA 82  82  82  ALA ALA A . n 
A 1 83  LEU 83  83  83  LEU LEU A . n 
A 1 84  LEU 84  84  84  LEU LEU A . n 
A 1 85  SER 85  85  85  SER SER A . n 
A 1 86  SER 86  86  86  SER SER A . n 
A 1 87  ASP 87  87  87  ASP ASP A . n 
A 1 88  ILE 88  88  88  ILE ILE A . n 
A 1 89  THR 89  89  89  THR THR A . n 
A 1 90  ALA 90  90  90  ALA ALA A . n 
A 1 91  SER 91  91  91  SER SER A . n 
A 1 92  VAL 92  92  92  VAL VAL A . n 
A 1 93  ASN 93  93  93  ASN ASN A . n 
A 1 94  CYS 94  94  94  CYS CYS A . n 
A 1 95  ALA 95  95  95  ALA ALA A . n 
A 1 96  LYS 96  96  96  LYS LYS A . n 
A 1 97  LYS 97  97  97  LYS LYS A . n 
A 1 98  ILE 98  98  98  ILE ILE A . n 
A 1 99  VAL 99  99  99  VAL VAL A . n 
A 1 100 SER 100 100 100 SER SER A . n 
A 1 101 ASP 101 101 101 ASP ASP A . n 
A 1 102 GLY 102 102 102 GLY GLY A . n 
A 1 103 ASN 103 103 103 ASN ASN A . n 
A 1 104 GLY 104 104 104 GLY GLY A . n 
A 1 105 MET 105 105 105 MET MET A . n 
A 1 106 ASN 106 106 106 ASN ASN A . n 
A 1 107 ALA 107 107 107 ALA ALA A . n 
A 1 108 TRP 108 108 108 TRP TRP A . n 
A 1 109 VAL 109 109 109 VAL VAL A . n 
A 1 110 ALA 110 110 110 ALA ALA A . n 
A 1 111 TRP 111 111 111 TRP TRP A . n 
A 1 112 ARG 112 112 112 ARG ARG A . n 
A 1 113 ASN 113 113 113 ASN ASN A . n 
A 1 114 ARG 114 114 114 ARG ARG A . n 
A 1 115 CYS 115 115 115 CYS CYS A . n 
A 1 116 LYS 116 116 116 LYS LYS A . n 
A 1 117 GLY 117 117 117 GLY GLY A . n 
A 1 118 THR 118 118 118 THR THR A . n 
A 1 119 ASP 119 119 119 ASP ASP A . n 
A 1 120 VAL 120 120 120 VAL VAL A . n 
A 1 121 GLN 121 121 121 GLN GLN A . n 
A 1 122 ALA 122 122 122 ALA ALA A . n 
A 1 123 TRP 123 123 123 TRP TRP A . n 
A 1 124 ILE 124 124 124 ILE ILE A . n 
A 1 125 ARG 125 125 125 ARG ARG A . n 
A 1 126 GLY 126 126 126 GLY GLY A . n 
A 1 127 CYS 127 127 127 CYS CYS A . n 
A 1 128 ARG 128 128 128 ARG ARG A . n 
A 1 129 LEU 129 129 129 LEU LEU A . n 
# 
loop_
_pdbx_nonpoly_scheme.asym_id 
_pdbx_nonpoly_scheme.entity_id 
_pdbx_nonpoly_scheme.mon_id 
_pdbx_nonpoly_scheme.ndb_seq_num 
_pdbx_nonpoly_scheme.pdb_seq_num 
_pdbx_nonpoly_scheme.auth_seq_num 
_pdbx_nonpoly_scheme.pdb_mon_id 
_pdbx_nonpoly_scheme.auth_mon_id 
_pdbx_nonpoly_scheme.pdb_strand_id 
_pdbx_nonpoly_scheme.pdb_ins_code 
B 2 2T8 1   1001 1001 2T8 IRC A . 
C 2 2T8 1   1002 2001 2T8 IRC A . 
D 2 2T8 1   1003 3001 2T8 IRC A . 
E 3 CL  1   1004 1    CL  CL  A . 
F 3 CL  1   1005 2    CL  CL  A . 
G 4 NA  1   1006 10   NA  NA  A . 
H 5 HOH 1   1101 4    HOH HOH A . 
H 5 HOH 2   1102 5    HOH HOH A . 
H 5 HOH 3   1103 7    HOH HOH A . 
H 5 HOH 4   1104 35   HOH HOH A . 
H 5 HOH 5   1105 55   HOH HOH A . 
H 5 HOH 6   1106 66   HOH HOH A . 
H 5 HOH 7   1107 76   HOH HOH A . 
H 5 HOH 8   1108 81   HOH HOH A . 
H 5 HOH 9   1109 94   HOH HOH A . 
H 5 HOH 10  1110 103  HOH HOH A . 
H 5 HOH 11  1111 117  HOH HOH A . 
H 5 HOH 12  1112 141  HOH HOH A . 
H 5 HOH 13  1113 172  HOH HOH A . 
H 5 HOH 14  1114 180  HOH HOH A . 
H 5 HOH 15  1115 45   HOH HOH A . 
H 5 HOH 16  1116 46   HOH HOH A . 
H 5 HOH 17  1117 49   HOH HOH A . 
H 5 HOH 18  1118 50   HOH HOH A . 
H 5 HOH 19  1119 51   HOH HOH A . 
H 5 HOH 20  1120 52   HOH HOH A . 
H 5 HOH 21  1121 53   HOH HOH A . 
H 5 HOH 22  1122 54   HOH HOH A . 
H 5 HOH 23  1123 55   HOH HOH A . 
H 5 HOH 24  1124 56   HOH HOH A . 
H 5 HOH 25  1125 57   HOH HOH A . 
H 5 HOH 26  1126 58   HOH HOH A . 
H 5 HOH 27  1127 59   HOH HOH A . 
H 5 HOH 28  1128 60   HOH HOH A . 
H 5 HOH 29  1129 61   HOH HOH A . 
H 5 HOH 30  1130 62   HOH HOH A . 
H 5 HOH 31  1131 63   HOH HOH A . 
H 5 HOH 32  1132 64   HOH HOH A . 
H 5 HOH 33  1133 65   HOH HOH A . 
H 5 HOH 34  1134 66   HOH HOH A . 
H 5 HOH 35  1135 67   HOH HOH A . 
H 5 HOH 36  1136 68   HOH HOH A . 
H 5 HOH 37  1137 69   HOH HOH A . 
H 5 HOH 38  1138 70   HOH HOH A . 
H 5 HOH 39  1139 71   HOH HOH A . 
H 5 HOH 40  1140 72   HOH HOH A . 
H 5 HOH 41  1141 73   HOH HOH A . 
H 5 HOH 42  1142 74   HOH HOH A . 
H 5 HOH 43  1143 75   HOH HOH A . 
H 5 HOH 44  1144 76   HOH HOH A . 
H 5 HOH 45  1145 77   HOH HOH A . 
H 5 HOH 46  1146 78   HOH HOH A . 
H 5 HOH 47  1147 79   HOH HOH A . 
H 5 HOH 48  1148 80   HOH HOH A . 
H 5 HOH 49  1149 81   HOH HOH A . 
H 5 HOH 50  1150 82   HOH HOH A . 
H 5 HOH 51  1151 83   HOH HOH A . 
H 5 HOH 52  1152 84   HOH HOH A . 
H 5 HOH 53  1153 87   HOH HOH A . 
H 5 HOH 54  1154 88   HOH HOH A . 
H 5 HOH 55  1155 89   HOH HOH A . 
H 5 HOH 56  1156 90   HOH HOH A . 
H 5 HOH 57  1157 91   HOH HOH A . 
H 5 HOH 58  1158 92   HOH HOH A . 
H 5 HOH 59  1159 93   HOH HOH A . 
H 5 HOH 60  1160 94   HOH HOH A . 
H 5 HOH 61  1161 95   HOH HOH A . 
H 5 HOH 62  1162 96   HOH HOH A . 
H 5 HOH 63  1163 97   HOH HOH A . 
H 5 HOH 64  1164 98   HOH HOH A . 
H 5 HOH 65  1165 99   HOH HOH A . 
H 5 HOH 66  1166 100  HOH HOH A . 
H 5 HOH 67  1167 102  HOH HOH A . 
H 5 HOH 68  1168 103  HOH HOH A . 
H 5 HOH 69  1169 104  HOH HOH A . 
H 5 HOH 70  1170 105  HOH HOH A . 
H 5 HOH 71  1171 106  HOH HOH A . 
H 5 HOH 72  1172 107  HOH HOH A . 
H 5 HOH 73  1173 108  HOH HOH A . 
H 5 HOH 74  1174 109  HOH HOH A . 
H 5 HOH 75  1175 110  HOH HOH A . 
H 5 HOH 76  1176 111  HOH HOH A . 
H 5 HOH 77  1177 112  HOH HOH A . 
H 5 HOH 78  1178 113  HOH HOH A . 
H 5 HOH 79  1179 115  HOH HOH A . 
H 5 HOH 80  1180 117  HOH HOH A . 
H 5 HOH 81  1181 120  HOH HOH A . 
H 5 HOH 82  1182 123  HOH HOH A . 
H 5 HOH 83  1183 124  HOH HOH A . 
H 5 HOH 84  1184 125  HOH HOH A . 
H 5 HOH 85  1185 126  HOH HOH A . 
H 5 HOH 86  1186 127  HOH HOH A . 
H 5 HOH 87  1187 130  HOH HOH A . 
H 5 HOH 88  1188 131  HOH HOH A . 
H 5 HOH 89  1189 132  HOH HOH A . 
H 5 HOH 90  1190 133  HOH HOH A . 
H 5 HOH 91  1191 134  HOH HOH A . 
H 5 HOH 92  1192 135  HOH HOH A . 
H 5 HOH 93  1193 136  HOH HOH A . 
H 5 HOH 94  1194 137  HOH HOH A . 
H 5 HOH 95  1195 138  HOH HOH A . 
H 5 HOH 96  1196 139  HOH HOH A . 
H 5 HOH 97  1197 140  HOH HOH A . 
H 5 HOH 98  1198 141  HOH HOH A . 
H 5 HOH 99  1199 142  HOH HOH A . 
H 5 HOH 100 1200 143  HOH HOH A . 
H 5 HOH 101 1201 144  HOH HOH A . 
H 5 HOH 102 1202 145  HOH HOH A . 
H 5 HOH 103 1203 146  HOH HOH A . 
H 5 HOH 104 1204 147  HOH HOH A . 
H 5 HOH 105 1205 148  HOH HOH A . 
H 5 HOH 106 1206 149  HOH HOH A . 
H 5 HOH 107 1207 150  HOH HOH A . 
H 5 HOH 108 1208 151  HOH HOH A . 
H 5 HOH 109 1209 152  HOH HOH A . 
H 5 HOH 110 1210 153  HOH HOH A . 
H 5 HOH 111 1211 154  HOH HOH A . 
H 5 HOH 112 1212 155  HOH HOH A . 
H 5 HOH 113 1213 156  HOH HOH A . 
H 5 HOH 114 1214 157  HOH HOH A . 
H 5 HOH 115 1215 159  HOH HOH A . 
H 5 HOH 116 1216 160  HOH HOH A . 
H 5 HOH 117 1217 162  HOH HOH A . 
H 5 HOH 118 1218 163  HOH HOH A . 
H 5 HOH 119 1219 164  HOH HOH A . 
H 5 HOH 120 1220 165  HOH HOH A . 
H 5 HOH 121 1221 166  HOH HOH A . 
H 5 HOH 122 1222 167  HOH HOH A . 
H 5 HOH 123 1223 168  HOH HOH A . 
H 5 HOH 124 1224 170  HOH HOH A . 
H 5 HOH 125 1225 171  HOH HOH A . 
H 5 HOH 126 1226 172  HOH HOH A . 
H 5 HOH 127 1227 173  HOH HOH A . 
H 5 HOH 128 1228 174  HOH HOH A . 
H 5 HOH 129 1229 175  HOH HOH A . 
H 5 HOH 130 1230 176  HOH HOH A . 
H 5 HOH 131 1231 177  HOH HOH A . 
H 5 HOH 132 1232 178  HOH HOH A . 
H 5 HOH 133 1233 179  HOH HOH A . 
H 5 HOH 134 1234 180  HOH HOH A . 
H 5 HOH 135 1235 181  HOH HOH A . 
H 5 HOH 136 1236 182  HOH HOH A . 
H 5 HOH 137 1237 183  HOH HOH A . 
H 5 HOH 138 1238 184  HOH HOH A . 
H 5 HOH 139 1239 185  HOH HOH A . 
H 5 HOH 140 1240 186  HOH HOH A . 
H 5 HOH 141 1241 187  HOH HOH A . 
H 5 HOH 142 1242 188  HOH HOH A . 
H 5 HOH 143 1243 189  HOH HOH A . 
H 5 HOH 144 1244 191  HOH HOH A . 
H 5 HOH 145 1245 192  HOH HOH A . 
H 5 HOH 146 1246 193  HOH HOH A . 
H 5 HOH 147 1247 194  HOH HOH A . 
H 5 HOH 148 1248 195  HOH HOH A . 
H 5 HOH 149 1249 197  HOH HOH A . 
H 5 HOH 150 1250 198  HOH HOH A . 
H 5 HOH 151 1251 199  HOH HOH A . 
H 5 HOH 152 1252 200  HOH HOH A . 
H 5 HOH 153 1253 202  HOH HOH A . 
H 5 HOH 154 1254 203  HOH HOH A . 
H 5 HOH 155 1255 205  HOH HOH A . 
H 5 HOH 156 1256 206  HOH HOH A . 
H 5 HOH 157 1257 207  HOH HOH A . 
H 5 HOH 158 1258 208  HOH HOH A . 
H 5 HOH 159 1259 209  HOH HOH A . 
H 5 HOH 160 1260 210  HOH HOH A . 
H 5 HOH 161 1261 211  HOH HOH A . 
H 5 HOH 162 1262 212  HOH HOH A . 
H 5 HOH 163 1263 213  HOH HOH A . 
H 5 HOH 164 1264 214  HOH HOH A . 
H 5 HOH 165 1265 215  HOH HOH A . 
H 5 HOH 166 1266 216  HOH HOH A . 
H 5 HOH 167 1267 217  HOH HOH A . 
H 5 HOH 168 1268 218  HOH HOH A . 
H 5 HOH 169 1269 220  HOH HOH A . 
H 5 HOH 170 1270 221  HOH HOH A . 
H 5 HOH 171 1271 223  HOH HOH A . 
H 5 HOH 172 1272 224  HOH HOH A . 
H 5 HOH 173 1273 225  HOH HOH A . 
H 5 HOH 174 1274 226  HOH HOH A . 
H 5 HOH 175 1275 227  HOH HOH A . 
H 5 HOH 176 1276 228  HOH HOH A . 
H 5 HOH 177 1277 229  HOH HOH A . 
H 5 HOH 178 1278 230  HOH HOH A . 
H 5 HOH 179 1279 231  HOH HOH A . 
H 5 HOH 180 1280 232  HOH HOH A . 
H 5 HOH 181 1281 233  HOH HOH A . 
H 5 HOH 182 1282 234  HOH HOH A . 
H 5 HOH 183 1283 235  HOH HOH A . 
H 5 HOH 184 1284 236  HOH HOH A . 
H 5 HOH 185 1285 237  HOH HOH A . 
H 5 HOH 186 1286 238  HOH HOH A . 
H 5 HOH 187 1287 239  HOH HOH A . 
H 5 HOH 188 1288 121  HOH HOH A . 
H 5 HOH 189 1289 18   HOH HOH A . 
H 5 HOH 190 1290 19   HOH HOH A . 
# 
loop_
_pdbx_unobs_or_zero_occ_atoms.id 
_pdbx_unobs_or_zero_occ_atoms.PDB_model_num 
_pdbx_unobs_or_zero_occ_atoms.polymer_flag 
_pdbx_unobs_or_zero_occ_atoms.occupancy_flag 
_pdbx_unobs_or_zero_occ_atoms.auth_asym_id 
_pdbx_unobs_or_zero_occ_atoms.auth_comp_id 
_pdbx_unobs_or_zero_occ_atoms.auth_seq_id 
_pdbx_unobs_or_zero_occ_atoms.PDB_ins_code 
_pdbx_unobs_or_zero_occ_atoms.auth_atom_id 
_pdbx_unobs_or_zero_occ_atoms.label_alt_id 
_pdbx_unobs_or_zero_occ_atoms.label_asym_id 
_pdbx_unobs_or_zero_occ_atoms.label_comp_id 
_pdbx_unobs_or_zero_occ_atoms.label_seq_id 
_pdbx_unobs_or_zero_occ_atoms.label_atom_id 
1 1 N 1 A 2T8 1001 ? CL3 ? B 2T8 1 CL3 
2 1 N 1 A 2T8 1001 ? CL4 ? B 2T8 1 CL4 
# 
loop_
_software.name 
_software.classification 
_software.version 
_software.citation_id 
_software.pdbx_ordinal 
CrystalClear 'data collection' . ? 1 
CNS          refinement        . ? 2 
HKL-2000     'data reduction'  . ? 3 
HKL-2000     'data scaling'    . ? 4 
CNS          phasing           . ? 5 
# 
_cell.entry_id           4NHP 
_cell.length_a           78.441 
_cell.length_b           78.441 
_cell.length_c           37.113 
_cell.angle_alpha        90.00 
_cell.angle_beta         90.00 
_cell.angle_gamma        90.00 
_cell.Z_PDB              8 
_cell.pdbx_unique_axis   ? 
_cell.length_a_esd       ? 
_cell.length_b_esd       ? 
_cell.length_c_esd       ? 
_cell.angle_alpha_esd    ? 
_cell.angle_beta_esd     ? 
_cell.angle_gamma_esd    ? 
# 
_symmetry.entry_id                         4NHP 
_symmetry.space_group_name_H-M             'P 43 21 2' 
_symmetry.pdbx_full_space_group_name_H-M   ? 
_symmetry.cell_setting                     ? 
_symmetry.Int_Tables_number                96 
_symmetry.space_group_name_Hall            ? 
# 
_exptl.entry_id          4NHP 
_exptl.method            'X-RAY DIFFRACTION' 
_exptl.crystals_number   1 
# 
_exptl_crystal.id                    1 
_exptl_crystal.density_meas          ? 
_exptl_crystal.density_Matthews      1.99 
_exptl_crystal.density_percent_sol   38.25 
_exptl_crystal.description           ? 
_exptl_crystal.F_000                 ? 
_exptl_crystal.preparation           ? 
# 
_exptl_crystal_grow.crystal_id      1 
_exptl_crystal_grow.method          'VAPOR DIFFUSION, HANGING DROP' 
_exptl_crystal_grow.temp            298 
_exptl_crystal_grow.temp_details    ? 
_exptl_crystal_grow.pH              4.5 
_exptl_crystal_grow.pdbx_details    'Ir(Cl)5CO, pH 4.5, VAPOR DIFFUSION, HANGING DROP, temperature 298K' 
_exptl_crystal_grow.pdbx_pH_range   . 
# 
_diffrn.id                     1 
_diffrn.ambient_temp           100 
_diffrn.ambient_temp_details   ? 
_diffrn.crystal_id             1 
# 
_diffrn_radiation.diffrn_id                        1 
_diffrn_radiation.wavelength_id                    1 
_diffrn_radiation.pdbx_monochromatic_or_laue_m_l   M 
_diffrn_radiation.monochromator                    ? 
_diffrn_radiation.pdbx_diffrn_protocol             'SINGLE WAVELENGTH' 
_diffrn_radiation.pdbx_scattering_type             x-ray 
# 
_diffrn_radiation_wavelength.id           1 
_diffrn_radiation_wavelength.wavelength   1.5418 
_diffrn_radiation_wavelength.wt           1.0 
# 
_diffrn_source.diffrn_id                   1 
_diffrn_source.source                      'ROTATING ANODE' 
_diffrn_source.type                        'RIGAKU MICROMAX-007 HF' 
_diffrn_source.pdbx_synchrotron_site       ? 
_diffrn_source.pdbx_synchrotron_beamline   ? 
_diffrn_source.pdbx_wavelength             ? 
_diffrn_source.pdbx_wavelength_list        1.5418 
# 
_reflns.entry_id                     4NHP 
_reflns.observed_criterion_sigma_I   0 
_reflns.observed_criterion_sigma_F   0 
_reflns.d_resolution_low             50 
_reflns.d_resolution_high            1.42 
_reflns.number_obs                   22421 
_reflns.number_all                   22421 
_reflns.percent_possible_obs         ? 
_reflns.pdbx_Rmerge_I_obs            ? 
_reflns.pdbx_Rsym_value              ? 
_reflns.pdbx_netI_over_sigmaI        ? 
_reflns.B_iso_Wilson_estimate        ? 
_reflns.pdbx_redundancy              ? 
_reflns.R_free_details               ? 
_reflns.limit_h_max                  ? 
_reflns.limit_h_min                  ? 
_reflns.limit_k_max                  ? 
_reflns.limit_k_min                  ? 
_reflns.limit_l_max                  ? 
_reflns.limit_l_min                  ? 
_reflns.observed_criterion_F_max     ? 
_reflns.observed_criterion_F_min     ? 
_reflns.pdbx_chi_squared             ? 
_reflns.pdbx_scaling_rejects         ? 
_reflns.pdbx_ordinal                 1 
_reflns.pdbx_diffrn_id               1 
# 
_refine.entry_id                                 4NHP 
_refine.ls_number_reflns_obs                     18315 
_refine.ls_number_reflns_all                     19658 
_refine.pdbx_ls_sigma_I                          ? 
_refine.pdbx_ls_sigma_F                          2 
_refine.pdbx_data_cutoff_high_absF               ? 
_refine.pdbx_data_cutoff_low_absF                ? 
_refine.pdbx_data_cutoff_high_rms_absF           ? 
_refine.ls_d_res_low                             25.49 
_refine.ls_d_res_high                            1.42 
_refine.ls_percent_reflns_obs                    ? 
_refine.ls_R_factor_obs                          0.2060 
_refine.ls_R_factor_all                          0.2060 
_refine.ls_R_factor_R_work                       0.1876 
_refine.ls_R_factor_R_free                       0.2271 
_refine.ls_R_factor_R_free_error                 ? 
_refine.ls_R_factor_R_free_error_details         ? 
_refine.ls_percent_reflns_R_free                 ? 
_refine.ls_number_reflns_R_free                  1343 
_refine.ls_number_parameters                     ? 
_refine.ls_number_restraints                     ? 
_refine.occupancy_min                            ? 
_refine.occupancy_max                            ? 
_refine.correlation_coeff_Fo_to_Fc               ? 
_refine.correlation_coeff_Fo_to_Fc_free          ? 
_refine.B_iso_mean                               ? 
_refine.aniso_B[1][1]                            ? 
_refine.aniso_B[2][2]                            ? 
_refine.aniso_B[3][3]                            ? 
_refine.aniso_B[1][2]                            ? 
_refine.aniso_B[1][3]                            ? 
_refine.aniso_B[2][3]                            ? 
_refine.solvent_model_details                    ? 
_refine.solvent_model_param_ksol                 ? 
_refine.solvent_model_param_bsol                 ? 
_refine.pdbx_solvent_vdw_probe_radii             ? 
_refine.pdbx_solvent_ion_probe_radii             ? 
_refine.pdbx_solvent_shrinkage_radii             ? 
_refine.pdbx_ls_cross_valid_method               THROUGHOUT 
_refine.details                                  'BULK SOLVENT MODEL USED' 
_refine.pdbx_starting_model                      193L 
_refine.pdbx_method_to_determine_struct          'FOURIER SYNTHESIS' 
_refine.pdbx_isotropic_thermal_model             ? 
_refine.pdbx_stereochemistry_target_values       'Engh & Huber' 
_refine.pdbx_stereochem_target_val_spec_case     ? 
_refine.pdbx_R_Free_selection_details            RANDOM 
_refine.pdbx_overall_ESU_R                       ? 
_refine.pdbx_overall_ESU_R_Free                  ? 
_refine.overall_SU_ML                            ? 
_refine.pdbx_overall_phase_error                 ? 
_refine.overall_SU_B                             ? 
_refine.overall_SU_R_Cruickshank_DPI             ? 
_refine.ls_redundancy_reflns_obs                 ? 
_refine.B_iso_min                                ? 
_refine.B_iso_max                                ? 
_refine.overall_SU_R_free                        ? 
_refine.ls_wR_factor_R_free                      ? 
_refine.ls_wR_factor_R_work                      ? 
_refine.overall_FOM_free_R_set                   ? 
_refine.overall_FOM_work_R_set                   ? 
_refine.pdbx_diffrn_id                           1 
_refine.pdbx_refine_id                           'X-RAY DIFFRACTION' 
_refine.pdbx_TLS_residual_ADP_flag               ? 
_refine.pdbx_overall_SU_R_free_Cruickshank_DPI   ? 
_refine.pdbx_overall_SU_R_Blow_DPI               ? 
_refine.pdbx_overall_SU_R_free_Blow_DPI          ? 
# 
_refine_hist.pdbx_refine_id                   'X-RAY DIFFRACTION' 
_refine_hist.cycle_id                         LAST 
_refine_hist.pdbx_number_atoms_protein        1001 
_refine_hist.pdbx_number_atoms_nucleic_acid   0 
_refine_hist.pdbx_number_atoms_ligand         25 
_refine_hist.number_atoms_solvent             190 
_refine_hist.number_atoms_total               1216 
_refine_hist.d_res_high                       1.42 
_refine_hist.d_res_low                        25.49 
# 
_struct.entry_id                  4NHP 
_struct.title                     
'X-ray structure of the complex between the hen egg white lysozyme and pentachlorocarbonyliridate (III) (4 days)' 
_struct.pdbx_model_details        ? 
_struct.pdbx_CASP_flag            ? 
_struct.pdbx_model_type_details   ? 
# 
_struct_keywords.entry_id        4NHP 
_struct_keywords.pdbx_keywords   HYDROLASE 
_struct_keywords.text            'C-type lysozyme, alpha-lactalbumin family, peptidoglycan, bacterial cell walls, HYDROLASE' 
# 
loop_
_struct_asym.id 
_struct_asym.pdbx_blank_PDB_chainid_flag 
_struct_asym.pdbx_modified 
_struct_asym.entity_id 
_struct_asym.details 
A N N 1 ? 
B N N 2 ? 
C N N 2 ? 
D N N 2 ? 
E N N 3 ? 
F N N 3 ? 
G N N 4 ? 
H N N 5 ? 
# 
_struct_ref.id                         1 
_struct_ref.db_name                    UNP 
_struct_ref.db_code                    LYSC_CHICK 
_struct_ref.pdbx_db_accession          P00698 
_struct_ref.entity_id                  1 
_struct_ref.pdbx_seq_one_letter_code   
;KVFGRCELAAAMKRHGLDNYRGYSLGNWVCAAKFESNFNTQATNRNTDGSTDYGILQINSRWWCNDGRTPGSRNLCNIPC
SALLSSDITASVNCAKKIVSDGNGMNAWVAWRNRCKGTDVQAWIRGCRL
;
_struct_ref.pdbx_align_begin           19 
_struct_ref.pdbx_db_isoform            ? 
# 
_struct_ref_seq.align_id                      1 
_struct_ref_seq.ref_id                        1 
_struct_ref_seq.pdbx_PDB_id_code              4NHP 
_struct_ref_seq.pdbx_strand_id                A 
_struct_ref_seq.seq_align_beg                 1 
_struct_ref_seq.pdbx_seq_align_beg_ins_code   ? 
_struct_ref_seq.seq_align_end                 129 
_struct_ref_seq.pdbx_seq_align_end_ins_code   ? 
_struct_ref_seq.pdbx_db_accession             P00698 
_struct_ref_seq.db_align_beg                  19 
_struct_ref_seq.pdbx_db_align_beg_ins_code    ? 
_struct_ref_seq.db_align_end                  147 
_struct_ref_seq.pdbx_db_align_end_ins_code    ? 
_struct_ref_seq.pdbx_auth_seq_align_beg       1 
_struct_ref_seq.pdbx_auth_seq_align_end       129 
# 
_pdbx_struct_assembly.id                   1 
_pdbx_struct_assembly.details              author_and_software_defined_assembly 
_pdbx_struct_assembly.method_details       PISA 
_pdbx_struct_assembly.oligomeric_details   monomeric 
_pdbx_struct_assembly.oligomeric_count     1 
# 
_pdbx_struct_assembly_gen.assembly_id       1 
_pdbx_struct_assembly_gen.oper_expression   1 
_pdbx_struct_assembly_gen.asym_id_list      A,B,C,D,E,F,G,H 
# 
_pdbx_struct_oper_list.id                   1 
_pdbx_struct_oper_list.type                 'identity operation' 
_pdbx_struct_oper_list.name                 1_555 
_pdbx_struct_oper_list.symmetry_operation   x,y,z 
_pdbx_struct_oper_list.matrix[1][1]         1.0000000000 
_pdbx_struct_oper_list.matrix[1][2]         0.0000000000 
_pdbx_struct_oper_list.matrix[1][3]         0.0000000000 
_pdbx_struct_oper_list.vector[1]            0.0000000000 
_pdbx_struct_oper_list.matrix[2][1]         0.0000000000 
_pdbx_struct_oper_list.matrix[2][2]         1.0000000000 
_pdbx_struct_oper_list.matrix[2][3]         0.0000000000 
_pdbx_struct_oper_list.vector[2]            0.0000000000 
_pdbx_struct_oper_list.matrix[3][1]         0.0000000000 
_pdbx_struct_oper_list.matrix[3][2]         0.0000000000 
_pdbx_struct_oper_list.matrix[3][3]         1.0000000000 
_pdbx_struct_oper_list.vector[3]            0.0000000000 
# 
_struct_biol.id        1 
_struct_biol.details   ? 
# 
loop_
_struct_conf.conf_type_id 
_struct_conf.id 
_struct_conf.pdbx_PDB_helix_id 
_struct_conf.beg_label_comp_id 
_struct_conf.beg_label_asym_id 
_struct_conf.beg_label_seq_id 
_struct_conf.pdbx_beg_PDB_ins_code 
_struct_conf.end_label_comp_id 
_struct_conf.end_label_asym_id 
_struct_conf.end_label_seq_id 
_struct_conf.pdbx_end_PDB_ins_code 
_struct_conf.beg_auth_comp_id 
_struct_conf.beg_auth_asym_id 
_struct_conf.beg_auth_seq_id 
_struct_conf.end_auth_comp_id 
_struct_conf.end_auth_asym_id 
_struct_conf.end_auth_seq_id 
_struct_conf.pdbx_PDB_helix_class 
_struct_conf.details 
_struct_conf.pdbx_PDB_helix_length 
HELX_P HELX_P1 1 GLY A 4   ? HIS A 15  ? GLY A 4   HIS A 15  1 ? 12 
HELX_P HELX_P2 2 ASN A 19  ? TYR A 23  ? ASN A 19  TYR A 23  5 ? 5  
HELX_P HELX_P3 3 SER A 24  ? ASN A 37  ? SER A 24  ASN A 37  1 ? 14 
HELX_P HELX_P4 4 PRO A 79  ? SER A 85  ? PRO A 79  SER A 85  5 ? 7  
HELX_P HELX_P5 5 ILE A 88  ? SER A 100 ? ILE A 88  SER A 100 1 ? 13 
HELX_P HELX_P6 6 ASN A 103 ? ALA A 107 ? ASN A 103 ALA A 107 5 ? 5  
HELX_P HELX_P7 7 TRP A 108 ? CYS A 115 ? TRP A 108 CYS A 115 1 ? 8  
HELX_P HELX_P8 8 ASP A 119 ? ARG A 125 ? ASP A 119 ARG A 125 5 ? 7  
# 
_struct_conf_type.id          HELX_P 
_struct_conf_type.criteria    ? 
_struct_conf_type.reference   ? 
# 
loop_
_struct_conn.id 
_struct_conn.conn_type_id 
_struct_conn.pdbx_leaving_atom_flag 
_struct_conn.pdbx_PDB_id 
_struct_conn.ptnr1_label_asym_id 
_struct_conn.ptnr1_label_comp_id 
_struct_conn.ptnr1_label_seq_id 
_struct_conn.ptnr1_label_atom_id 
_struct_conn.pdbx_ptnr1_label_alt_id 
_struct_conn.pdbx_ptnr1_PDB_ins_code 
_struct_conn.pdbx_ptnr1_standard_comp_id 
_struct_conn.ptnr1_symmetry 
_struct_conn.ptnr2_label_asym_id 
_struct_conn.ptnr2_label_comp_id 
_struct_conn.ptnr2_label_seq_id 
_struct_conn.ptnr2_label_atom_id 
_struct_conn.pdbx_ptnr2_label_alt_id 
_struct_conn.pdbx_ptnr2_PDB_ins_code 
_struct_conn.ptnr1_auth_asym_id 
_struct_conn.ptnr1_auth_comp_id 
_struct_conn.ptnr1_auth_seq_id 
_struct_conn.ptnr2_auth_asym_id 
_struct_conn.ptnr2_auth_comp_id 
_struct_conn.ptnr2_auth_seq_id 
_struct_conn.ptnr2_symmetry 
_struct_conn.pdbx_ptnr3_label_atom_id 
_struct_conn.pdbx_ptnr3_label_seq_id 
_struct_conn.pdbx_ptnr3_label_comp_id 
_struct_conn.pdbx_ptnr3_label_asym_id 
_struct_conn.pdbx_ptnr3_label_alt_id 
_struct_conn.pdbx_ptnr3_PDB_ins_code 
_struct_conn.details 
_struct_conn.pdbx_dist_value 
_struct_conn.pdbx_value_order 
_struct_conn.pdbx_role 
disulf1 disulf ? ? A CYS 6  SG ? ? ? 1_555 A CYS 127 SG ? ? A CYS 6    A CYS 127  1_555 ? ? ? ? ? ? ? 2.029 ? ? 
disulf2 disulf ? ? A CYS 30 SG ? ? ? 1_555 A CYS 115 SG ? ? A CYS 30   A CYS 115  1_555 ? ? ? ? ? ? ? 2.042 ? ? 
disulf3 disulf ? ? A CYS 64 SG ? ? ? 1_555 A CYS 80  SG ? ? A CYS 64   A CYS 80   1_555 ? ? ? ? ? ? ? 2.070 ? ? 
disulf4 disulf ? ? A CYS 76 SG ? ? ? 1_555 A CYS 94  SG ? ? A CYS 76   A CYS 94   1_555 ? ? ? ? ? ? ? 2.031 ? ? 
metalc1 metalc ? ? A SER 60 O  ? ? ? 1_555 G NA  .   NA ? ? A SER 60   A NA  1006 1_555 ? ? ? ? ? ? ? 2.330 ? ? 
metalc2 metalc ? ? A CYS 64 O  ? ? ? 1_555 G NA  .   NA ? ? A CYS 64   A NA  1006 1_555 ? ? ? ? ? ? ? 2.485 ? ? 
metalc3 metalc ? ? A SER 72 OG ? ? ? 1_555 G NA  .   NA ? ? A SER 72   A NA  1006 1_555 ? ? ? ? ? ? ? 2.444 ? ? 
metalc4 metalc ? ? A ARG 73 O  ? ? ? 1_555 G NA  .   NA ? ? A ARG 73   A NA  1006 1_555 ? ? ? ? ? ? ? 2.433 ? ? 
metalc5 metalc ? ? G NA  .  NA ? ? ? 1_555 H HOH .   O  ? ? A NA  1006 A HOH 1117 1_555 ? ? ? ? ? ? ? 2.468 ? ? 
metalc6 metalc ? ? G NA  .  NA ? ? ? 1_555 H HOH .   O  ? ? A NA  1006 A HOH 1180 1_555 ? ? ? ? ? ? ? 2.394 ? ? 
# 
loop_
_struct_conn_type.id 
_struct_conn_type.criteria 
_struct_conn_type.reference 
disulf ? ? 
metalc ? ? 
# 
loop_
_pdbx_struct_conn_angle.id 
_pdbx_struct_conn_angle.ptnr1_label_atom_id 
_pdbx_struct_conn_angle.ptnr1_label_alt_id 
_pdbx_struct_conn_angle.ptnr1_label_asym_id 
_pdbx_struct_conn_angle.ptnr1_label_comp_id 
_pdbx_struct_conn_angle.ptnr1_label_seq_id 
_pdbx_struct_conn_angle.ptnr1_auth_atom_id 
_pdbx_struct_conn_angle.ptnr1_auth_asym_id 
_pdbx_struct_conn_angle.ptnr1_auth_comp_id 
_pdbx_struct_conn_angle.ptnr1_auth_seq_id 
_pdbx_struct_conn_angle.ptnr1_PDB_ins_code 
_pdbx_struct_conn_angle.ptnr1_symmetry 
_pdbx_struct_conn_angle.ptnr2_label_atom_id 
_pdbx_struct_conn_angle.ptnr2_label_alt_id 
_pdbx_struct_conn_angle.ptnr2_label_asym_id 
_pdbx_struct_conn_angle.ptnr2_label_comp_id 
_pdbx_struct_conn_angle.ptnr2_label_seq_id 
_pdbx_struct_conn_angle.ptnr2_auth_atom_id 
_pdbx_struct_conn_angle.ptnr2_auth_asym_id 
_pdbx_struct_conn_angle.ptnr2_auth_comp_id 
_pdbx_struct_conn_angle.ptnr2_auth_seq_id 
_pdbx_struct_conn_angle.ptnr2_PDB_ins_code 
_pdbx_struct_conn_angle.ptnr2_symmetry 
_pdbx_struct_conn_angle.ptnr3_label_atom_id 
_pdbx_struct_conn_angle.ptnr3_label_alt_id 
_pdbx_struct_conn_angle.ptnr3_label_asym_id 
_pdbx_struct_conn_angle.ptnr3_label_comp_id 
_pdbx_struct_conn_angle.ptnr3_label_seq_id 
_pdbx_struct_conn_angle.ptnr3_auth_atom_id 
_pdbx_struct_conn_angle.ptnr3_auth_asym_id 
_pdbx_struct_conn_angle.ptnr3_auth_comp_id 
_pdbx_struct_conn_angle.ptnr3_auth_seq_id 
_pdbx_struct_conn_angle.ptnr3_PDB_ins_code 
_pdbx_struct_conn_angle.ptnr3_symmetry 
_pdbx_struct_conn_angle.value 
_pdbx_struct_conn_angle.value_esd 
1  O  ? A SER 60 ? A SER 60   ? 1_555 NA ? G NA . ? A NA 1006 ? 1_555 O  ? A CYS 64 ? A CYS 64   ? 1_555 87.7  ? 
2  O  ? A SER 60 ? A SER 60   ? 1_555 NA ? G NA . ? A NA 1006 ? 1_555 OG ? A SER 72 ? A SER 72   ? 1_555 88.1  ? 
3  O  ? A CYS 64 ? A CYS 64   ? 1_555 NA ? G NA . ? A NA 1006 ? 1_555 OG ? A SER 72 ? A SER 72   ? 1_555 169.2 ? 
4  O  ? A SER 60 ? A SER 60   ? 1_555 NA ? G NA . ? A NA 1006 ? 1_555 O  ? A ARG 73 ? A ARG 73   ? 1_555 92.9  ? 
5  O  ? A CYS 64 ? A CYS 64   ? 1_555 NA ? G NA . ? A NA 1006 ? 1_555 O  ? A ARG 73 ? A ARG 73   ? 1_555 89.9  ? 
6  OG ? A SER 72 ? A SER 72   ? 1_555 NA ? G NA . ? A NA 1006 ? 1_555 O  ? A ARG 73 ? A ARG 73   ? 1_555 100.2 ? 
7  O  ? A SER 60 ? A SER 60   ? 1_555 NA ? G NA . ? A NA 1006 ? 1_555 O  ? H HOH .  ? A HOH 1117 ? 1_555 99.3  ? 
8  O  ? A CYS 64 ? A CYS 64   ? 1_555 NA ? G NA . ? A NA 1006 ? 1_555 O  ? H HOH .  ? A HOH 1117 ? 1_555 87.1  ? 
9  OG ? A SER 72 ? A SER 72   ? 1_555 NA ? G NA . ? A NA 1006 ? 1_555 O  ? H HOH .  ? A HOH 1117 ? 1_555 83.8  ? 
10 O  ? A ARG 73 ? A ARG 73   ? 1_555 NA ? G NA . ? A NA 1006 ? 1_555 O  ? H HOH .  ? A HOH 1117 ? 1_555 167.3 ? 
11 O  ? A SER 60 ? A SER 60   ? 1_555 NA ? G NA . ? A NA 1006 ? 1_555 O  ? H HOH .  ? A HOH 1180 ? 1_555 173.3 ? 
12 O  ? A CYS 64 ? A CYS 64   ? 1_555 NA ? G NA . ? A NA 1006 ? 1_555 O  ? H HOH .  ? A HOH 1180 ? 1_555 98.4  ? 
13 OG ? A SER 72 ? A SER 72   ? 1_555 NA ? G NA . ? A NA 1006 ? 1_555 O  ? H HOH .  ? A HOH 1180 ? 1_555 85.4  ? 
14 O  ? A ARG 73 ? A ARG 73   ? 1_555 NA ? G NA . ? A NA 1006 ? 1_555 O  ? H HOH .  ? A HOH 1180 ? 1_555 89.9  ? 
15 O  ? H HOH .  ? A HOH 1117 ? 1_555 NA ? G NA . ? A NA 1006 ? 1_555 O  ? H HOH .  ? A HOH 1180 ? 1_555 78.3  ? 
# 
loop_
_pdbx_modification_feature.ordinal 
_pdbx_modification_feature.label_comp_id 
_pdbx_modification_feature.label_asym_id 
_pdbx_modification_feature.label_seq_id 
_pdbx_modification_feature.label_alt_id 
_pdbx_modification_feature.modified_residue_label_comp_id 
_pdbx_modification_feature.modified_residue_label_asym_id 
_pdbx_modification_feature.modified_residue_label_seq_id 
_pdbx_modification_feature.modified_residue_label_alt_id 
_pdbx_modification_feature.auth_comp_id 
_pdbx_modification_feature.auth_asym_id 
_pdbx_modification_feature.auth_seq_id 
_pdbx_modification_feature.PDB_ins_code 
_pdbx_modification_feature.symmetry 
_pdbx_modification_feature.modified_residue_auth_comp_id 
_pdbx_modification_feature.modified_residue_auth_asym_id 
_pdbx_modification_feature.modified_residue_auth_seq_id 
_pdbx_modification_feature.modified_residue_PDB_ins_code 
_pdbx_modification_feature.modified_residue_symmetry 
_pdbx_modification_feature.comp_id_linking_atom 
_pdbx_modification_feature.modified_residue_id_linking_atom 
_pdbx_modification_feature.modified_residue_id 
_pdbx_modification_feature.ref_pcm_id 
_pdbx_modification_feature.ref_comp_id 
_pdbx_modification_feature.type 
_pdbx_modification_feature.category 
1 CYS A 6  ? CYS A 127 ? CYS A 6  ? 1_555 CYS A 127 ? 1_555 SG SG . . . None 'Disulfide bridge' 
2 CYS A 30 ? CYS A 115 ? CYS A 30 ? 1_555 CYS A 115 ? 1_555 SG SG . . . None 'Disulfide bridge' 
3 CYS A 64 ? CYS A 80  ? CYS A 64 ? 1_555 CYS A 80  ? 1_555 SG SG . . . None 'Disulfide bridge' 
4 CYS A 76 ? CYS A 94  ? CYS A 76 ? 1_555 CYS A 94  ? 1_555 SG SG . . . None 'Disulfide bridge' 
# 
_struct_sheet.id               A 
_struct_sheet.type             ? 
_struct_sheet.number_strands   3 
_struct_sheet.details          ? 
# 
loop_
_struct_sheet_order.sheet_id 
_struct_sheet_order.range_id_1 
_struct_sheet_order.range_id_2 
_struct_sheet_order.offset 
_struct_sheet_order.sense 
A 1 2 ? anti-parallel 
A 2 3 ? anti-parallel 
# 
loop_
_struct_sheet_range.sheet_id 
_struct_sheet_range.id 
_struct_sheet_range.beg_label_comp_id 
_struct_sheet_range.beg_label_asym_id 
_struct_sheet_range.beg_label_seq_id 
_struct_sheet_range.pdbx_beg_PDB_ins_code 
_struct_sheet_range.end_label_comp_id 
_struct_sheet_range.end_label_asym_id 
_struct_sheet_range.end_label_seq_id 
_struct_sheet_range.pdbx_end_PDB_ins_code 
_struct_sheet_range.beg_auth_comp_id 
_struct_sheet_range.beg_auth_asym_id 
_struct_sheet_range.beg_auth_seq_id 
_struct_sheet_range.end_auth_comp_id 
_struct_sheet_range.end_auth_asym_id 
_struct_sheet_range.end_auth_seq_id 
A 1 THR A 43 ? ARG A 45 ? THR A 43 ARG A 45 
A 2 THR A 51 ? TYR A 53 ? THR A 51 TYR A 53 
A 3 ILE A 58 ? ASN A 59 ? ILE A 58 ASN A 59 
# 
loop_
_pdbx_struct_sheet_hbond.sheet_id 
_pdbx_struct_sheet_hbond.range_id_1 
_pdbx_struct_sheet_hbond.range_id_2 
_pdbx_struct_sheet_hbond.range_1_label_atom_id 
_pdbx_struct_sheet_hbond.range_1_label_comp_id 
_pdbx_struct_sheet_hbond.range_1_label_asym_id 
_pdbx_struct_sheet_hbond.range_1_label_seq_id 
_pdbx_struct_sheet_hbond.range_1_PDB_ins_code 
_pdbx_struct_sheet_hbond.range_1_auth_atom_id 
_pdbx_struct_sheet_hbond.range_1_auth_comp_id 
_pdbx_struct_sheet_hbond.range_1_auth_asym_id 
_pdbx_struct_sheet_hbond.range_1_auth_seq_id 
_pdbx_struct_sheet_hbond.range_2_label_atom_id 
_pdbx_struct_sheet_hbond.range_2_label_comp_id 
_pdbx_struct_sheet_hbond.range_2_label_asym_id 
_pdbx_struct_sheet_hbond.range_2_label_seq_id 
_pdbx_struct_sheet_hbond.range_2_PDB_ins_code 
_pdbx_struct_sheet_hbond.range_2_auth_atom_id 
_pdbx_struct_sheet_hbond.range_2_auth_comp_id 
_pdbx_struct_sheet_hbond.range_2_auth_asym_id 
_pdbx_struct_sheet_hbond.range_2_auth_seq_id 
A 1 2 N ASN A 44 ? N ASN A 44 O ASP A 52 ? O ASP A 52 
A 2 3 N TYR A 53 ? N TYR A 53 O ILE A 58 ? O ILE A 58 
# 
loop_
_struct_site.id 
_struct_site.pdbx_evidence_code 
_struct_site.pdbx_auth_asym_id 
_struct_site.pdbx_auth_comp_id 
_struct_site.pdbx_auth_seq_id 
_struct_site.pdbx_auth_ins_code 
_struct_site.pdbx_num_residues 
_struct_site.details 
AC1 Software A 2T8 1001 ? 10 'BINDING SITE FOR RESIDUE 2T8 A 1001' 
AC2 Software A 2T8 1002 ? 9  'BINDING SITE FOR RESIDUE 2T8 A 1002' 
AC3 Software A 2T8 1003 ? 6  'BINDING SITE FOR RESIDUE 2T8 A 1003' 
AC4 Software A CL  1004 ? 3  'BINDING SITE FOR RESIDUE CL A 1004'  
AC5 Software A CL  1005 ? 4  'BINDING SITE FOR RESIDUE CL A 1005'  
AC6 Software A NA  1006 ? 6  'BINDING SITE FOR RESIDUE NA A 1006'  
# 
loop_
_struct_site_gen.id 
_struct_site_gen.site_id 
_struct_site_gen.pdbx_num_res 
_struct_site_gen.label_comp_id 
_struct_site_gen.label_asym_id 
_struct_site_gen.label_seq_id 
_struct_site_gen.pdbx_auth_ins_code 
_struct_site_gen.auth_comp_id 
_struct_site_gen.auth_asym_id 
_struct_site_gen.auth_seq_id 
_struct_site_gen.label_atom_id 
_struct_site_gen.label_alt_id 
_struct_site_gen.symmetry 
_struct_site_gen.details 
1  AC1 10 GLU A 7   ? GLU A 7    . ? 7_554 ? 
2  AC1 10 ALA A 10  ? ALA A 10   . ? 7_554 ? 
3  AC1 10 ALA A 10  ? ALA A 10   . ? 1_555 ? 
4  AC1 10 ALA A 11  ? ALA A 11   . ? 7_554 ? 
5  AC1 10 ARG A 14  ? ARG A 14   . ? 1_555 ? 
6  AC1 10 ARG A 14  ? ARG A 14   . ? 7_554 ? 
7  AC1 10 HOH H .   ? HOH A 1103 . ? 7_554 ? 
8  AC1 10 HOH H .   ? HOH A 1103 . ? 1_555 ? 
9  AC1 10 HOH H .   ? HOH A 1154 . ? 7_554 ? 
10 AC1 10 HOH H .   ? HOH A 1154 . ? 1_555 ? 
11 AC2 9  SER A 24  ? SER A 24   . ? 1_555 ? 
12 AC2 9  ASN A 27  ? ASN A 27   . ? 1_555 ? 
13 AC2 9  LYS A 33  ? LYS A 33   . ? 4_445 ? 
14 AC2 9  THR A 118 ? THR A 118  . ? 1_555 ? 
15 AC2 9  VAL A 120 ? VAL A 120  . ? 1_555 ? 
16 AC2 9  GLN A 121 ? GLN A 121  . ? 1_555 ? 
17 AC2 9  HOH H .   ? HOH A 1115 . ? 1_555 ? 
18 AC2 9  HOH H .   ? HOH A 1289 . ? 1_555 ? 
19 AC2 9  HOH H .   ? HOH A 1290 . ? 1_555 ? 
20 AC3 6  LYS A 1   ? LYS A 1    . ? 8_554 ? 
21 AC3 6  GLN A 41  ? GLN A 41   . ? 8_554 ? 
22 AC3 6  ASN A 65  ? ASN A 65   . ? 1_555 ? 
23 AC3 6  PRO A 79  ? PRO A 79   . ? 1_555 ? 
24 AC3 6  HOH H .   ? HOH A 1143 . ? 1_555 ? 
25 AC3 6  HOH H .   ? HOH A 1144 . ? 8_554 ? 
26 AC4 3  TYR A 23  ? TYR A 23   . ? 1_555 ? 
27 AC4 3  ASN A 113 ? ASN A 113  . ? 4_445 ? 
28 AC4 3  HOH H .   ? HOH A 1261 . ? 4_445 ? 
29 AC5 4  ASN A 65  ? ASN A 65   . ? 1_555 ? 
30 AC5 4  GLY A 67  ? GLY A 67   . ? 1_555 ? 
31 AC5 4  ARG A 68  ? ARG A 68   . ? 1_555 ? 
32 AC5 4  THR A 69  ? THR A 69   . ? 1_555 ? 
33 AC6 6  SER A 60  ? SER A 60   . ? 1_555 ? 
34 AC6 6  CYS A 64  ? CYS A 64   . ? 1_555 ? 
35 AC6 6  SER A 72  ? SER A 72   . ? 1_555 ? 
36 AC6 6  ARG A 73  ? ARG A 73   . ? 1_555 ? 
37 AC6 6  HOH H .   ? HOH A 1117 . ? 1_555 ? 
38 AC6 6  HOH H .   ? HOH A 1180 . ? 1_555 ? 
# 
_pdbx_entry_details.entry_id                   4NHP 
_pdbx_entry_details.nonpolymer_details         
;THIS ENTRY REPORTS THE CRYSTAL STRUCTURE OF THE ADDUCT RESULTING FROM THE REACTION OF [IR(CL)5CO]2- WITH HEN EGG WHITE LYSOZIME (HEWL). THE STARTING METAL COMPLEX EXCHANGE A CL- ION WITH A WATER MOLECULE. THE DATA SUGGEST THAT THE ACTUAL MOLECULE BOUND TO HEWL IS [IRCL4CO(H2O)]-1. THIS EXCHANGE ALSO AGREES WITH PREVIOUS EXPERIMENTAL RESULTS OBTAINED USING THE SAME MOLECULE.
;
_pdbx_entry_details.sequence_details           ? 
_pdbx_entry_details.compound_details           ? 
_pdbx_entry_details.source_details             ? 
_pdbx_entry_details.has_ligand_of_interest     ? 
_pdbx_entry_details.has_protein_modification   Y 
# 
_pdbx_validate_close_contact.id               1 
_pdbx_validate_close_contact.PDB_model_num    1 
_pdbx_validate_close_contact.auth_atom_id_1   O 
_pdbx_validate_close_contact.auth_asym_id_1   A 
_pdbx_validate_close_contact.auth_comp_id_1   2T8 
_pdbx_validate_close_contact.auth_seq_id_1    1002 
_pdbx_validate_close_contact.PDB_ins_code_1   ? 
_pdbx_validate_close_contact.label_alt_id_1   A 
_pdbx_validate_close_contact.auth_atom_id_2   O 
_pdbx_validate_close_contact.auth_asym_id_2   A 
_pdbx_validate_close_contact.auth_comp_id_2   HOH 
_pdbx_validate_close_contact.auth_seq_id_2    1115 
_pdbx_validate_close_contact.PDB_ins_code_2   ? 
_pdbx_validate_close_contact.label_alt_id_2   ? 
_pdbx_validate_close_contact.dist             2.01 
# 
loop_
_pdbx_validate_rmsd_angle.id 
_pdbx_validate_rmsd_angle.PDB_model_num 
_pdbx_validate_rmsd_angle.auth_atom_id_1 
_pdbx_validate_rmsd_angle.auth_asym_id_1 
_pdbx_validate_rmsd_angle.auth_comp_id_1 
_pdbx_validate_rmsd_angle.auth_seq_id_1 
_pdbx_validate_rmsd_angle.PDB_ins_code_1 
_pdbx_validate_rmsd_angle.label_alt_id_1 
_pdbx_validate_rmsd_angle.auth_atom_id_2 
_pdbx_validate_rmsd_angle.auth_asym_id_2 
_pdbx_validate_rmsd_angle.auth_comp_id_2 
_pdbx_validate_rmsd_angle.auth_seq_id_2 
_pdbx_validate_rmsd_angle.PDB_ins_code_2 
_pdbx_validate_rmsd_angle.label_alt_id_2 
_pdbx_validate_rmsd_angle.auth_atom_id_3 
_pdbx_validate_rmsd_angle.auth_asym_id_3 
_pdbx_validate_rmsd_angle.auth_comp_id_3 
_pdbx_validate_rmsd_angle.auth_seq_id_3 
_pdbx_validate_rmsd_angle.PDB_ins_code_3 
_pdbx_validate_rmsd_angle.label_alt_id_3 
_pdbx_validate_rmsd_angle.angle_value 
_pdbx_validate_rmsd_angle.angle_target_value 
_pdbx_validate_rmsd_angle.angle_deviation 
_pdbx_validate_rmsd_angle.angle_standard_deviation 
_pdbx_validate_rmsd_angle.linker_flag 
1 1 CB A ASP 18 ? A CG A ASP 18 ? A OD1 A ASP 18 ? A 125.37 118.30 7.07  0.90 N 
2 1 NE A ARG 21 ? ? CZ A ARG 21 ? ? NH2 A ARG 21 ? ? 117.07 120.30 -3.23 0.50 N 
3 1 CB A TYR 23 ? ? CG A TYR 23 ? ? CD1 A TYR 23 ? ? 117.28 121.00 -3.72 0.60 N 
4 1 NE A ARG 68 ? ? CZ A ARG 68 ? ? NH1 A ARG 68 ? ? 116.49 120.30 -3.81 0.50 N 
# 
loop_
_pdbx_validate_torsion.id 
_pdbx_validate_torsion.PDB_model_num 
_pdbx_validate_torsion.auth_comp_id 
_pdbx_validate_torsion.auth_asym_id 
_pdbx_validate_torsion.auth_seq_id 
_pdbx_validate_torsion.PDB_ins_code 
_pdbx_validate_torsion.label_alt_id 
_pdbx_validate_torsion.phi 
_pdbx_validate_torsion.psi 
1 1 ASP A 18 ? B -65.54 99.19 
2 1 ASN A 19 ? A 55.50  15.83 
3 1 ASN A 19 ? B 84.51  16.89 
# 
loop_
_pdbx_struct_special_symmetry.id 
_pdbx_struct_special_symmetry.PDB_model_num 
_pdbx_struct_special_symmetry.auth_asym_id 
_pdbx_struct_special_symmetry.auth_comp_id 
_pdbx_struct_special_symmetry.auth_seq_id 
_pdbx_struct_special_symmetry.PDB_ins_code 
_pdbx_struct_special_symmetry.label_asym_id 
_pdbx_struct_special_symmetry.label_comp_id 
_pdbx_struct_special_symmetry.label_seq_id 
1 1 A 2T8 1001 ? B 2T8 . 
2 1 A 2T8 1001 ? B 2T8 . 
3 1 A 2T8 1001 ? B 2T8 . 
4 1 A 2T8 1001 ? B 2T8 . 
# 
loop_
_chem_comp_atom.comp_id 
_chem_comp_atom.atom_id 
_chem_comp_atom.type_symbol 
_chem_comp_atom.pdbx_aromatic_flag 
_chem_comp_atom.pdbx_stereo_config 
_chem_comp_atom.pdbx_ordinal 
2T8 IR   IR N N 1   
2T8 C    C  N N 2   
2T8 O    O  N N 3   
2T8 CL1  CL N N 4   
2T8 CL2  CL N N 5   
2T8 O2   O  N N 6   
2T8 CL3  CL N N 7   
2T8 CL4  CL N N 8   
ALA N    N  N N 9   
ALA CA   C  N S 10  
ALA C    C  N N 11  
ALA O    O  N N 12  
ALA CB   C  N N 13  
ALA OXT  O  N N 14  
ALA H    H  N N 15  
ALA H2   H  N N 16  
ALA HA   H  N N 17  
ALA HB1  H  N N 18  
ALA HB2  H  N N 19  
ALA HB3  H  N N 20  
ALA HXT  H  N N 21  
ARG N    N  N N 22  
ARG CA   C  N S 23  
ARG C    C  N N 24  
ARG O    O  N N 25  
ARG CB   C  N N 26  
ARG CG   C  N N 27  
ARG CD   C  N N 28  
ARG NE   N  N N 29  
ARG CZ   C  N N 30  
ARG NH1  N  N N 31  
ARG NH2  N  N N 32  
ARG OXT  O  N N 33  
ARG H    H  N N 34  
ARG H2   H  N N 35  
ARG HA   H  N N 36  
ARG HB2  H  N N 37  
ARG HB3  H  N N 38  
ARG HG2  H  N N 39  
ARG HG3  H  N N 40  
ARG HD2  H  N N 41  
ARG HD3  H  N N 42  
ARG HE   H  N N 43  
ARG HH11 H  N N 44  
ARG HH12 H  N N 45  
ARG HH21 H  N N 46  
ARG HH22 H  N N 47  
ARG HXT  H  N N 48  
ASN N    N  N N 49  
ASN CA   C  N S 50  
ASN C    C  N N 51  
ASN O    O  N N 52  
ASN CB   C  N N 53  
ASN CG   C  N N 54  
ASN OD1  O  N N 55  
ASN ND2  N  N N 56  
ASN OXT  O  N N 57  
ASN H    H  N N 58  
ASN H2   H  N N 59  
ASN HA   H  N N 60  
ASN HB2  H  N N 61  
ASN HB3  H  N N 62  
ASN HD21 H  N N 63  
ASN HD22 H  N N 64  
ASN HXT  H  N N 65  
ASP N    N  N N 66  
ASP CA   C  N S 67  
ASP C    C  N N 68  
ASP O    O  N N 69  
ASP CB   C  N N 70  
ASP CG   C  N N 71  
ASP OD1  O  N N 72  
ASP OD2  O  N N 73  
ASP OXT  O  N N 74  
ASP H    H  N N 75  
ASP H2   H  N N 76  
ASP HA   H  N N 77  
ASP HB2  H  N N 78  
ASP HB3  H  N N 79  
ASP HD2  H  N N 80  
ASP HXT  H  N N 81  
CL  CL   CL N N 82  
CYS N    N  N N 83  
CYS CA   C  N R 84  
CYS C    C  N N 85  
CYS O    O  N N 86  
CYS CB   C  N N 87  
CYS SG   S  N N 88  
CYS OXT  O  N N 89  
CYS H    H  N N 90  
CYS H2   H  N N 91  
CYS HA   H  N N 92  
CYS HB2  H  N N 93  
CYS HB3  H  N N 94  
CYS HG   H  N N 95  
CYS HXT  H  N N 96  
GLN N    N  N N 97  
GLN CA   C  N S 98  
GLN C    C  N N 99  
GLN O    O  N N 100 
GLN CB   C  N N 101 
GLN CG   C  N N 102 
GLN CD   C  N N 103 
GLN OE1  O  N N 104 
GLN NE2  N  N N 105 
GLN OXT  O  N N 106 
GLN H    H  N N 107 
GLN H2   H  N N 108 
GLN HA   H  N N 109 
GLN HB2  H  N N 110 
GLN HB3  H  N N 111 
GLN HG2  H  N N 112 
GLN HG3  H  N N 113 
GLN HE21 H  N N 114 
GLN HE22 H  N N 115 
GLN HXT  H  N N 116 
GLU N    N  N N 117 
GLU CA   C  N S 118 
GLU C    C  N N 119 
GLU O    O  N N 120 
GLU CB   C  N N 121 
GLU CG   C  N N 122 
GLU CD   C  N N 123 
GLU OE1  O  N N 124 
GLU OE2  O  N N 125 
GLU OXT  O  N N 126 
GLU H    H  N N 127 
GLU H2   H  N N 128 
GLU HA   H  N N 129 
GLU HB2  H  N N 130 
GLU HB3  H  N N 131 
GLU HG2  H  N N 132 
GLU HG3  H  N N 133 
GLU HE2  H  N N 134 
GLU HXT  H  N N 135 
GLY N    N  N N 136 
GLY CA   C  N N 137 
GLY C    C  N N 138 
GLY O    O  N N 139 
GLY OXT  O  N N 140 
GLY H    H  N N 141 
GLY H2   H  N N 142 
GLY HA2  H  N N 143 
GLY HA3  H  N N 144 
GLY HXT  H  N N 145 
HIS N    N  N N 146 
HIS CA   C  N S 147 
HIS C    C  N N 148 
HIS O    O  N N 149 
HIS CB   C  N N 150 
HIS CG   C  Y N 151 
HIS ND1  N  Y N 152 
HIS CD2  C  Y N 153 
HIS CE1  C  Y N 154 
HIS NE2  N  Y N 155 
HIS OXT  O  N N 156 
HIS H    H  N N 157 
HIS H2   H  N N 158 
HIS HA   H  N N 159 
HIS HB2  H  N N 160 
HIS HB3  H  N N 161 
HIS HD1  H  N N 162 
HIS HD2  H  N N 163 
HIS HE1  H  N N 164 
HIS HE2  H  N N 165 
HIS HXT  H  N N 166 
HOH O    O  N N 167 
HOH H1   H  N N 168 
HOH H2   H  N N 169 
ILE N    N  N N 170 
ILE CA   C  N S 171 
ILE C    C  N N 172 
ILE O    O  N N 173 
ILE CB   C  N S 174 
ILE CG1  C  N N 175 
ILE CG2  C  N N 176 
ILE CD1  C  N N 177 
ILE OXT  O  N N 178 
ILE H    H  N N 179 
ILE H2   H  N N 180 
ILE HA   H  N N 181 
ILE HB   H  N N 182 
ILE HG12 H  N N 183 
ILE HG13 H  N N 184 
ILE HG21 H  N N 185 
ILE HG22 H  N N 186 
ILE HG23 H  N N 187 
ILE HD11 H  N N 188 
ILE HD12 H  N N 189 
ILE HD13 H  N N 190 
ILE HXT  H  N N 191 
LEU N    N  N N 192 
LEU CA   C  N S 193 
LEU C    C  N N 194 
LEU O    O  N N 195 
LEU CB   C  N N 196 
LEU CG   C  N N 197 
LEU CD1  C  N N 198 
LEU CD2  C  N N 199 
LEU OXT  O  N N 200 
LEU H    H  N N 201 
LEU H2   H  N N 202 
LEU HA   H  N N 203 
LEU HB2  H  N N 204 
LEU HB3  H  N N 205 
LEU HG   H  N N 206 
LEU HD11 H  N N 207 
LEU HD12 H  N N 208 
LEU HD13 H  N N 209 
LEU HD21 H  N N 210 
LEU HD22 H  N N 211 
LEU HD23 H  N N 212 
LEU HXT  H  N N 213 
LYS N    N  N N 214 
LYS CA   C  N S 215 
LYS C    C  N N 216 
LYS O    O  N N 217 
LYS CB   C  N N 218 
LYS CG   C  N N 219 
LYS CD   C  N N 220 
LYS CE   C  N N 221 
LYS NZ   N  N N 222 
LYS OXT  O  N N 223 
LYS H    H  N N 224 
LYS H2   H  N N 225 
LYS HA   H  N N 226 
LYS HB2  H  N N 227 
LYS HB3  H  N N 228 
LYS HG2  H  N N 229 
LYS HG3  H  N N 230 
LYS HD2  H  N N 231 
LYS HD3  H  N N 232 
LYS HE2  H  N N 233 
LYS HE3  H  N N 234 
LYS HZ1  H  N N 235 
LYS HZ2  H  N N 236 
LYS HZ3  H  N N 237 
LYS HXT  H  N N 238 
MET N    N  N N 239 
MET CA   C  N S 240 
MET C    C  N N 241 
MET O    O  N N 242 
MET CB   C  N N 243 
MET CG   C  N N 244 
MET SD   S  N N 245 
MET CE   C  N N 246 
MET OXT  O  N N 247 
MET H    H  N N 248 
MET H2   H  N N 249 
MET HA   H  N N 250 
MET HB2  H  N N 251 
MET HB3  H  N N 252 
MET HG2  H  N N 253 
MET HG3  H  N N 254 
MET HE1  H  N N 255 
MET HE2  H  N N 256 
MET HE3  H  N N 257 
MET HXT  H  N N 258 
NA  NA   NA N N 259 
PHE N    N  N N 260 
PHE CA   C  N S 261 
PHE C    C  N N 262 
PHE O    O  N N 263 
PHE CB   C  N N 264 
PHE CG   C  Y N 265 
PHE CD1  C  Y N 266 
PHE CD2  C  Y N 267 
PHE CE1  C  Y N 268 
PHE CE2  C  Y N 269 
PHE CZ   C  Y N 270 
PHE OXT  O  N N 271 
PHE H    H  N N 272 
PHE H2   H  N N 273 
PHE HA   H  N N 274 
PHE HB2  H  N N 275 
PHE HB3  H  N N 276 
PHE HD1  H  N N 277 
PHE HD2  H  N N 278 
PHE HE1  H  N N 279 
PHE HE2  H  N N 280 
PHE HZ   H  N N 281 
PHE HXT  H  N N 282 
PRO N    N  N N 283 
PRO CA   C  N S 284 
PRO C    C  N N 285 
PRO O    O  N N 286 
PRO CB   C  N N 287 
PRO CG   C  N N 288 
PRO CD   C  N N 289 
PRO OXT  O  N N 290 
PRO H    H  N N 291 
PRO HA   H  N N 292 
PRO HB2  H  N N 293 
PRO HB3  H  N N 294 
PRO HG2  H  N N 295 
PRO HG3  H  N N 296 
PRO HD2  H  N N 297 
PRO HD3  H  N N 298 
PRO HXT  H  N N 299 
SER N    N  N N 300 
SER CA   C  N S 301 
SER C    C  N N 302 
SER O    O  N N 303 
SER CB   C  N N 304 
SER OG   O  N N 305 
SER OXT  O  N N 306 
SER H    H  N N 307 
SER H2   H  N N 308 
SER HA   H  N N 309 
SER HB2  H  N N 310 
SER HB3  H  N N 311 
SER HG   H  N N 312 
SER HXT  H  N N 313 
THR N    N  N N 314 
THR CA   C  N S 315 
THR C    C  N N 316 
THR O    O  N N 317 
THR CB   C  N R 318 
THR OG1  O  N N 319 
THR CG2  C  N N 320 
THR OXT  O  N N 321 
THR H    H  N N 322 
THR H2   H  N N 323 
THR HA   H  N N 324 
THR HB   H  N N 325 
THR HG1  H  N N 326 
THR HG21 H  N N 327 
THR HG22 H  N N 328 
THR HG23 H  N N 329 
THR HXT  H  N N 330 
TRP N    N  N N 331 
TRP CA   C  N S 332 
TRP C    C  N N 333 
TRP O    O  N N 334 
TRP CB   C  N N 335 
TRP CG   C  Y N 336 
TRP CD1  C  Y N 337 
TRP CD2  C  Y N 338 
TRP NE1  N  Y N 339 
TRP CE2  C  Y N 340 
TRP CE3  C  Y N 341 
TRP CZ2  C  Y N 342 
TRP CZ3  C  Y N 343 
TRP CH2  C  Y N 344 
TRP OXT  O  N N 345 
TRP H    H  N N 346 
TRP H2   H  N N 347 
TRP HA   H  N N 348 
TRP HB2  H  N N 349 
TRP HB3  H  N N 350 
TRP HD1  H  N N 351 
TRP HE1  H  N N 352 
TRP HE3  H  N N 353 
TRP HZ2  H  N N 354 
TRP HZ3  H  N N 355 
TRP HH2  H  N N 356 
TRP HXT  H  N N 357 
TYR N    N  N N 358 
TYR CA   C  N S 359 
TYR C    C  N N 360 
TYR O    O  N N 361 
TYR CB   C  N N 362 
TYR CG   C  Y N 363 
TYR CD1  C  Y N 364 
TYR CD2  C  Y N 365 
TYR CE1  C  Y N 366 
TYR CE2  C  Y N 367 
TYR CZ   C  Y N 368 
TYR OH   O  N N 369 
TYR OXT  O  N N 370 
TYR H    H  N N 371 
TYR H2   H  N N 372 
TYR HA   H  N N 373 
TYR HB2  H  N N 374 
TYR HB3  H  N N 375 
TYR HD1  H  N N 376 
TYR HD2  H  N N 377 
TYR HE1  H  N N 378 
TYR HE2  H  N N 379 
TYR HH   H  N N 380 
TYR HXT  H  N N 381 
VAL N    N  N N 382 
VAL CA   C  N S 383 
VAL C    C  N N 384 
VAL O    O  N N 385 
VAL CB   C  N N 386 
VAL CG1  C  N N 387 
VAL CG2  C  N N 388 
VAL OXT  O  N N 389 
VAL H    H  N N 390 
VAL H2   H  N N 391 
VAL HA   H  N N 392 
VAL HB   H  N N 393 
VAL HG11 H  N N 394 
VAL HG12 H  N N 395 
VAL HG13 H  N N 396 
VAL HG21 H  N N 397 
VAL HG22 H  N N 398 
VAL HG23 H  N N 399 
VAL HXT  H  N N 400 
# 
loop_
_chem_comp_bond.comp_id 
_chem_comp_bond.atom_id_1 
_chem_comp_bond.atom_id_2 
_chem_comp_bond.value_order 
_chem_comp_bond.pdbx_aromatic_flag 
_chem_comp_bond.pdbx_stereo_config 
_chem_comp_bond.pdbx_ordinal 
2T8 IR  C    sing N N 1   
2T8 IR  CL2  sing N N 2   
2T8 IR  CL4  sing N N 3   
2T8 C   O    trip N N 4   
2T8 IR  CL3  sing N N 5   
2T8 IR  CL1  sing N N 6   
2T8 IR  O2   sing N N 7   
ALA N   CA   sing N N 8   
ALA N   H    sing N N 9   
ALA N   H2   sing N N 10  
ALA CA  C    sing N N 11  
ALA CA  CB   sing N N 12  
ALA CA  HA   sing N N 13  
ALA C   O    doub N N 14  
ALA C   OXT  sing N N 15  
ALA CB  HB1  sing N N 16  
ALA CB  HB2  sing N N 17  
ALA CB  HB3  sing N N 18  
ALA OXT HXT  sing N N 19  
ARG N   CA   sing N N 20  
ARG N   H    sing N N 21  
ARG N   H2   sing N N 22  
ARG CA  C    sing N N 23  
ARG CA  CB   sing N N 24  
ARG CA  HA   sing N N 25  
ARG C   O    doub N N 26  
ARG C   OXT  sing N N 27  
ARG CB  CG   sing N N 28  
ARG CB  HB2  sing N N 29  
ARG CB  HB3  sing N N 30  
ARG CG  CD   sing N N 31  
ARG CG  HG2  sing N N 32  
ARG CG  HG3  sing N N 33  
ARG CD  NE   sing N N 34  
ARG CD  HD2  sing N N 35  
ARG CD  HD3  sing N N 36  
ARG NE  CZ   sing N N 37  
ARG NE  HE   sing N N 38  
ARG CZ  NH1  sing N N 39  
ARG CZ  NH2  doub N N 40  
ARG NH1 HH11 sing N N 41  
ARG NH1 HH12 sing N N 42  
ARG NH2 HH21 sing N N 43  
ARG NH2 HH22 sing N N 44  
ARG OXT HXT  sing N N 45  
ASN N   CA   sing N N 46  
ASN N   H    sing N N 47  
ASN N   H2   sing N N 48  
ASN CA  C    sing N N 49  
ASN CA  CB   sing N N 50  
ASN CA  HA   sing N N 51  
ASN C   O    doub N N 52  
ASN C   OXT  sing N N 53  
ASN CB  CG   sing N N 54  
ASN CB  HB2  sing N N 55  
ASN CB  HB3  sing N N 56  
ASN CG  OD1  doub N N 57  
ASN CG  ND2  sing N N 58  
ASN ND2 HD21 sing N N 59  
ASN ND2 HD22 sing N N 60  
ASN OXT HXT  sing N N 61  
ASP N   CA   sing N N 62  
ASP N   H    sing N N 63  
ASP N   H2   sing N N 64  
ASP CA  C    sing N N 65  
ASP CA  CB   sing N N 66  
ASP CA  HA   sing N N 67  
ASP C   O    doub N N 68  
ASP C   OXT  sing N N 69  
ASP CB  CG   sing N N 70  
ASP CB  HB2  sing N N 71  
ASP CB  HB3  sing N N 72  
ASP CG  OD1  doub N N 73  
ASP CG  OD2  sing N N 74  
ASP OD2 HD2  sing N N 75  
ASP OXT HXT  sing N N 76  
CYS N   CA   sing N N 77  
CYS N   H    sing N N 78  
CYS N   H2   sing N N 79  
CYS CA  C    sing N N 80  
CYS CA  CB   sing N N 81  
CYS CA  HA   sing N N 82  
CYS C   O    doub N N 83  
CYS C   OXT  sing N N 84  
CYS CB  SG   sing N N 85  
CYS CB  HB2  sing N N 86  
CYS CB  HB3  sing N N 87  
CYS SG  HG   sing N N 88  
CYS OXT HXT  sing N N 89  
GLN N   CA   sing N N 90  
GLN N   H    sing N N 91  
GLN N   H2   sing N N 92  
GLN CA  C    sing N N 93  
GLN CA  CB   sing N N 94  
GLN CA  HA   sing N N 95  
GLN C   O    doub N N 96  
GLN C   OXT  sing N N 97  
GLN CB  CG   sing N N 98  
GLN CB  HB2  sing N N 99  
GLN CB  HB3  sing N N 100 
GLN CG  CD   sing N N 101 
GLN CG  HG2  sing N N 102 
GLN CG  HG3  sing N N 103 
GLN CD  OE1  doub N N 104 
GLN CD  NE2  sing N N 105 
GLN NE2 HE21 sing N N 106 
GLN NE2 HE22 sing N N 107 
GLN OXT HXT  sing N N 108 
GLU N   CA   sing N N 109 
GLU N   H    sing N N 110 
GLU N   H2   sing N N 111 
GLU CA  C    sing N N 112 
GLU CA  CB   sing N N 113 
GLU CA  HA   sing N N 114 
GLU C   O    doub N N 115 
GLU C   OXT  sing N N 116 
GLU CB  CG   sing N N 117 
GLU CB  HB2  sing N N 118 
GLU CB  HB3  sing N N 119 
GLU CG  CD   sing N N 120 
GLU CG  HG2  sing N N 121 
GLU CG  HG3  sing N N 122 
GLU CD  OE1  doub N N 123 
GLU CD  OE2  sing N N 124 
GLU OE2 HE2  sing N N 125 
GLU OXT HXT  sing N N 126 
GLY N   CA   sing N N 127 
GLY N   H    sing N N 128 
GLY N   H2   sing N N 129 
GLY CA  C    sing N N 130 
GLY CA  HA2  sing N N 131 
GLY CA  HA3  sing N N 132 
GLY C   O    doub N N 133 
GLY C   OXT  sing N N 134 
GLY OXT HXT  sing N N 135 
HIS N   CA   sing N N 136 
HIS N   H    sing N N 137 
HIS N   H2   sing N N 138 
HIS CA  C    sing N N 139 
HIS CA  CB   sing N N 140 
HIS CA  HA   sing N N 141 
HIS C   O    doub N N 142 
HIS C   OXT  sing N N 143 
HIS CB  CG   sing N N 144 
HIS CB  HB2  sing N N 145 
HIS CB  HB3  sing N N 146 
HIS CG  ND1  sing Y N 147 
HIS CG  CD2  doub Y N 148 
HIS ND1 CE1  doub Y N 149 
HIS ND1 HD1  sing N N 150 
HIS CD2 NE2  sing Y N 151 
HIS CD2 HD2  sing N N 152 
HIS CE1 NE2  sing Y N 153 
HIS CE1 HE1  sing N N 154 
HIS NE2 HE2  sing N N 155 
HIS OXT HXT  sing N N 156 
HOH O   H1   sing N N 157 
HOH O   H2   sing N N 158 
ILE N   CA   sing N N 159 
ILE N   H    sing N N 160 
ILE N   H2   sing N N 161 
ILE CA  C    sing N N 162 
ILE CA  CB   sing N N 163 
ILE CA  HA   sing N N 164 
ILE C   O    doub N N 165 
ILE C   OXT  sing N N 166 
ILE CB  CG1  sing N N 167 
ILE CB  CG2  sing N N 168 
ILE CB  HB   sing N N 169 
ILE CG1 CD1  sing N N 170 
ILE CG1 HG12 sing N N 171 
ILE CG1 HG13 sing N N 172 
ILE CG2 HG21 sing N N 173 
ILE CG2 HG22 sing N N 174 
ILE CG2 HG23 sing N N 175 
ILE CD1 HD11 sing N N 176 
ILE CD1 HD12 sing N N 177 
ILE CD1 HD13 sing N N 178 
ILE OXT HXT  sing N N 179 
LEU N   CA   sing N N 180 
LEU N   H    sing N N 181 
LEU N   H2   sing N N 182 
LEU CA  C    sing N N 183 
LEU CA  CB   sing N N 184 
LEU CA  HA   sing N N 185 
LEU C   O    doub N N 186 
LEU C   OXT  sing N N 187 
LEU CB  CG   sing N N 188 
LEU CB  HB2  sing N N 189 
LEU CB  HB3  sing N N 190 
LEU CG  CD1  sing N N 191 
LEU CG  CD2  sing N N 192 
LEU CG  HG   sing N N 193 
LEU CD1 HD11 sing N N 194 
LEU CD1 HD12 sing N N 195 
LEU CD1 HD13 sing N N 196 
LEU CD2 HD21 sing N N 197 
LEU CD2 HD22 sing N N 198 
LEU CD2 HD23 sing N N 199 
LEU OXT HXT  sing N N 200 
LYS N   CA   sing N N 201 
LYS N   H    sing N N 202 
LYS N   H2   sing N N 203 
LYS CA  C    sing N N 204 
LYS CA  CB   sing N N 205 
LYS CA  HA   sing N N 206 
LYS C   O    doub N N 207 
LYS C   OXT  sing N N 208 
LYS CB  CG   sing N N 209 
LYS CB  HB2  sing N N 210 
LYS CB  HB3  sing N N 211 
LYS CG  CD   sing N N 212 
LYS CG  HG2  sing N N 213 
LYS CG  HG3  sing N N 214 
LYS CD  CE   sing N N 215 
LYS CD  HD2  sing N N 216 
LYS CD  HD3  sing N N 217 
LYS CE  NZ   sing N N 218 
LYS CE  HE2  sing N N 219 
LYS CE  HE3  sing N N 220 
LYS NZ  HZ1  sing N N 221 
LYS NZ  HZ2  sing N N 222 
LYS NZ  HZ3  sing N N 223 
LYS OXT HXT  sing N N 224 
MET N   CA   sing N N 225 
MET N   H    sing N N 226 
MET N   H2   sing N N 227 
MET CA  C    sing N N 228 
MET CA  CB   sing N N 229 
MET CA  HA   sing N N 230 
MET C   O    doub N N 231 
MET C   OXT  sing N N 232 
MET CB  CG   sing N N 233 
MET CB  HB2  sing N N 234 
MET CB  HB3  sing N N 235 
MET CG  SD   sing N N 236 
MET CG  HG2  sing N N 237 
MET CG  HG3  sing N N 238 
MET SD  CE   sing N N 239 
MET CE  HE1  sing N N 240 
MET CE  HE2  sing N N 241 
MET CE  HE3  sing N N 242 
MET OXT HXT  sing N N 243 
PHE N   CA   sing N N 244 
PHE N   H    sing N N 245 
PHE N   H2   sing N N 246 
PHE CA  C    sing N N 247 
PHE CA  CB   sing N N 248 
PHE CA  HA   sing N N 249 
PHE C   O    doub N N 250 
PHE C   OXT  sing N N 251 
PHE CB  CG   sing N N 252 
PHE CB  HB2  sing N N 253 
PHE CB  HB3  sing N N 254 
PHE CG  CD1  doub Y N 255 
PHE CG  CD2  sing Y N 256 
PHE CD1 CE1  sing Y N 257 
PHE CD1 HD1  sing N N 258 
PHE CD2 CE2  doub Y N 259 
PHE CD2 HD2  sing N N 260 
PHE CE1 CZ   doub Y N 261 
PHE CE1 HE1  sing N N 262 
PHE CE2 CZ   sing Y N 263 
PHE CE2 HE2  sing N N 264 
PHE CZ  HZ   sing N N 265 
PHE OXT HXT  sing N N 266 
PRO N   CA   sing N N 267 
PRO N   CD   sing N N 268 
PRO N   H    sing N N 269 
PRO CA  C    sing N N 270 
PRO CA  CB   sing N N 271 
PRO CA  HA   sing N N 272 
PRO C   O    doub N N 273 
PRO C   OXT  sing N N 274 
PRO CB  CG   sing N N 275 
PRO CB  HB2  sing N N 276 
PRO CB  HB3  sing N N 277 
PRO CG  CD   sing N N 278 
PRO CG  HG2  sing N N 279 
PRO CG  HG3  sing N N 280 
PRO CD  HD2  sing N N 281 
PRO CD  HD3  sing N N 282 
PRO OXT HXT  sing N N 283 
SER N   CA   sing N N 284 
SER N   H    sing N N 285 
SER N   H2   sing N N 286 
SER CA  C    sing N N 287 
SER CA  CB   sing N N 288 
SER CA  HA   sing N N 289 
SER C   O    doub N N 290 
SER C   OXT  sing N N 291 
SER CB  OG   sing N N 292 
SER CB  HB2  sing N N 293 
SER CB  HB3  sing N N 294 
SER OG  HG   sing N N 295 
SER OXT HXT  sing N N 296 
THR N   CA   sing N N 297 
THR N   H    sing N N 298 
THR N   H2   sing N N 299 
THR CA  C    sing N N 300 
THR CA  CB   sing N N 301 
THR CA  HA   sing N N 302 
THR C   O    doub N N 303 
THR C   OXT  sing N N 304 
THR CB  OG1  sing N N 305 
THR CB  CG2  sing N N 306 
THR CB  HB   sing N N 307 
THR OG1 HG1  sing N N 308 
THR CG2 HG21 sing N N 309 
THR CG2 HG22 sing N N 310 
THR CG2 HG23 sing N N 311 
THR OXT HXT  sing N N 312 
TRP N   CA   sing N N 313 
TRP N   H    sing N N 314 
TRP N   H2   sing N N 315 
TRP CA  C    sing N N 316 
TRP CA  CB   sing N N 317 
TRP CA  HA   sing N N 318 
TRP C   O    doub N N 319 
TRP C   OXT  sing N N 320 
TRP CB  CG   sing N N 321 
TRP CB  HB2  sing N N 322 
TRP CB  HB3  sing N N 323 
TRP CG  CD1  doub Y N 324 
TRP CG  CD2  sing Y N 325 
TRP CD1 NE1  sing Y N 326 
TRP CD1 HD1  sing N N 327 
TRP CD2 CE2  doub Y N 328 
TRP CD2 CE3  sing Y N 329 
TRP NE1 CE2  sing Y N 330 
TRP NE1 HE1  sing N N 331 
TRP CE2 CZ2  sing Y N 332 
TRP CE3 CZ3  doub Y N 333 
TRP CE3 HE3  sing N N 334 
TRP CZ2 CH2  doub Y N 335 
TRP CZ2 HZ2  sing N N 336 
TRP CZ3 CH2  sing Y N 337 
TRP CZ3 HZ3  sing N N 338 
TRP CH2 HH2  sing N N 339 
TRP OXT HXT  sing N N 340 
TYR N   CA   sing N N 341 
TYR N   H    sing N N 342 
TYR N   H2   sing N N 343 
TYR CA  C    sing N N 344 
TYR CA  CB   sing N N 345 
TYR CA  HA   sing N N 346 
TYR C   O    doub N N 347 
TYR C   OXT  sing N N 348 
TYR CB  CG   sing N N 349 
TYR CB  HB2  sing N N 350 
TYR CB  HB3  sing N N 351 
TYR CG  CD1  doub Y N 352 
TYR CG  CD2  sing Y N 353 
TYR CD1 CE1  sing Y N 354 
TYR CD1 HD1  sing N N 355 
TYR CD2 CE2  doub Y N 356 
TYR CD2 HD2  sing N N 357 
TYR CE1 CZ   doub Y N 358 
TYR CE1 HE1  sing N N 359 
TYR CE2 CZ   sing Y N 360 
TYR CE2 HE2  sing N N 361 
TYR CZ  OH   sing N N 362 
TYR OH  HH   sing N N 363 
TYR OXT HXT  sing N N 364 
VAL N   CA   sing N N 365 
VAL N   H    sing N N 366 
VAL N   H2   sing N N 367 
VAL CA  C    sing N N 368 
VAL CA  CB   sing N N 369 
VAL CA  HA   sing N N 370 
VAL C   O    doub N N 371 
VAL C   OXT  sing N N 372 
VAL CB  CG1  sing N N 373 
VAL CB  CG2  sing N N 374 
VAL CB  HB   sing N N 375 
VAL CG1 HG11 sing N N 376 
VAL CG1 HG12 sing N N 377 
VAL CG1 HG13 sing N N 378 
VAL CG2 HG21 sing N N 379 
VAL CG2 HG22 sing N N 380 
VAL CG2 HG23 sing N N 381 
VAL OXT HXT  sing N N 382 
# 
_pdbx_initial_refinement_model.id               1 
_pdbx_initial_refinement_model.entity_id_list   ? 
_pdbx_initial_refinement_model.type             'experimental model' 
_pdbx_initial_refinement_model.source_name      PDB 
_pdbx_initial_refinement_model.accession_code   193L 
_pdbx_initial_refinement_model.details          ? 
# 
_atom_sites.entry_id                    4NHP 
_atom_sites.fract_transf_matrix[1][1]   -0.00805680 
_atom_sites.fract_transf_matrix[1][2]   -0.00293804 
_atom_sites.fract_transf_matrix[1][3]   -0.00943225 
_atom_sites.fract_transf_matrix[2][1]   -0.00633087 
_atom_sites.fract_transf_matrix[2][2]   0.01087912 
_atom_sites.fract_transf_matrix[2][3]   0.00201896 
_atom_sites.fract_transf_matrix[3][1]   0.01603037 
_atom_sites.fract_transf_matrix[3][2]   0.01259788 
_atom_sites.fract_transf_matrix[3][3]   -0.01761686 
_atom_sites.fract_transf_vector[1]      -0.257179 
_atom_sites.fract_transf_vector[2]      -0.011523 
_atom_sites.fract_transf_vector[3]      -0.239839 
# 
loop_
_atom_type.symbol 
C  
CL 
IR 
N  
NA 
O  
S  
# 
loop_
_atom_site.group_PDB 
_atom_site.id 
_atom_site.type_symbol 
_atom_site.label_atom_id 
_atom_site.label_alt_id 
_atom_site.label_comp_id 
_atom_site.label_asym_id 
_atom_site.label_entity_id 
_atom_site.label_seq_id 
_atom_site.pdbx_PDB_ins_code 
_atom_site.Cartn_x 
_atom_site.Cartn_y 
_atom_site.Cartn_z 
_atom_site.occupancy 
_atom_site.B_iso_or_equiv 
_atom_site.pdbx_formal_charge 
_atom_site.auth_seq_id 
_atom_site.auth_comp_id 
_atom_site.auth_asym_id 
_atom_site.auth_atom_id 
_atom_site.pdbx_PDB_model_num 
ATOM   1    N  N   . LYS A 1 1   ? -13.643 -3.203  -1.149  1.00 12.57 ? 1    LYS A N   1 
ATOM   2    C  CA  . LYS A 1 1   ? -13.660 -4.486  -0.347  1.00 11.65 ? 1    LYS A CA  1 
ATOM   3    C  C   . LYS A 1 1   ? -12.905 -4.195  0.928   1.00 12.03 ? 1    LYS A C   1 
ATOM   4    O  O   . LYS A 1 1   ? -11.820 -3.560  0.851   1.00 12.44 ? 1    LYS A O   1 
ATOM   5    C  CB  . LYS A 1 1   ? -12.944 -5.590  -1.128  1.00 12.69 ? 1    LYS A CB  1 
ATOM   6    C  CG  . LYS A 1 1   ? -12.683 -6.891  -0.381  1.00 12.79 ? 1    LYS A CG  1 
ATOM   7    C  CD  . LYS A 1 1   ? -12.095 -7.949  -1.295  1.00 13.98 ? 1    LYS A CD  1 
ATOM   8    C  CE  . LYS A 1 1   ? -11.698 -9.133  -0.404  1.00 15.03 ? 1    LYS A CE  1 
ATOM   9    N  NZ  . LYS A 1 1   ? -11.482 -10.376 -1.236  1.00 18.19 ? 1    LYS A NZ  1 
ATOM   10   N  N   . VAL A 1 2   ? -13.472 -4.618  2.062   1.00 11.84 ? 2    VAL A N   1 
ATOM   11   C  CA  . VAL A 1 2   ? -12.715 -4.493  3.300   1.00 11.81 ? 2    VAL A CA  1 
ATOM   12   C  C   . VAL A 1 2   ? -12.146 -5.876  3.598   1.00 11.98 ? 2    VAL A C   1 
ATOM   13   O  O   . VAL A 1 2   ? -12.908 -6.854  3.910   1.00 14.46 ? 2    VAL A O   1 
ATOM   14   C  CB  . VAL A 1 2   ? -13.593 -3.963  4.487   1.00 12.86 ? 2    VAL A CB  1 
ATOM   15   C  CG1 . VAL A 1 2   ? -12.767 -3.983  5.791   1.00 14.61 ? 2    VAL A CG1 1 
ATOM   16   C  CG2 . VAL A 1 2   ? -14.113 -2.507  4.144   1.00 14.49 ? 2    VAL A CG2 1 
ATOM   17   N  N   . PHE A 1 3   ? -10.837 -5.980  3.486   1.00 11.42 ? 3    PHE A N   1 
ATOM   18   C  CA  . PHE A 1 3   ? -10.190 -7.272  3.765   1.00 12.50 ? 3    PHE A CA  1 
ATOM   19   C  C   . PHE A 1 3   ? -10.112 -7.570  5.241   1.00 12.30 ? 3    PHE A C   1 
ATOM   20   O  O   . PHE A 1 3   ? -9.992  -6.661  6.078   1.00 11.17 ? 3    PHE A O   1 
ATOM   21   C  CB  . PHE A 1 3   ? -8.720  -7.288  3.281   1.00 12.62 ? 3    PHE A CB  1 
ATOM   22   C  CG  . PHE A 1 3   ? -8.584  -7.600  1.874   1.00 13.11 ? 3    PHE A CG  1 
ATOM   23   C  CD1 . PHE A 1 3   ? -8.851  -6.592  0.934   1.00 12.30 ? 3    PHE A CD1 1 
ATOM   24   C  CD2 . PHE A 1 3   ? -8.179  -8.872  1.465   1.00 13.27 ? 3    PHE A CD2 1 
ATOM   25   C  CE1 . PHE A 1 3   ? -8.700  -6.852  -0.386  1.00 12.60 ? 3    PHE A CE1 1 
ATOM   26   C  CE2 . PHE A 1 3   ? -8.044  -9.124  0.143   1.00 12.63 ? 3    PHE A CE2 1 
ATOM   27   C  CZ  . PHE A 1 3   ? -8.288  -8.131  -0.799  1.00 11.70 ? 3    PHE A CZ  1 
ATOM   28   N  N   . GLY A 1 4   ? -10.135 -8.873  5.578   1.00 13.16 ? 4    GLY A N   1 
ATOM   29   C  CA  . GLY A 1 4   ? -9.771  -9.203  6.941   1.00 14.80 ? 4    GLY A CA  1 
ATOM   30   C  C   . GLY A 1 4   ? -8.217  -9.159  7.057   1.00 12.65 ? 4    GLY A C   1 
ATOM   31   O  O   . GLY A 1 4   ? -7.499  -9.220  6.004   1.00 13.45 ? 4    GLY A O   1 
ATOM   32   N  N   . ARG A 1 5   ? -7.687  -9.097  8.282   1.00 13.15 ? 5    ARG A N   1 
ATOM   33   C  CA  . ARG A 1 5   ? -6.243  -9.070  8.434   1.00 12.41 ? 5    ARG A CA  1 
ATOM   34   C  C   . ARG A 1 5   ? -5.472  -10.258 7.756   1.00 11.07 ? 5    ARG A C   1 
ATOM   35   O  O   . ARG A 1 5   ? -4.518  -10.051 6.988   1.00 12.78 ? 5    ARG A O   1 
ATOM   36   C  CB  . ARG A 1 5   ? -5.911  -9.010  9.953   1.00 13.18 ? 5    ARG A CB  1 
ATOM   37   C  CG  . ARG A 1 5   ? -4.482  -9.072  10.335  1.00 15.26 ? 5    ARG A CG  1 
ATOM   38   C  CD  . ARG A 1 5   ? -4.254  -8.981  11.877  1.00 18.40 ? 5    ARG A CD  1 
ATOM   39   N  NE  . ARG A 1 5   ? -4.830  -10.107 12.638  1.00 16.91 ? 5    ARG A NE  1 
ATOM   40   C  CZ  . ARG A 1 5   ? -4.195  -11.258 12.867  1.00 17.19 ? 5    ARG A CZ  1 
ATOM   41   N  NH1 . ARG A 1 5   ? -2.950  -11.487 12.425  1.00 15.03 ? 5    ARG A NH1 1 
ATOM   42   N  NH2 . ARG A 1 5   ? -4.791  -12.187 13.581  1.00 19.38 ? 5    ARG A NH2 1 
ATOM   43   N  N   . CYS A 1 6   ? -5.800  -11.469 8.177   1.00 12.73 ? 6    CYS A N   1 
ATOM   44   C  CA  . CYS A 1 6   ? -5.151  -12.647 7.600   1.00 12.59 ? 6    CYS A CA  1 
ATOM   45   C  C   . CYS A 1 6   ? -5.492  -12.840 6.097   1.00 11.65 ? 6    CYS A C   1 
ATOM   46   O  O   . CYS A 1 6   ? -4.667  -13.352 5.332   1.00 12.60 ? 6    CYS A O   1 
ATOM   47   C  CB  . CYS A 1 6   ? -5.539  -13.938 8.389   1.00 12.70 ? 6    CYS A CB  1 
ATOM   48   S  SG  . CYS A 1 6   ? -4.834  -13.925 10.044  1.00 16.31 ? 6    CYS A SG  1 
ATOM   49   N  N   . GLU A 1 7   ? -6.706  -12.424 5.699   1.00 12.42 ? 7    GLU A N   1 
ATOM   50   C  CA  . GLU A 1 7   ? -7.067  -12.481 4.294   1.00 10.94 ? 7    GLU A CA  1 
ATOM   51   C  C   . GLU A 1 7   ? -6.109  -11.577 3.483   1.00 11.63 ? 7    GLU A C   1 
ATOM   52   O  O   . GLU A 1 7   ? -5.574  -11.981 2.450   1.00 12.48 ? 7    GLU A O   1 
ATOM   53   C  CB  . GLU A 1 7   ? -8.501  -11.994 4.087   1.00 14.14 ? 7    GLU A CB  1 
ATOM   54   C  CG  . GLU A 1 7   ? -8.999  -12.172 2.704   1.00 14.78 ? 7    GLU A CG  1 
ATOM   55   C  CD  . GLU A 1 7   ? -10.373 -11.536 2.524   1.00 14.16 ? 7    GLU A CD  1 
ATOM   56   O  OE1 . GLU A 1 7   ? -10.837 -10.748 3.378   1.00 14.33 ? 7    GLU A OE1 1 
ATOM   57   O  OE2 . GLU A 1 7   ? -10.989 -11.862 1.501   1.00 16.59 ? 7    GLU A OE2 1 
ATOM   58   N  N   . LEU A 1 8   ? -5.900  -10.326 3.943   1.00 10.70 ? 8    LEU A N   1 
ATOM   59   C  CA  . LEU A 1 8   ? -4.976  -9.460  3.221   1.00 11.73 ? 8    LEU A CA  1 
ATOM   60   C  C   . LEU A 1 8   ? -3.551  -9.985  3.246   1.00 10.84 ? 8    LEU A C   1 
ATOM   61   O  O   . LEU A 1 8   ? -2.834  -9.844  2.209   1.00 11.89 ? 8    LEU A O   1 
ATOM   62   C  CB  . LEU A 1 8   ? -5.060  -8.035  3.788   1.00 10.53 ? 8    LEU A CB  1 
ATOM   63   C  CG  . LEU A 1 8   ? -4.209  -7.039  3.011   1.00 10.16 ? 8    LEU A CG  1 
ATOM   64   C  CD1 . LEU A 1 8   ? -4.698  -6.865  1.587   1.00 10.95 ? 8    LEU A CD1 1 
ATOM   65   C  CD2 . LEU A 1 8   ? -4.220  -5.671  3.791   1.00 12.91 ? 8    LEU A CD2 1 
ATOM   66   N  N   . ALA A 1 9   ? -3.129  -10.539 4.383   1.00 12.69 ? 9    ALA A N   1 
ATOM   67   C  CA  . ALA A 1 9   ? -1.807  -11.122 4.429   1.00 12.18 ? 9    ALA A CA  1 
ATOM   68   C  C   . ALA A 1 9   ? -1.593  -12.180 3.318   1.00 12.01 ? 9    ALA A C   1 
ATOM   69   O  O   . ALA A 1 9   ? -0.591  -12.182 2.633   1.00 12.76 ? 9    ALA A O   1 
ATOM   70   C  CB  . ALA A 1 9   ? -1.562  -11.738 5.815   1.00 14.84 ? 9    ALA A CB  1 
ATOM   71   N  N   . ALA A 1 10  ? -2.602  -13.047 3.154   1.00 13.11 ? 10   ALA A N   1 
ATOM   72   C  CA  . ALA A 1 10  ? -2.487  -14.141 2.161   1.00 13.93 ? 10   ALA A CA  1 
ATOM   73   C  C   . ALA A 1 10  ? -2.540  -13.567 0.742   1.00 13.92 ? 10   ALA A C   1 
ATOM   74   O  O   . ALA A 1 10  ? -1.827  -13.978 -0.151  1.00 14.16 ? 10   ALA A O   1 
ATOM   75   C  CB  . ALA A 1 10  ? -3.642  -15.135 2.479   1.00 16.31 ? 10   ALA A CB  1 
ATOM   76   N  N   . ALA A 1 11  ? -3.389  -12.580 0.504   1.00 11.76 ? 11   ALA A N   1 
ATOM   77   C  CA  . ALA A 1 11  ? -3.406  -11.947 -0.822  1.00 11.56 ? 11   ALA A CA  1 
ATOM   78   C  C   . ALA A 1 11  ? -2.059  -11.237 -1.099  1.00 9.03  ? 11   ALA A C   1 
ATOM   79   O  O   . ALA A 1 11  ? -1.540  -11.275 -2.237  1.00 10.72 ? 11   ALA A O   1 
ATOM   80   C  CB  . ALA A 1 11  ? -4.564  -10.918 -0.862  1.00 10.69 ? 11   ALA A CB  1 
ATOM   81   N  N   . MET A 1 12  ? -1.490  -10.571 -0.085  1.00 11.64 ? 12   MET A N   1 
ATOM   82   C  CA  . MET A 1 12  ? -0.210  -9.869  -0.348  1.00 11.76 ? 12   MET A CA  1 
ATOM   83   C  C   . MET A 1 12  ? 0.884   -10.862 -0.645  1.00 11.74 ? 12   MET A C   1 
ATOM   84   O  O   . MET A 1 12  ? 1.684   -10.635 -1.553  1.00 13.85 ? 12   MET A O   1 
ATOM   85   C  CB  . MET A 1 12  ? 0.147   -8.954  0.866   1.00 11.52 ? 12   MET A CB  1 
ATOM   86   C  CG  . MET A 1 12  ? -0.774  -7.701  0.890   1.00 10.18 ? 12   MET A CG  1 
ATOM   87   S  SD  . MET A 1 12  ? -0.316  -6.787  2.362   1.00 11.32 ? 12   MET A SD  1 
ATOM   88   C  CE  . MET A 1 12  ? -0.819  -5.125  1.882   1.00 11.66 ? 12   MET A CE  1 
ATOM   89   N  N   . LYS A 1 13  ? 0.834   -11.993 0.066   1.00 12.93 ? 13   LYS A N   1 
ATOM   90   C  CA  . LYS A 1 13  ? 1.861   -13.052 -0.142  1.00 15.55 ? 13   LYS A CA  1 
ATOM   91   C  C   . LYS A 1 13  ? 1.712   -13.653 -1.524  1.00 14.82 ? 13   LYS A C   1 
ATOM   92   O  O   . LYS A 1 13  ? 2.724   -13.868 -2.258  1.00 15.40 ? 13   LYS A O   1 
ATOM   93   C  CB  . LYS A 1 13  ? 1.715   -14.096 0.962   1.00 17.13 ? 13   LYS A CB  1 
ATOM   94   C  CG  . LYS A 1 13  ? 2.684   -15.269 0.759   1.00 20.68 ? 13   LYS A CG  1 
ATOM   95   C  CD  . LYS A 1 13  ? 2.778   -16.107 2.046   1.00 20.09 ? 13   LYS A CD  1 
ATOM   96   C  CE  . LYS A 1 13  ? 3.654   -17.431 1.782   1.00 25.45 ? 13   LYS A CE  1 
ATOM   97   N  NZ  . LYS A 1 13  ? 4.002   -18.156 3.010   1.00 26.52 ? 13   LYS A NZ  1 
ATOM   98   N  N   . ARG A 1 14  ? 0.456   -13.885 -1.934  1.00 14.11 ? 14   ARG A N   1 
ATOM   99   C  CA  . ARG A 1 14  ? 0.232   -14.467 -3.235  1.00 15.88 ? 14   ARG A CA  1 
ATOM   100  C  C   . ARG A 1 14  ? 0.765   -13.547 -4.317  1.00 15.68 ? 14   ARG A C   1 
ATOM   101  O  O   . ARG A 1 14  ? 1.157   -14.013 -5.387  1.00 18.16 ? 14   ARG A O   1 
ATOM   102  C  CB  . ARG A 1 14  ? -1.242  -14.709 -3.524  1.00 18.59 ? 14   ARG A CB  1 
ATOM   103  C  CG  . ARG A 1 14  ? -1.404  -15.588 -4.740  1.00 23.94 ? 14   ARG A CG  1 
ATOM   104  C  CD  . ARG A 1 14  ? -2.808  -16.026 -4.944  1.00 23.52 ? 14   ARG A CD  1 
ATOM   105  N  NE  . ARG A 1 14  ? -3.642  -14.940 -5.448  1.00 26.00 ? 14   ARG A NE  1 
ATOM   106  C  CZ  . ARG A 1 14  ? -3.719  -14.588 -6.737  1.00 26.83 ? 14   ARG A CZ  1 
ATOM   107  N  NH1 . ARG A 1 14  ? -2.975  -15.224 -7.639  1.00 27.80 ? 14   ARG A NH1 1 
ATOM   108  N  NH2 . ARG A 1 14  ? -4.593  -13.666 -7.097  1.00 26.19 ? 14   ARG A NH2 1 
ATOM   109  N  N   . HIS A 1 15  ? 0.616   -12.225 -4.088  1.00 13.85 ? 15   HIS A N   1 
ATOM   110  C  CA  . HIS A 1 15  ? 1.077   -11.220 -5.029  1.00 15.45 ? 15   HIS A CA  1 
ATOM   111  C  C   . HIS A 1 15  ? 2.522   -10.838 -4.913  1.00 15.24 ? 15   HIS A C   1 
ATOM   112  O  O   . HIS A 1 15  ? 2.970   -9.906  -5.532  1.00 17.54 ? 15   HIS A O   1 
ATOM   113  C  CB  . HIS A 1 15  ? 0.122   -10.018 -4.991  1.00 13.60 ? 15   HIS A CB  1 
ATOM   114  C  CG  . HIS A 1 15  ? -1.180  -10.298 -5.665  1.00 15.70 ? 15   HIS A CG  1 
ATOM   115  N  ND1 . HIS A 1 15  ? -2.316  -10.656 -4.973  1.00 16.56 ? 15   HIS A ND1 1 
ATOM   116  C  CD2 . HIS A 1 15  ? -1.540  -10.256 -6.973  1.00 21.04 ? 15   HIS A CD2 1 
ATOM   117  C  CE1 . HIS A 1 15  ? -3.330  -10.794 -5.821  1.00 18.36 ? 15   HIS A CE1 1 
ATOM   118  N  NE2 . HIS A 1 15  ? -2.876  -10.574 -7.042  1.00 21.08 ? 15   HIS A NE2 1 
ATOM   119  N  N   . GLY A 1 16  ? 3.281   -11.586 -4.110  1.00 16.03 ? 16   GLY A N   1 
ATOM   120  C  CA  . GLY A 1 16  ? 4.730   -11.397 -4.116  1.00 16.50 ? 16   GLY A CA  1 
ATOM   121  C  C   . GLY A 1 16  ? 5.272   -10.353 -3.194  1.00 15.61 ? 16   GLY A C   1 
ATOM   122  O  O   . GLY A 1 16  ? 6.410   -9.956  -3.329  1.00 16.05 ? 16   GLY A O   1 
ATOM   123  N  N   . LEU A 1 17  ? 4.453   -9.875  -2.293  1.00 14.42 ? 17   LEU A N   1 
ATOM   124  C  CA  . LEU A 1 17  ? 4.945   -8.824  -1.355  1.00 15.38 ? 17   LEU A CA  1 
ATOM   125  C  C   . LEU A 1 17  ? 5.763   -9.250  -0.133  1.00 15.58 ? 17   LEU A C   1 
ATOM   126  O  O   . LEU A 1 17  ? 6.518   -8.439  0.460   1.00 16.46 ? 17   LEU A O   1 
ATOM   127  C  CB  . LEU A 1 17  ? 3.771   -7.965  -0.810  1.00 17.22 ? 17   LEU A CB  1 
ATOM   128  C  CG  . LEU A 1 17  ? 3.757   -6.435  -0.877  1.00 20.81 ? 17   LEU A CG  1 
ATOM   129  C  CD1 . LEU A 1 17  ? 4.562   -5.832  -2.030  1.00 14.94 ? 17   LEU A CD1 1 
ATOM   130  C  CD2 . LEU A 1 17  ? 2.314   -5.974  -0.741  1.00 18.37 ? 17   LEU A CD2 1 
ATOM   131  N  N   A ASP A 1 18  ? 5.715   -10.536 0.281   0.61 16.71 ? 18   ASP A N   1 
ATOM   132  N  N   B ASP A 1 18  ? 5.580   -10.499 0.232   0.39 15.37 ? 18   ASP A N   1 
ATOM   133  C  CA  A ASP A 1 18  ? 6.504   -11.018 1.456   0.61 17.50 ? 18   ASP A CA  1 
ATOM   134  C  CA  B ASP A 1 18  ? 6.201   -11.073 1.383   0.39 14.84 ? 18   ASP A CA  1 
ATOM   135  C  C   A ASP A 1 18  ? 7.957   -10.931 1.143   0.61 18.11 ? 18   ASP A C   1 
ATOM   136  C  C   B ASP A 1 18  ? 7.718   -11.175 1.289   0.39 14.93 ? 18   ASP A C   1 
ATOM   137  O  O   A ASP A 1 18  ? 8.426   -11.495 0.147   0.61 17.97 ? 18   ASP A O   1 
ATOM   138  O  O   B ASP A 1 18  ? 8.277   -12.088 0.680   0.39 13.94 ? 18   ASP A O   1 
ATOM   139  C  CB  A ASP A 1 18  ? 6.146   -12.463 1.879   0.61 19.27 ? 18   ASP A CB  1 
ATOM   140  C  CB  B ASP A 1 18  ? 5.489   -12.394 1.622   0.39 14.85 ? 18   ASP A CB  1 
ATOM   141  C  CG  A ASP A 1 18  ? 6.706   -12.889 3.277   0.61 18.95 ? 18   ASP A CG  1 
ATOM   142  C  CG  B ASP A 1 18  ? 5.722   -13.367 0.504   0.39 13.20 ? 18   ASP A CG  1 
ATOM   143  O  OD1 A ASP A 1 18  ? 7.262   -12.095 4.136   0.61 17.40 ? 18   ASP A OD1 1 
ATOM   144  O  OD1 B ASP A 1 18  ? 6.309   -14.425 0.878   0.39 14.63 ? 18   ASP A OD1 1 
ATOM   145  O  OD2 A ASP A 1 18  ? 6.560   -14.148 3.533   0.61 22.19 ? 18   ASP A OD2 1 
ATOM   146  O  OD2 B ASP A 1 18  ? 5.337   -13.087 -0.712  0.39 10.75 ? 18   ASP A OD2 1 
ATOM   147  N  N   A ASN A 1 19  ? 8.644   -10.247 2.050   0.71 17.32 ? 19   ASN A N   1 
ATOM   148  N  N   B ASN A 1 19  ? 8.373   -10.206 1.917   0.29 13.80 ? 19   ASN A N   1 
ATOM   149  C  CA  A ASN A 1 19  ? 10.058  -9.899  1.982   0.71 15.81 ? 19   ASN A CA  1 
ATOM   150  C  CA  B ASN A 1 19  ? 9.832   -10.057 1.908   0.29 13.18 ? 19   ASN A CA  1 
ATOM   151  C  C   A ASN A 1 19  ? 10.426  -9.111  0.661   0.71 14.03 ? 19   ASN A C   1 
ATOM   152  C  C   B ASN A 1 19  ? 10.329  -9.277  0.633   0.29 12.98 ? 19   ASN A C   1 
ATOM   153  O  O   A ASN A 1 19  ? 11.597  -8.984  0.296   0.71 14.23 ? 19   ASN A O   1 
ATOM   154  O  O   B ASN A 1 19  ? 11.495  -9.312  0.284   0.29 13.66 ? 19   ASN A O   1 
ATOM   155  C  CB  A ASN A 1 19  ? 10.936  -11.130 2.109   0.71 18.35 ? 19   ASN A CB  1 
ATOM   156  C  CB  B ASN A 1 19  ? 10.523  -11.433 2.006   0.29 12.96 ? 19   ASN A CB  1 
ATOM   157  C  CG  A ASN A 1 19  ? 12.040  -10.913 3.063   0.71 21.73 ? 19   ASN A CG  1 
ATOM   158  C  CG  B ASN A 1 19  ? 10.286  -12.112 3.342   0.29 12.40 ? 19   ASN A CG  1 
ATOM   159  O  OD1 A ASN A 1 19  ? 12.058  -9.910  3.824   0.71 25.06 ? 19   ASN A OD1 1 
ATOM   160  O  OD1 B ASN A 1 19  ? 10.268  -11.472 4.386   0.29 15.39 ? 19   ASN A OD1 1 
ATOM   161  N  ND2 A ASN A 1 19  ? 12.998  -11.824 3.048   0.71 23.59 ? 19   ASN A ND2 1 
ATOM   162  N  ND2 B ASN A 1 19  ? 10.110  -13.420 3.309   0.29 14.32 ? 19   ASN A ND2 1 
ATOM   163  N  N   . TYR A 1 20  ? 9.427   -8.573  -0.057  1.00 13.40 ? 20   TYR A N   1 
ATOM   164  C  CA  . TYR A 1 20  ? 9.766   -7.782  -1.231  1.00 13.13 ? 20   TYR A CA  1 
ATOM   165  C  C   . TYR A 1 20  ? 10.662  -6.573  -0.785  1.00 13.11 ? 20   TYR A C   1 
ATOM   166  O  O   . TYR A 1 20  ? 10.290  -5.827  0.167   1.00 12.35 ? 20   TYR A O   1 
ATOM   167  C  CB  . TYR A 1 20  ? 8.474   -7.244  -1.902  1.00 14.14 ? 20   TYR A CB  1 
ATOM   168  C  CG  . TYR A 1 20  ? 8.800   -6.602  -3.233  1.00 12.78 ? 20   TYR A CG  1 
ATOM   169  C  CD1 . TYR A 1 20  ? 8.901   -7.407  -4.391  1.00 11.65 ? 20   TYR A CD1 1 
ATOM   170  C  CD2 . TYR A 1 20  ? 9.073   -5.253  -3.353  1.00 12.50 ? 20   TYR A CD2 1 
ATOM   171  C  CE1 . TYR A 1 20  ? 9.261   -6.860  -5.632  1.00 13.58 ? 20   TYR A CE1 1 
ATOM   172  C  CE2 . TYR A 1 20  ? 9.441   -4.707  -4.636  1.00 13.84 ? 20   TYR A CE2 1 
ATOM   173  C  CZ  . TYR A 1 20  ? 9.529   -5.523  -5.734  1.00 14.36 ? 20   TYR A CZ  1 
ATOM   174  O  OH  . TYR A 1 20  ? 9.915   -4.974  -6.933  1.00 17.20 ? 20   TYR A OH  1 
ATOM   175  N  N   . ARG A 1 21  ? 11.812  -6.365  -1.439  1.00 11.49 ? 21   ARG A N   1 
ATOM   176  C  CA  . ARG A 1 21  ? 12.754  -5.323  -1.058  1.00 13.55 ? 21   ARG A CA  1 
ATOM   177  C  C   . ARG A 1 21  ? 13.158  -5.525  0.424   1.00 11.89 ? 21   ARG A C   1 
ATOM   178  O  O   . ARG A 1 21  ? 13.588  -4.562  1.078   1.00 14.79 ? 21   ARG A O   1 
ATOM   179  C  CB  . ARG A 1 21  ? 12.216  -3.938  -1.298  1.00 15.07 ? 21   ARG A CB  1 
ATOM   180  C  CG  . ARG A 1 21  ? 12.364  -3.550  -2.807  1.00 19.00 ? 21   ARG A CG  1 
ATOM   181  C  CD  . ARG A 1 21  ? 13.732  -2.821  -3.136  1.00 22.52 ? 21   ARG A CD  1 
ATOM   182  N  NE  . ARG A 1 21  ? 13.934  -3.084  -4.560  1.00 26.70 ? 21   ARG A NE  1 
ATOM   183  C  CZ  . ARG A 1 21  ? 14.791  -2.456  -5.366  1.00 28.04 ? 21   ARG A CZ  1 
ATOM   184  N  NH1 . ARG A 1 21  ? 15.606  -1.491  -4.896  1.00 28.74 ? 21   ARG A NH1 1 
ATOM   185  N  NH2 . ARG A 1 21  ? 14.741  -2.767  -6.681  1.00 29.85 ? 21   ARG A NH2 1 
ATOM   186  N  N   . GLY A 1 22  ? 13.025  -6.765  0.900   1.00 12.33 ? 22   GLY A N   1 
ATOM   187  C  CA  . GLY A 1 22  ? 13.431  -7.045  2.281   1.00 12.92 ? 22   GLY A CA  1 
ATOM   188  C  C   . GLY A 1 22  ? 12.419  -6.751  3.376   1.00 12.64 ? 22   GLY A C   1 
ATOM   189  O  O   . GLY A 1 22  ? 12.708  -6.794  4.543   1.00 12.10 ? 22   GLY A O   1 
ATOM   190  N  N   . TYR A 1 23  ? 11.196  -6.336  2.997   1.00 10.72 ? 23   TYR A N   1 
ATOM   191  C  CA  . TYR A 1 23  ? 10.171  -6.039  3.977   1.00 10.08 ? 23   TYR A CA  1 
ATOM   192  C  C   . TYR A 1 23  ? 9.256   -7.200  4.208   1.00 8.49  ? 23   TYR A C   1 
ATOM   193  O  O   . TYR A 1 23  ? 8.530   -7.617  3.311   1.00 10.73 ? 23   TYR A O   1 
ATOM   194  C  CB  . TYR A 1 23  ? 9.374   -4.752  3.545   1.00 10.60 ? 23   TYR A CB  1 
ATOM   195  C  CG  . TYR A 1 23  ? 10.192  -3.491  3.572   1.00 9.71  ? 23   TYR A CG  1 
ATOM   196  C  CD1 . TYR A 1 23  ? 10.241  -2.779  4.786   1.00 10.76 ? 23   TYR A CD1 1 
ATOM   197  C  CD2 . TYR A 1 23  ? 10.922  -3.022  2.473   1.00 10.24 ? 23   TYR A CD2 1 
ATOM   198  C  CE1 . TYR A 1 23  ? 10.968  -1.622  4.917   1.00 10.14 ? 23   TYR A CE1 1 
ATOM   199  C  CE2 . TYR A 1 23  ? 11.712  -1.880  2.610   1.00 9.30  ? 23   TYR A CE2 1 
ATOM   200  C  CZ  . TYR A 1 23  ? 11.736  -1.185  3.827   1.00 10.15 ? 23   TYR A CZ  1 
ATOM   201  O  OH  . TYR A 1 23  ? 12.478  -0.030  3.855   1.00 11.13 ? 23   TYR A OH  1 
ATOM   202  N  N   . SER A 1 24  ? 9.388   -7.760  5.389   1.00 11.03 ? 24   SER A N   1 
ATOM   203  C  CA  . SER A 1 24  ? 8.541   -8.893  5.771   1.00 11.14 ? 24   SER A CA  1 
ATOM   204  C  C   . SER A 1 24  ? 7.057   -8.540  5.634   1.00 11.06 ? 24   SER A C   1 
ATOM   205  O  O   . SER A 1 24  ? 6.574   -7.318  5.712   1.00 12.98 ? 24   SER A O   1 
ATOM   206  C  CB  . SER A 1 24  ? 8.827   -9.318  7.224   1.00 13.87 ? 24   SER A CB  1 
ATOM   207  O  OG  . SER A 1 24  ? 8.388   -8.302  8.129   1.00 16.97 ? 24   SER A OG  1 
ATOM   208  N  N   . LEU A 1 25  ? 6.282   -9.590  5.414   1.00 12.02 ? 25   LEU A N   1 
ATOM   209  C  CA  . LEU A 1 25  ? 4.812   -9.459  5.264   1.00 11.38 ? 25   LEU A CA  1 
ATOM   210  C  C   . LEU A 1 25  ? 4.133   -8.640  6.324   1.00 12.02 ? 25   LEU A C   1 
ATOM   211  O  O   . LEU A 1 25  ? 3.213   -7.850  6.004   1.00 10.64 ? 25   LEU A O   1 
ATOM   212  C  CB  . LEU A 1 25  ? 4.209   -10.857 5.223   1.00 14.79 ? 25   LEU A CB  1 
ATOM   213  C  CG  . LEU A 1 25  ? 2.778   -10.903 4.714   1.00 12.64 ? 25   LEU A CG  1 
ATOM   214  C  CD1 . LEU A 1 25  ? 2.629   -10.388 3.288   1.00 17.11 ? 25   LEU A CD1 1 
ATOM   215  C  CD2 . LEU A 1 25  ? 2.350   -12.474 4.720   1.00 14.06 ? 25   LEU A CD2 1 
ATOM   216  N  N   . GLY A 1 26  ? 4.557   -8.735  7.593   1.00 10.85 ? 26   GLY A N   1 
ATOM   217  C  CA  . GLY A 1 26  ? 3.894   -7.925  8.621   1.00 11.52 ? 26   GLY A CA  1 
ATOM   218  C  C   . GLY A 1 26  ? 4.008   -6.428  8.384   1.00 10.13 ? 26   GLY A C   1 
ATOM   219  O  O   . GLY A 1 26  ? 3.128   -5.656  8.801   1.00 9.91  ? 26   GLY A O   1 
ATOM   220  N  N   . ASN A 1 27  ? 5.121   -5.987  7.772   1.00 10.24 ? 27   ASN A N   1 
ATOM   221  C  CA  . ASN A 1 27  ? 5.293   -4.540  7.487   1.00 8.72  ? 27   ASN A CA  1 
ATOM   222  C  C   . ASN A 1 27  ? 4.253   -4.077  6.534   1.00 9.50  ? 27   ASN A C   1 
ATOM   223  O  O   . ASN A 1 27  ? 3.725   -3.012  6.683   1.00 9.15  ? 27   ASN A O   1 
ATOM   224  C  CB  . ASN A 1 27  ? 6.696   -4.241  6.840   1.00 9.43  ? 27   ASN A CB  1 
ATOM   225  C  CG  . ASN A 1 27  ? 7.772   -4.264  7.879   1.00 8.45  ? 27   ASN A CG  1 
ATOM   226  O  OD1 . ASN A 1 27  ? 7.946   -3.305  8.576   1.00 10.92 ? 27   ASN A OD1 1 
ATOM   227  N  ND2 . ASN A 1 27  ? 8.516   -5.430  7.934   1.00 10.08 ? 27   ASN A ND2 1 
ATOM   228  N  N   . TRP A 1 28  ? 3.952   -4.907  5.550   1.00 9.13  ? 28   TRP A N   1 
ATOM   229  C  CA  . TRP A 1 28  ? 2.948   -4.549  4.556   1.00 8.84  ? 28   TRP A CA  1 
ATOM   230  C  C   . TRP A 1 28  ? 1.538   -4.569  5.116   1.00 9.95  ? 28   TRP A C   1 
ATOM   231  O  O   . TRP A 1 28  ? 0.740   -3.676  4.842   1.00 9.84  ? 28   TRP A O   1 
ATOM   232  C  CB  . TRP A 1 28  ? 3.007   -5.515  3.346   1.00 9.21  ? 28   TRP A CB  1 
ATOM   233  C  CG  . TRP A 1 28  ? 4.331   -5.392  2.623   1.00 10.17 ? 28   TRP A CG  1 
ATOM   234  C  CD1 . TRP A 1 28  ? 5.392   -6.253  2.688   1.00 11.72 ? 28   TRP A CD1 1 
ATOM   235  C  CD2 . TRP A 1 28  ? 4.727   -4.320  1.757   1.00 10.50 ? 28   TRP A CD2 1 
ATOM   236  N  NE1 . TRP A 1 28  ? 6.425   -5.794  1.889   1.00 12.43 ? 28   TRP A NE1 1 
ATOM   237  C  CE2 . TRP A 1 28  ? 6.036   -4.609  1.313   1.00 10.43 ? 28   TRP A CE2 1 
ATOM   238  C  CE3 . TRP A 1 28  ? 4.068   -3.151  1.303   1.00 11.79 ? 28   TRP A CE3 1 
ATOM   239  C  CZ2 . TRP A 1 28  ? 6.720   -3.768  0.427   1.00 9.49  ? 28   TRP A CZ2 1 
ATOM   240  C  CZ3 . TRP A 1 28  ? 4.724   -2.341  0.468   1.00 11.02 ? 28   TRP A CZ3 1 
ATOM   241  C  CH2 . TRP A 1 28  ? 6.060   -2.629  0.023   1.00 12.79 ? 28   TRP A CH2 1 
ATOM   242  N  N   . VAL A 1 29  ? 1.235   -5.509  5.990   1.00 8.70  ? 29   VAL A N   1 
ATOM   243  C  CA  . VAL A 1 29  ? -0.067  -5.578  6.610   1.00 8.23  ? 29   VAL A CA  1 
ATOM   244  C  C   . VAL A 1 29  ? -0.276  -4.401  7.562   1.00 8.35  ? 29   VAL A C   1 
ATOM   245  O  O   . VAL A 1 29  ? -1.358  -3.767  7.640   1.00 9.53  ? 29   VAL A O   1 
ATOM   246  C  CB  . VAL A 1 29  ? -0.318  -6.973  7.320   1.00 11.04 ? 29   VAL A CB  1 
ATOM   247  C  CG1 . VAL A 1 29  ? -1.655  -6.986  8.015   1.00 11.93 ? 29   VAL A CG1 1 
ATOM   248  C  CG2 . VAL A 1 29  ? -0.257  -8.151  6.232   1.00 11.19 ? 29   VAL A CG2 1 
ATOM   249  N  N   . CYS A 1 30  ? 0.752   -4.137  8.358   1.00 9.67  ? 30   CYS A N   1 
ATOM   250  C  CA  . CYS A 1 30  ? 0.706   -3.000  9.272   1.00 8.90  ? 30   CYS A CA  1 
ATOM   251  C  C   . CYS A 1 30  ? 0.494   -1.695  8.486   1.00 8.90  ? 30   CYS A C   1 
ATOM   252  O  O   . CYS A 1 30  ? -0.332  -0.831  8.894   1.00 8.60  ? 30   CYS A O   1 
ATOM   253  C  CB  . CYS A 1 30  ? 2.029   -2.959  10.052  1.00 9.36  ? 30   CYS A CB  1 
ATOM   254  S  SG  . CYS A 1 30  ? 2.017   -1.660  11.318  1.00 10.76 ? 30   CYS A SG  1 
ATOM   255  N  N   . ALA A 1 31  ? 1.264   -1.495  7.403   1.00 9.01  ? 31   ALA A N   1 
ATOM   256  C  CA  . ALA A 1 31  ? 1.033   -0.276  6.660   1.00 8.32  ? 31   ALA A CA  1 
ATOM   257  C  C   . ALA A 1 31  ? -0.389  -0.223  6.105   1.00 9.09  ? 31   ALA A C   1 
ATOM   258  O  O   . ALA A 1 31  ? -0.986  0.848   6.162   1.00 10.42 ? 31   ALA A O   1 
ATOM   259  C  CB  . ALA A 1 31  ? 2.055   -0.214  5.485   1.00 10.60 ? 31   ALA A CB  1 
ATOM   260  N  N   . ALA A 1 32  ? -0.934  -1.306  5.584   1.00 8.68  ? 32   ALA A N   1 
ATOM   261  C  CA  . ALA A 1 32  ? -2.295  -1.230  5.064   1.00 8.04  ? 32   ALA A CA  1 
ATOM   262  C  C   . ALA A 1 32  ? -3.287  -0.971  6.186   1.00 9.61  ? 32   ALA A C   1 
ATOM   263  O  O   . ALA A 1 32  ? -4.336  -0.272  5.971   1.00 8.86  ? 32   ALA A O   1 
ATOM   264  C  CB  . ALA A 1 32  ? -2.659  -2.549  4.341   1.00 8.81  ? 32   ALA A CB  1 
ATOM   265  N  N   . LYS A 1 33  ? -3.097  -1.593  7.347   1.00 8.70  ? 33   LYS A N   1 
ATOM   266  C  CA  . LYS A 1 33  ? -4.028  -1.322  8.477   1.00 9.48  ? 33   LYS A CA  1 
ATOM   267  C  C   . LYS A 1 33  ? -4.152  0.202   8.769   1.00 8.82  ? 33   LYS A C   1 
ATOM   268  O  O   . LYS A 1 33  ? -5.239  0.790   8.839   1.00 10.51 ? 33   LYS A O   1 
ATOM   269  C  CB  . LYS A 1 33  ? -3.481  -2.000  9.774   1.00 9.75  ? 33   LYS A CB  1 
ATOM   270  C  CG  . LYS A 1 33  ? -4.253  -1.584  11.041  1.00 12.67 ? 33   LYS A CG  1 
ATOM   271  C  CD  . LYS A 1 33  ? -5.701  -2.019  10.914  1.00 14.39 ? 33   LYS A CD  1 
ATOM   272  C  CE  . LYS A 1 33  ? -6.417  -1.673  12.249  1.00 17.76 ? 33   LYS A CE  1 
ATOM   273  N  NZ  . LYS A 1 33  ? -7.905  -1.903  12.209  1.00 19.41 ? 33   LYS A NZ  1 
ATOM   274  N  N   . PHE A 1 34  ? -2.993  0.851   8.902   1.00 10.51 ? 34   PHE A N   1 
ATOM   275  C  CA  . PHE A 1 34  ? -3.028  2.276   9.223   1.00 10.59 ? 34   PHE A CA  1 
ATOM   276  C  C   . PHE A 1 34  ? -3.219  3.209   8.049   1.00 11.92 ? 34   PHE A C   1 
ATOM   277  O  O   . PHE A 1 34  ? -3.747  4.345   8.233   1.00 13.58 ? 34   PHE A O   1 
ATOM   278  C  CB  . PHE A 1 34  ? -1.785  2.625   10.074  1.00 12.09 ? 34   PHE A CB  1 
ATOM   279  C  CG  . PHE A 1 34  ? -1.781  1.890   11.400  1.00 12.70 ? 34   PHE A CG  1 
ATOM   280  C  CD1 . PHE A 1 34  ? -2.881  1.936   12.266  1.00 12.94 ? 34   PHE A CD1 1 
ATOM   281  C  CD2 . PHE A 1 34  ? -0.701  1.103   11.755  1.00 11.61 ? 34   PHE A CD2 1 
ATOM   282  C  CE1 . PHE A 1 34  ? -2.876  1.210   13.492  1.00 13.29 ? 34   PHE A CE1 1 
ATOM   283  C  CE2 . PHE A 1 34  ? -0.710  0.394   12.951  1.00 15.21 ? 34   PHE A CE2 1 
ATOM   284  C  CZ  . PHE A 1 34  ? -1.768  0.458   13.785  1.00 14.52 ? 34   PHE A CZ  1 
ATOM   285  N  N   . GLU A 1 35  ? -2.916  2.775   6.841   1.00 11.17 ? 35   GLU A N   1 
ATOM   286  C  CA  . GLU A 1 35  ? -3.187  3.693   5.726   1.00 10.07 ? 35   GLU A CA  1 
ATOM   287  C  C   . GLU A 1 35  ? -4.709  3.679   5.333   1.00 11.23 ? 35   GLU A C   1 
ATOM   288  O  O   . GLU A 1 35  ? -5.300  4.725   5.068   1.00 10.97 ? 35   GLU A O   1 
ATOM   289  C  CB  . GLU A 1 35  ? -2.391  3.211   4.463   1.00 11.24 ? 35   GLU A CB  1 
ATOM   290  C  CG  . GLU A 1 35  ? -0.887  3.457   4.508   1.00 11.26 ? 35   GLU A CG  1 
ATOM   291  C  CD  . GLU A 1 35  ? -0.540  4.944   4.588   1.00 11.95 ? 35   GLU A CD  1 
ATOM   292  O  OE1 . GLU A 1 35  ? -1.467  5.801   4.453   1.00 11.66 ? 35   GLU A OE1 1 
ATOM   293  O  OE2 . GLU A 1 35  ? 0.643   5.252   4.763   1.00 12.69 ? 35   GLU A OE2 1 
ATOM   294  N  N   . SER A 1 36  ? -5.354  2.517   5.397   1.00 10.46 ? 36   SER A N   1 
ATOM   295  C  CA  . SER A 1 36  ? -6.724  2.360   4.875   1.00 9.36  ? 36   SER A CA  1 
ATOM   296  C  C   . SER A 1 36  ? -7.643  1.555   5.721   1.00 9.44  ? 36   SER A C   1 
ATOM   297  O  O   . SER A 1 36  ? -8.780  1.358   5.307   1.00 11.42 ? 36   SER A O   1 
ATOM   298  C  CB  . SER A 1 36  ? -6.662  1.615   3.567   1.00 10.18 ? 36   SER A CB  1 
ATOM   299  O  OG  . SER A 1 36  ? -6.194  0.258   3.687   1.00 8.98  ? 36   SER A OG  1 
ATOM   300  N  N   . ASN A 1 37  ? -7.203  1.019   6.860   1.00 10.05 ? 37   ASN A N   1 
ATOM   301  C  CA  . ASN A 1 37  ? -8.050  0.066   7.632   1.00 11.11 ? 37   ASN A CA  1 
ATOM   302  C  C   . ASN A 1 37  ? -8.498  -1.155  6.762   1.00 8.55  ? 37   ASN A C   1 
ATOM   303  O  O   . ASN A 1 37  ? -9.584  -1.717  6.964   1.00 11.34 ? 37   ASN A O   1 
ATOM   304  C  CB  . ASN A 1 37  ? -9.282  0.705   8.320   1.00 14.59 ? 37   ASN A CB  1 
ATOM   305  C  CG  . ASN A 1 37  ? -9.603  0.029   9.650   1.00 17.20 ? 37   ASN A CG  1 
ATOM   306  O  OD1 . ASN A 1 37  ? -8.798  -0.740  10.197  1.00 20.15 ? 37   ASN A OD1 1 
ATOM   307  N  ND2 . ASN A 1 37  ? -10.791 0.307   10.179  1.00 22.06 ? 37   ASN A ND2 1 
ATOM   308  N  N   . PHE A 1 38  ? -7.608  -1.575  5.859   1.00 9.02  ? 38   PHE A N   1 
ATOM   309  C  CA  . PHE A 1 38  ? -7.797  -2.703  4.990   1.00 7.95  ? 38   PHE A CA  1 
ATOM   310  C  C   . PHE A 1 38  ? -8.911  -2.540  4.007   1.00 10.44 ? 38   PHE A C   1 
ATOM   311  O  O   . PHE A 1 38  ? -9.360  -3.476  3.403   1.00 10.42 ? 38   PHE A O   1 
ATOM   312  C  CB  . PHE A 1 38  ? -8.072  -4.032  5.756   1.00 9.54  ? 38   PHE A CB  1 
ATOM   313  C  CG  . PHE A 1 38  ? -6.994  -4.386  6.805   1.00 8.74  ? 38   PHE A CG  1 
ATOM   314  C  CD1 . PHE A 1 38  ? -5.635  -4.214  6.551   1.00 9.70  ? 38   PHE A CD1 1 
ATOM   315  C  CD2 . PHE A 1 38  ? -7.393  -4.956  8.023   1.00 12.37 ? 38   PHE A CD2 1 
ATOM   316  C  CE1 . PHE A 1 38  ? -4.681  -4.648  7.550   1.00 8.96  ? 38   PHE A CE1 1 
ATOM   317  C  CE2 . PHE A 1 38  ? -6.431  -5.369  8.999   1.00 10.80 ? 38   PHE A CE2 1 
ATOM   318  C  CZ  . PHE A 1 38  ? -5.070  -5.196  8.706   1.00 10.19 ? 38   PHE A CZ  1 
ATOM   319  N  N   . ASN A 1 39  ? -9.293  -1.279  3.769   1.00 10.14 ? 39   ASN A N   1 
ATOM   320  C  CA  . ASN A 1 39  ? -10.398 -0.970  2.806   1.00 9.60  ? 39   ASN A CA  1 
ATOM   321  C  C   . ASN A 1 39  ? -9.829  -0.566  1.408   1.00 9.12  ? 39   ASN A C   1 
ATOM   322  O  O   . ASN A 1 39  ? -9.178  0.550   1.263   1.00 9.81  ? 39   ASN A O   1 
ATOM   323  C  CB  . ASN A 1 39  ? -11.252 0.170   3.393   1.00 9.22  ? 39   ASN A CB  1 
ATOM   324  C  CG  . ASN A 1 39  ? -12.490 0.466   2.593   1.00 8.27  ? 39   ASN A CG  1 
ATOM   325  O  OD1 . ASN A 1 39  ? -12.661 -0.003  1.492   1.00 9.17  ? 39   ASN A OD1 1 
ATOM   326  N  ND2 . ASN A 1 39  ? -13.375 1.268   3.224   1.00 13.62 ? 39   ASN A ND2 1 
ATOM   327  N  N   . THR A 1 40  ? -10.079 -1.363  0.363   1.00 9.02  ? 40   THR A N   1 
ATOM   328  C  CA  . THR A 1 40  ? -9.541  -1.022  -0.940  1.00 8.36  ? 40   THR A CA  1 
ATOM   329  C  C   . THR A 1 40  ? -10.136 0.305   -1.504  1.00 9.40  ? 40   THR A C   1 
ATOM   330  O  O   . THR A 1 40  ? -9.506  0.893   -2.386  1.00 9.92  ? 40   THR A O   1 
ATOM   331  C  CB  . THR A 1 40  ? -9.829  -2.056  -2.024  1.00 9.69  ? 40   THR A CB  1 
ATOM   332  O  OG1 . THR A 1 40  ? -11.235 -2.122  -2.304  1.00 10.60 ? 40   THR A OG1 1 
ATOM   333  C  CG2 . THR A 1 40  ? -9.365  -3.487  -1.593  1.00 11.11 ? 40   THR A CG2 1 
ATOM   334  N  N   . GLN A 1 41  ? -11.325 0.711   -1.036  1.00 10.39 ? 41   GLN A N   1 
ATOM   335  C  CA  . GLN A 1 41  ? -11.934 1.929   -1.572  1.00 10.90 ? 41   GLN A CA  1 
ATOM   336  C  C   . GLN A 1 41  ? -11.536 3.196   -0.864  1.00 11.02 ? 41   GLN A C   1 
ATOM   337  O  O   . GLN A 1 41  ? -12.077 4.268   -1.230  1.00 11.92 ? 41   GLN A O   1 
ATOM   338  C  CB  . GLN A 1 41  ? -13.464 1.767   -1.523  1.00 10.91 ? 41   GLN A CB  1 
ATOM   339  C  CG  . GLN A 1 41  ? -13.973 0.625   -2.407  1.00 11.46 ? 41   GLN A CG  1 
ATOM   340  C  CD  . GLN A 1 41  ? -15.427 0.681   -2.665  1.00 11.82 ? 41   GLN A CD  1 
ATOM   341  O  OE1 . GLN A 1 41  ? -15.837 1.515   -3.490  1.00 12.78 ? 41   GLN A OE1 1 
ATOM   342  N  NE2 . GLN A 1 41  ? -16.241 -0.077  -1.891  1.00 10.69 ? 41   GLN A NE2 1 
ATOM   343  N  N   . ALA A 1 42  ? -10.628 3.127   0.121   1.00 8.90  ? 42   ALA A N   1 
ATOM   344  C  CA  . ALA A 1 42  ? -10.189 4.342   0.845   1.00 10.30 ? 42   ALA A CA  1 
ATOM   345  C  C   . ALA A 1 42  ? -9.583  5.398   -0.059  1.00 9.46  ? 42   ALA A C   1 
ATOM   346  O  O   . ALA A 1 42  ? -8.767  5.098   -0.874  1.00 8.97  ? 42   ALA A O   1 
ATOM   347  C  CB  . ALA A 1 42  ? -9.126  4.025   1.977   1.00 11.77 ? 42   ALA A CB  1 
ATOM   348  N  N   . THR A 1 43  ? -10.027 6.663   0.110   1.00 9.81  ? 43   THR A N   1 
ATOM   349  C  CA  . THR A 1 43  ? -9.416  7.781   -0.622  1.00 10.69 ? 43   THR A CA  1 
ATOM   350  C  C   . THR A 1 43  ? -9.240  8.930   0.382   1.00 11.52 ? 43   THR A C   1 
ATOM   351  O  O   . THR A 1 43  ? -10.037 9.101   1.303   1.00 14.69 ? 43   THR A O   1 
ATOM   352  C  CB  . THR A 1 43  ? -10.322 8.289   -1.798  1.00 9.86  ? 43   THR A CB  1 
ATOM   353  O  OG1 . THR A 1 43  ? -11.552 8.838   -1.279  1.00 13.85 ? 43   THR A OG1 1 
ATOM   354  C  CG2 . THR A 1 43  ? -10.537 7.243   -2.875  1.00 10.11 ? 43   THR A CG2 1 
ATOM   355  N  N   . ASN A 1 44  ? -8.151  9.684   0.244   1.00 11.70 ? 44   ASN A N   1 
ATOM   356  C  CA  . ASN A 1 44  ? -7.950  10.841  1.110   1.00 12.86 ? 44   ASN A CA  1 
ATOM   357  C  C   . ASN A 1 44  ? -7.243  11.916  0.333   1.00 11.17 ? 44   ASN A C   1 
ATOM   358  O  O   . ASN A 1 44  ? -6.235  11.666  -0.295  1.00 11.96 ? 44   ASN A O   1 
ATOM   359  C  CB  . ASN A 1 44  ? -7.150  10.463  2.339   1.00 15.44 ? 44   ASN A CB  1 
ATOM   360  C  CG  . ASN A 1 44  ? -7.979  9.594   3.331   1.00 19.50 ? 44   ASN A CG  1 
ATOM   361  O  OD1 . ASN A 1 44  ? -8.924  10.087  4.071   1.00 19.18 ? 44   ASN A OD1 1 
ATOM   362  N  ND2 . ASN A 1 44  ? -7.667  8.289   3.349   1.00 21.97 ? 44   ASN A ND2 1 
ATOM   363  N  N   . ARG A 1 45  ? -7.815  13.123  0.392   1.00 12.20 ? 45   ARG A N   1 
ATOM   364  C  CA  . ARG A 1 45  ? -7.290  14.270  -0.336  1.00 12.04 ? 45   ARG A CA  1 
ATOM   365  C  C   . ARG A 1 45  ? -6.191  14.931  0.523   1.00 14.64 ? 45   ARG A C   1 
ATOM   366  O  O   . ARG A 1 45  ? -6.366  15.081  1.750   1.00 14.60 ? 45   ARG A O   1 
ATOM   367  C  CB  . ARG A 1 45  ? -8.469  15.236  -0.553  1.00 14.56 ? 45   ARG A CB  1 
ATOM   368  C  CG  . ARG A 1 45  ? -8.126  16.392  -1.550  1.00 18.21 ? 45   ARG A CG  1 
ATOM   369  C  CD  . ARG A 1 45  ? -8.288  15.777  -2.932  1.00 18.31 ? 45   ARG A CD  1 
ATOM   370  N  NE  . ARG A 1 45  ? -7.861  16.649  -4.018  1.00 23.27 ? 45   ARG A NE  1 
ATOM   371  C  CZ  . ARG A 1 45  ? -8.687  17.416  -4.700  1.00 23.33 ? 45   ARG A CZ  1 
ATOM   372  N  NH1 . ARG A 1 45  ? -9.989  17.436  -4.374  1.00 26.31 ? 45   ARG A NH1 1 
ATOM   373  N  NH2 . ARG A 1 45  ? -8.233  18.025  -5.793  1.00 20.35 ? 45   ARG A NH2 1 
ATOM   374  N  N   . ASN A 1 46  ? -5.101  15.275  -0.140  1.00 14.00 ? 46   ASN A N   1 
ATOM   375  C  CA  . ASN A 1 46  ? -3.978  15.945  0.543   1.00 16.87 ? 46   ASN A CA  1 
ATOM   376  C  C   . ASN A 1 46  ? -4.070  17.446  0.361   1.00 19.57 ? 46   ASN A C   1 
ATOM   377  O  O   . ASN A 1 46  ? -4.707  17.919  -0.549  1.00 18.40 ? 46   ASN A O   1 
ATOM   378  C  CB  . ASN A 1 46  ? -2.698  15.406  -0.043  1.00 16.58 ? 46   ASN A CB  1 
ATOM   379  C  CG  . ASN A 1 46  ? -2.626  13.877  0.080   1.00 17.04 ? 46   ASN A CG  1 
ATOM   380  O  OD1 . ASN A 1 46  ? -2.929  13.325  1.187   1.00 20.23 ? 46   ASN A OD1 1 
ATOM   381  N  ND2 . ASN A 1 46  ? -2.314  13.194  -1.024  1.00 17.70 ? 46   ASN A ND2 1 
ATOM   382  N  N   A THR A 1 47  ? -3.339  18.174  1.200   0.71 21.30 ? 47   THR A N   1 
ATOM   383  N  N   B THR A 1 47  ? -3.363  18.183  1.213   0.29 19.74 ? 47   THR A N   1 
ATOM   384  C  CA  A THR A 1 47  ? -3.393  19.614  1.138   0.71 23.03 ? 47   THR A CA  1 
ATOM   385  C  CA  B THR A 1 47  ? -3.405  19.633  1.146   0.29 20.39 ? 47   THR A CA  1 
ATOM   386  C  C   A THR A 1 47  ? -2.940  20.195  -0.170  0.71 22.26 ? 47   THR A C   1 
ATOM   387  C  C   B THR A 1 47  ? -2.958  20.189  -0.191  0.29 20.53 ? 47   THR A C   1 
ATOM   388  O  O   A THR A 1 47  ? -3.440  21.270  -0.562  0.71 23.31 ? 47   THR A O   1 
ATOM   389  O  O   B THR A 1 47  ? -3.473  21.227  -0.634  0.29 21.11 ? 47   THR A O   1 
ATOM   390  C  CB  A THR A 1 47  ? -2.589  20.293  2.299   0.71 24.20 ? 47   THR A CB  1 
ATOM   391  C  CB  B THR A 1 47  ? -2.522  20.315  2.226   0.29 20.17 ? 47   THR A CB  1 
ATOM   392  O  OG1 A THR A 1 47  ? -1.239  19.813  2.319   0.71 26.12 ? 47   THR A OG1 1 
ATOM   393  O  OG1 B THR A 1 47  ? -2.584  19.580  3.458   0.29 19.18 ? 47   THR A OG1 1 
ATOM   394  C  CG2 A THR A 1 47  ? -3.292  20.004  3.625   0.71 23.55 ? 47   THR A CG2 1 
ATOM   395  C  CG2 B THR A 1 47  ? -3.042  21.731  2.463   0.29 19.19 ? 47   THR A CG2 1 
ATOM   396  N  N   . ASP A 1 48  ? -1.995  19.523  -0.817  1.00 20.67 ? 48   ASP A N   1 
ATOM   397  C  CA  . ASP A 1 48  ? -1.469  19.984  -2.100  1.00 20.11 ? 48   ASP A CA  1 
ATOM   398  C  C   . ASP A 1 48  ? -2.422  19.719  -3.278  1.00 20.05 ? 48   ASP A C   1 
ATOM   399  O  O   . ASP A 1 48  ? -2.139  20.099  -4.415  1.00 21.47 ? 48   ASP A O   1 
ATOM   400  C  CB  . ASP A 1 48  ? -0.073  19.414  -2.320  1.00 20.57 ? 48   ASP A CB  1 
ATOM   401  C  CG  . ASP A 1 48  ? -0.048  17.899  -2.610  1.00 21.16 ? 48   ASP A CG  1 
ATOM   402  O  OD1 . ASP A 1 48  ? -1.064  17.215  -2.565  1.00 17.57 ? 48   ASP A OD1 1 
ATOM   403  O  OD2 . ASP A 1 48  ? 0.994   17.342  -2.939  1.00 24.63 ? 48   ASP A OD2 1 
ATOM   404  N  N   . GLY A 1 49  ? -3.559  19.059  -2.989  1.00 17.33 ? 49   GLY A N   1 
ATOM   405  C  CA  . GLY A 1 49  ? -4.549  18.795  -4.008  1.00 16.28 ? 49   GLY A CA  1 
ATOM   406  C  C   . GLY A 1 49  ? -4.453  17.398  -4.610  1.00 14.79 ? 49   GLY A C   1 
ATOM   407  O  O   . GLY A 1 49  ? -5.305  17.019  -5.408  1.00 15.62 ? 49   GLY A O   1 
ATOM   408  N  N   . SER A 1 50  ? -3.380  16.691  -4.286  1.00 12.74 ? 50   SER A N   1 
ATOM   409  C  CA  . SER A 1 50  ? -3.234  15.323  -4.771  1.00 11.35 ? 50   SER A CA  1 
ATOM   410  C  C   . SER A 1 50  ? -4.229  14.479  -3.878  1.00 11.57 ? 50   SER A C   1 
ATOM   411  O  O   . SER A 1 50  ? -4.753  14.973  -2.872  1.00 11.73 ? 50   SER A O   1 
ATOM   412  C  CB  . SER A 1 50  ? -1.791  14.881  -4.621  1.00 11.78 ? 50   SER A CB  1 
ATOM   413  O  OG  . SER A 1 50  ? -1.449  14.817  -3.241  1.00 12.33 ? 50   SER A OG  1 
ATOM   414  N  N   . THR A 1 51  ? -4.397  13.210  -4.250  1.00 10.78 ? 51   THR A N   1 
ATOM   415  C  CA  . THR A 1 51  ? -5.246  12.283  -3.465  1.00 7.77  ? 51   THR A CA  1 
ATOM   416  C  C   . THR A 1 51  ? -4.484  10.942  -3.334  1.00 8.69  ? 51   THR A C   1 
ATOM   417  O  O   . THR A 1 51  ? -3.768  10.526  -4.276  1.00 9.19  ? 51   THR A O   1 
ATOM   418  C  CB  . THR A 1 51  ? -6.584  12.101  -4.247  1.00 7.09  ? 51   THR A CB  1 
ATOM   419  O  OG1 . THR A 1 51  ? -7.200  13.413  -4.377  1.00 9.47  ? 51   THR A OG1 1 
ATOM   420  C  CG2 . THR A 1 51  ? -7.558  11.205  -3.561  1.00 8.60  ? 51   THR A CG2 1 
ATOM   421  N  N   . ASP A 1 52  ? -4.746  10.271  -2.207  1.00 8.29  ? 52   ASP A N   1 
ATOM   422  C  CA  . ASP A 1 52  ? -4.178  8.960   -1.934  1.00 9.30  ? 52   ASP A CA  1 
ATOM   423  C  C   . ASP A 1 52  ? -5.339  7.962   -2.167  1.00 8.38  ? 52   ASP A C   1 
ATOM   424  O  O   . ASP A 1 52  ? -6.478  8.193   -1.730  1.00 9.47  ? 52   ASP A O   1 
ATOM   425  C  CB  . ASP A 1 52  ? -3.737  8.857   -0.473  1.00 11.98 ? 52   ASP A CB  1 
ATOM   426  C  CG  . ASP A 1 52  ? -2.547  9.747   -0.143  1.00 15.84 ? 52   ASP A CG  1 
ATOM   427  O  OD1 . ASP A 1 52  ? -1.890  10.243  -1.011  1.00 13.56 ? 52   ASP A OD1 1 
ATOM   428  O  OD2 . ASP A 1 52  ? -2.251  9.817   1.052   1.00 20.89 ? 52   ASP A OD2 1 
ATOM   429  N  N   . TYR A 1 53  ? -4.970  6.834   -2.738  1.00 9.51  ? 53   TYR A N   1 
ATOM   430  C  CA  . TYR A 1 53  ? -5.920  5.804   -3.120  1.00 8.66  ? 53   TYR A CA  1 
ATOM   431  C  C   . TYR A 1 53  ? -5.610  4.376   -2.680  1.00 8.87  ? 53   TYR A C   1 
ATOM   432  O  O   . TYR A 1 53  ? -4.488  3.899   -2.859  1.00 8.73  ? 53   TYR A O   1 
ATOM   433  C  CB  . TYR A 1 53  ? -6.023  5.796   -4.669  1.00 9.70  ? 53   TYR A CB  1 
ATOM   434  C  CG  . TYR A 1 53  ? -6.500  7.082   -5.304  1.00 8.78  ? 53   TYR A CG  1 
ATOM   435  C  CD1 . TYR A 1 53  ? -5.627  8.147   -5.599  1.00 8.75  ? 53   TYR A CD1 1 
ATOM   436  C  CD2 . TYR A 1 53  ? -7.845  7.224   -5.634  1.00 10.70 ? 53   TYR A CD2 1 
ATOM   437  C  CE1 . TYR A 1 53  ? -6.105  9.345   -6.208  1.00 8.24  ? 53   TYR A CE1 1 
ATOM   438  C  CE2 . TYR A 1 53  ? -8.324  8.345   -6.230  1.00 9.88  ? 53   TYR A CE2 1 
ATOM   439  C  CZ  . TYR A 1 53  ? -7.429  9.398   -6.513  1.00 9.70  ? 53   TYR A CZ  1 
ATOM   440  O  OH  . TYR A 1 53  ? -7.939  10.540  -7.057  1.00 10.03 ? 53   TYR A OH  1 
ATOM   441  N  N   . GLY A 1 54  ? -6.655  3.724   -2.164  1.00 8.16  ? 54   GLY A N   1 
ATOM   442  C  CA  . GLY A 1 54  ? -6.612  2.275   -1.950  1.00 7.67  ? 54   GLY A CA  1 
ATOM   443  C  C   . GLY A 1 54  ? -5.981  1.827   -0.665  1.00 7.35  ? 54   GLY A C   1 
ATOM   444  O  O   . GLY A 1 54  ? -5.675  2.578   0.259   1.00 8.73  ? 54   GLY A O   1 
ATOM   445  N  N   . ILE A 1 55  ? -5.747  0.507   -0.627  1.00 8.98  ? 55   ILE A N   1 
ATOM   446  C  CA  . ILE A 1 55  ? -5.251  -0.116  0.606   1.00 11.55 ? 55   ILE A CA  1 
ATOM   447  C  C   . ILE A 1 55  ? -3.937  0.399   1.118   1.00 11.45 ? 55   ILE A C   1 
ATOM   448  O  O   . ILE A 1 55  ? -3.722  0.394   2.326   1.00 10.79 ? 55   ILE A O   1 
ATOM   449  C  CB  . ILE A 1 55  ? -5.076  -1.664  0.532   1.00 13.44 ? 55   ILE A CB  1 
ATOM   450  C  CG1 . ILE A 1 55  ? -4.110  -2.080  -0.542  1.00 12.66 ? 55   ILE A CG1 1 
ATOM   451  C  CG2 . ILE A 1 55  ? -6.353  -2.347  0.288   1.00 17.70 ? 55   ILE A CG2 1 
ATOM   452  C  CD1 . ILE A 1 55  ? -3.630  -3.586  -0.427  1.00 17.48 ? 55   ILE A CD1 1 
ATOM   453  N  N   . LEU A 1 56  ? -3.104  0.871   0.207   1.00 9.68  ? 56   LEU A N   1 
ATOM   454  C  CA  . LEU A 1 56  ? -1.798  1.449   0.601   1.00 10.63 ? 56   LEU A CA  1 
ATOM   455  C  C   . LEU A 1 56  ? -1.689  2.948   0.330   1.00 10.26 ? 56   LEU A C   1 
ATOM   456  O  O   . LEU A 1 56  ? -0.644  3.548   0.318   1.00 10.69 ? 56   LEU A O   1 
ATOM   457  C  CB  . LEU A 1 56  ? -0.616  0.660   -0.035  1.00 11.18 ? 56   LEU A CB  1 
ATOM   458  C  CG  . LEU A 1 56  ? -0.431  -0.726  0.642   1.00 12.12 ? 56   LEU A CG  1 
ATOM   459  C  CD1 . LEU A 1 56  ? 0.469   -1.579  -0.270  1.00 10.65 ? 56   LEU A CD1 1 
ATOM   460  C  CD2 . LEU A 1 56  ? 0.202   -0.601  2.045   1.00 10.94 ? 56   LEU A CD2 1 
ATOM   461  N  N   . GLN A 1 57  ? -2.854  3.580   0.109   1.00 8.76  ? 57   GLN A N   1 
ATOM   462  C  CA  . GLN A 1 57  ? -2.971  5.037   -0.030  1.00 10.53 ? 57   GLN A CA  1 
ATOM   463  C  C   . GLN A 1 57  ? -1.860  5.610   -0.922  1.00 10.60 ? 57   GLN A C   1 
ATOM   464  O  O   . GLN A 1 57  ? -1.089  6.522   -0.478  1.00 11.60 ? 57   GLN A O   1 
ATOM   465  C  CB  . GLN A 1 57  ? -2.939  5.666   1.403   1.00 9.94  ? 57   GLN A CB  1 
ATOM   466  C  CG  . GLN A 1 57  ? -4.243  5.387   2.151   1.00 9.49  ? 57   GLN A CG  1 
ATOM   467  C  CD  . GLN A 1 57  ? -5.406  6.127   1.532   1.00 9.42  ? 57   GLN A CD  1 
ATOM   468  O  OE1 . GLN A 1 57  ? -5.593  7.332   1.810   1.00 12.78 ? 57   GLN A OE1 1 
ATOM   469  N  NE2 . GLN A 1 57  ? -6.230  5.443   0.684   1.00 10.06 ? 57   GLN A NE2 1 
ATOM   470  N  N   . ILE A 1 58  ? -1.807  5.135   -2.172  1.00 9.57  ? 58   ILE A N   1 
ATOM   471  C  CA  . ILE A 1 58  ? -0.820  5.584   -3.172  1.00 10.36 ? 58   ILE A CA  1 
ATOM   472  C  C   . ILE A 1 58  ? -1.278  6.917   -3.728  1.00 11.71 ? 58   ILE A C   1 
ATOM   473  O  O   . ILE A 1 58  ? -2.432  7.139   -4.080  1.00 11.48 ? 58   ILE A O   1 
ATOM   474  C  CB  . ILE A 1 58  ? -0.711  4.467   -4.186  1.00 11.59 ? 58   ILE A CB  1 
ATOM   475  C  CG1 . ILE A 1 58  ? 0.032   3.331   -3.475  1.00 13.21 ? 58   ILE A CG1 1 
ATOM   476  C  CG2 . ILE A 1 58  ? 0.031   4.919   -5.470  1.00 12.48 ? 58   ILE A CG2 1 
ATOM   477  C  CD1 . ILE A 1 58  ? 0.068   2.056   -4.312  1.00 14.44 ? 58   ILE A CD1 1 
ATOM   478  N  N   . ASN A 1 59  ? -0.310  7.829   -3.852  1.00 12.66 ? 59   ASN A N   1 
ATOM   479  C  CA  . ASN A 1 59  ? -0.630  9.198   -4.169  1.00 13.31 ? 59   ASN A CA  1 
ATOM   480  C  C   . ASN A 1 59  ? -0.594  9.561   -5.631  1.00 14.55 ? 59   ASN A C   1 
ATOM   481  O  O   . ASN A 1 59  ? 0.299   9.100   -6.350  1.00 16.11 ? 59   ASN A O   1 
ATOM   482  C  CB  . ASN A 1 59  ? 0.353   10.078  -3.395  1.00 16.31 ? 59   ASN A CB  1 
ATOM   483  C  CG  . ASN A 1 59  ? -0.011  11.557  -3.435  1.00 20.08 ? 59   ASN A CG  1 
ATOM   484  O  OD1 . ASN A 1 59  ? -0.935  12.012  -2.762  1.00 27.51 ? 59   ASN A OD1 1 
ATOM   485  N  ND2 . ASN A 1 59  ? 0.697   12.282  -4.215  1.00 23.85 ? 59   ASN A ND2 1 
ATOM   486  N  N   . SER A 1 60  ? -1.519  10.438  -6.046  1.00 12.35 ? 60   SER A N   1 
ATOM   487  C  CA  . SER A 1 60  ? -1.610  10.853  -7.413  1.00 12.38 ? 60   SER A CA  1 
ATOM   488  C  C   . SER A 1 60  ? -0.538  11.858  -7.839  1.00 12.98 ? 60   SER A C   1 
ATOM   489  O  O   . SER A 1 60  ? -0.466  12.078  -9.012  1.00 16.11 ? 60   SER A O   1 
ATOM   490  C  CB  . SER A 1 60  ? -3.031  11.430  -7.667  1.00 12.15 ? 60   SER A CB  1 
ATOM   491  O  OG  . SER A 1 60  ? -3.201  12.638  -6.915  1.00 10.90 ? 60   SER A OG  1 
ATOM   492  N  N   . ARG A 1 61  ? 0.222   12.405  -6.923  1.00 14.74 ? 61   ARG A N   1 
ATOM   493  C  CA  . ARG A 1 61  ? 1.275   13.398  -7.276  1.00 16.62 ? 61   ARG A CA  1 
ATOM   494  C  C   . ARG A 1 61  ? 2.328   12.698  -8.119  1.00 16.54 ? 61   ARG A C   1 
ATOM   495  O  O   . ARG A 1 61  ? 2.870   13.299  -9.089  1.00 18.03 ? 61   ARG A O   1 
ATOM   496  C  CB  . ARG A 1 61  ? 1.869   13.958  -5.981  1.00 21.01 ? 61   ARG A CB  1 
ATOM   497  C  CG  . ARG A 1 61  ? 2.656   15.322  -6.055  1.00 27.82 ? 61   ARG A CG  1 
ATOM   498  C  CD  . ARG A 1 61  ? 3.918   15.112  -6.782  1.00 32.42 ? 61   ARG A CD  1 
ATOM   499  N  NE  . ARG A 1 61  ? 4.457   16.341  -7.414  1.00 36.11 ? 61   ARG A NE  1 
ATOM   500  C  CZ  . ARG A 1 61  ? 5.052   16.339  -8.609  1.00 36.73 ? 61   ARG A CZ  1 
ATOM   501  N  NH1 . ARG A 1 61  ? 5.519   17.466  -9.125  1.00 36.72 ? 61   ARG A NH1 1 
ATOM   502  N  NH2 . ARG A 1 61  ? 5.182   15.207  -9.295  1.00 34.95 ? 61   ARG A NH2 1 
ATOM   503  N  N   . TRP A 1 62  ? 2.612   11.424  -7.831  1.00 14.29 ? 62   TRP A N   1 
ATOM   504  C  CA  . TRP A 1 62  ? 3.615   10.701  -8.559  1.00 15.26 ? 62   TRP A CA  1 
ATOM   505  C  C   . TRP A 1 62  ? 3.236   9.409   -9.236  1.00 13.16 ? 62   TRP A C   1 
ATOM   506  O  O   . TRP A 1 62  ? 3.770   9.020   -10.277 1.00 15.10 ? 62   TRP A O   1 
ATOM   507  C  CB  . TRP A 1 62  ? 4.746   10.248  -7.574  1.00 16.71 ? 62   TRP A CB  1 
ATOM   508  C  CG  . TRP A 1 62  ? 5.549   11.396  -7.065  1.00 22.23 ? 62   TRP A CG  1 
ATOM   509  C  CD1 . TRP A 1 62  ? 5.361   12.104  -5.923  1.00 25.40 ? 62   TRP A CD1 1 
ATOM   510  C  CD2 . TRP A 1 62  ? 6.527   12.080  -7.819  1.00 27.10 ? 62   TRP A CD2 1 
ATOM   511  N  NE1 . TRP A 1 62  ? 6.183   13.241  -5.922  1.00 28.19 ? 62   TRP A NE1 1 
ATOM   512  C  CE2 . TRP A 1 62  ? 6.906   13.228  -7.081  1.00 27.93 ? 62   TRP A CE2 1 
ATOM   513  C  CE3 . TRP A 1 62  ? 7.120   11.833  -9.056  1.00 28.31 ? 62   TRP A CE3 1 
ATOM   514  C  CZ2 . TRP A 1 62  ? 7.866   14.132  -7.554  1.00 30.56 ? 62   TRP A CZ2 1 
ATOM   515  C  CZ3 . TRP A 1 62  ? 8.089   12.744  -9.533  1.00 31.99 ? 62   TRP A CZ3 1 
ATOM   516  C  CH2 . TRP A 1 62  ? 8.443   13.862  -8.784  1.00 29.72 ? 62   TRP A CH2 1 
ATOM   517  N  N   . TRP A 1 63  ? 2.233   8.717   -8.657  1.00 11.01 ? 63   TRP A N   1 
ATOM   518  C  CA  . TRP A 1 63  ? 2.094   7.305   -9.030  1.00 11.35 ? 63   TRP A CA  1 
ATOM   519  C  C   . TRP A 1 63  ? 0.953   6.877   -9.892  1.00 9.77  ? 63   TRP A C   1 
ATOM   520  O  O   . TRP A 1 63  ? 1.092   5.859   -10.549 1.00 12.77 ? 63   TRP A O   1 
ATOM   521  C  CB  . TRP A 1 63  ? 2.112   6.404   -7.772  1.00 12.40 ? 63   TRP A CB  1 
ATOM   522  C  CG  . TRP A 1 63  ? 3.310   6.736   -6.871  1.00 12.13 ? 63   TRP A CG  1 
ATOM   523  C  CD1 . TRP A 1 63  ? 3.294   7.428   -5.726  1.00 13.59 ? 63   TRP A CD1 1 
ATOM   524  C  CD2 . TRP A 1 63  ? 4.661   6.419   -7.144  1.00 13.63 ? 63   TRP A CD2 1 
ATOM   525  N  NE1 . TRP A 1 63  ? 4.585   7.585   -5.243  1.00 13.86 ? 63   TRP A NE1 1 
ATOM   526  C  CE2 . TRP A 1 63  ? 5.444   6.978   -6.117  1.00 12.98 ? 63   TRP A CE2 1 
ATOM   527  C  CE3 . TRP A 1 63  ? 5.291   5.713   -8.167  1.00 12.43 ? 63   TRP A CE3 1 
ATOM   528  C  CZ2 . TRP A 1 63  ? 6.876   6.849   -6.110  1.00 12.65 ? 63   TRP A CZ2 1 
ATOM   529  C  CZ3 . TRP A 1 63  ? 6.709   5.574   -8.139  1.00 14.91 ? 63   TRP A CZ3 1 
ATOM   530  C  CH2 . TRP A 1 63  ? 7.434   6.144   -7.134  1.00 13.97 ? 63   TRP A CH2 1 
ATOM   531  N  N   . CYS A 1 64  ? -0.145  7.605   -9.904  1.00 11.02 ? 64   CYS A N   1 
ATOM   532  C  CA  . CYS A 1 64  ? -1.271  7.229   -10.741 1.00 9.62  ? 64   CYS A CA  1 
ATOM   533  C  C   . CYS A 1 64  ? -1.925  8.458   -11.273 1.00 8.00  ? 64   CYS A C   1 
ATOM   534  O  O   . CYS A 1 64  ? -1.672  9.533   -10.802 1.00 11.85 ? 64   CYS A O   1 
ATOM   535  C  CB  . CYS A 1 64  ? -2.267  6.372   -9.921  1.00 9.81  ? 64   CYS A CB  1 
ATOM   536  S  SG  . CYS A 1 64  ? -2.993  7.243   -8.463  1.00 10.31 ? 64   CYS A SG  1 
ATOM   537  N  N   . ASN A 1 65  ? -2.692  8.262   -12.346 1.00 8.99  ? 65   ASN A N   1 
ATOM   538  C  CA  . ASN A 1 65  ? -3.380  9.405   -12.942 1.00 10.13 ? 65   ASN A CA  1 
ATOM   539  C  C   . ASN A 1 65  ? -4.847  9.496   -12.444 1.00 9.77  ? 65   ASN A C   1 
ATOM   540  O  O   . ASN A 1 65  ? -5.623  8.543   -12.602 1.00 10.46 ? 65   ASN A O   1 
ATOM   541  C  CB  . ASN A 1 65  ? -3.485  9.317   -14.480 1.00 10.43 ? 65   ASN A CB  1 
ATOM   542  C  CG  . ASN A 1 65  ? -4.295  10.494  -15.010 1.00 12.14 ? 65   ASN A CG  1 
ATOM   543  O  OD1 . ASN A 1 65  ? -3.989  11.662  -14.734 1.00 15.88 ? 65   ASN A OD1 1 
ATOM   544  N  ND2 . ASN A 1 65  ? -5.385  10.176  -15.728 1.00 15.11 ? 65   ASN A ND2 1 
ATOM   545  N  N   . ASP A 1 66  ? -5.213  10.678  -11.897 1.00 9.69  ? 66   ASP A N   1 
ATOM   546  C  CA  . ASP A 1 66  ? -6.654  10.893  -11.538 1.00 10.89 ? 66   ASP A CA  1 
ATOM   547  C  C   . ASP A 1 66  ? -7.242  12.093  -12.321 1.00 10.43 ? 66   ASP A C   1 
ATOM   548  O  O   . ASP A 1 66  ? -8.388  12.472  -12.031 1.00 11.65 ? 66   ASP A O   1 
ATOM   549  C  CB  . ASP A 1 66  ? -6.843  11.000  -9.979  1.00 9.06  ? 66   ASP A CB  1 
ATOM   550  C  CG  . ASP A 1 66  ? -6.216  12.270  -9.342  1.00 9.69  ? 66   ASP A CG  1 
ATOM   551  O  OD1 . ASP A 1 66  ? -5.684  13.156  -10.078 1.00 9.50  ? 66   ASP A OD1 1 
ATOM   552  O  OD2 . ASP A 1 66  ? -6.319  12.325  -8.109  1.00 10.44 ? 66   ASP A OD2 1 
ATOM   553  N  N   . GLY A 1 67  ? -6.459  12.679  -13.232 1.00 11.78 ? 67   GLY A N   1 
ATOM   554  C  CA  . GLY A 1 67  ? -6.890  13.788  -14.052 1.00 13.21 ? 67   GLY A CA  1 
ATOM   555  C  C   . GLY A 1 67  ? -7.102  15.102  -13.323 1.00 13.94 ? 67   GLY A C   1 
ATOM   556  O  O   . GLY A 1 67  ? -7.546  16.108  -13.986 1.00 16.22 ? 67   GLY A O   1 
ATOM   557  N  N   . ARG A 1 68  ? -6.820  15.192  -12.015 1.00 11.58 ? 68   ARG A N   1 
ATOM   558  C  CA  . ARG A 1 68  ? -7.069  16.411  -11.267 1.00 12.71 ? 68   ARG A CA  1 
ATOM   559  C  C   . ARG A 1 68  ? -5.916  16.773  -10.337 1.00 13.70 ? 68   ARG A C   1 
ATOM   560  O  O   . ARG A 1 68  ? -6.117  17.384  -9.254  1.00 16.66 ? 68   ARG A O   1 
ATOM   561  C  CB  . ARG A 1 68  ? -8.388  16.277  -10.483 1.00 13.93 ? 68   ARG A CB  1 
ATOM   562  C  CG  . ARG A 1 68  ? -8.422  15.146  -9.419  1.00 15.92 ? 68   ARG A CG  1 
ATOM   563  C  CD  . ARG A 1 68  ? -9.526  15.520  -8.472  1.00 15.25 ? 68   ARG A CD  1 
ATOM   564  N  NE  . ARG A 1 68  ? -9.272  14.997  -7.145  1.00 16.96 ? 68   ARG A NE  1 
ATOM   565  C  CZ  . ARG A 1 68  ? -10.226 14.723  -6.247  1.00 18.16 ? 68   ARG A CZ  1 
ATOM   566  N  NH1 . ARG A 1 68  ? -11.483 14.962  -6.623  1.00 17.94 ? 68   ARG A NH1 1 
ATOM   567  N  NH2 . ARG A 1 68  ? -9.935  14.257  -4.972  1.00 16.83 ? 68   ARG A NH2 1 
ATOM   568  N  N   . THR A 1 69  ? -4.703  16.371  -10.714 1.00 12.22 ? 69   THR A N   1 
ATOM   569  C  CA  . THR A 1 69  ? -3.546  16.715  -9.841  1.00 10.96 ? 69   THR A CA  1 
ATOM   570  C  C   . THR A 1 69  ? -2.494  17.390  -10.766 1.00 12.40 ? 69   THR A C   1 
ATOM   571  O  O   . THR A 1 69  ? -1.603  16.779  -11.293 1.00 14.27 ? 69   THR A O   1 
ATOM   572  C  CB  . THR A 1 69  ? -2.937  15.440  -9.224  1.00 11.47 ? 69   THR A CB  1 
ATOM   573  O  OG1 . THR A 1 69  ? -4.019  14.676  -8.581  1.00 12.53 ? 69   THR A OG1 1 
ATOM   574  C  CG2 . THR A 1 69  ? -1.920  15.823  -8.164  1.00 13.41 ? 69   THR A CG2 1 
ATOM   575  N  N   . PRO A 1 70  ? -2.587  18.694  -10.873 1.00 13.30 ? 70   PRO A N   1 
ATOM   576  C  CA  . PRO A 1 70  ? -1.634  19.382  -11.755 1.00 15.65 ? 70   PRO A CA  1 
ATOM   577  C  C   . PRO A 1 70  ? -0.184  19.079  -11.573 1.00 18.17 ? 70   PRO A C   1 
ATOM   578  O  O   . PRO A 1 70  ? 0.327   18.969  -10.446 1.00 19.93 ? 70   PRO A O   1 
ATOM   579  C  CB  . PRO A 1 70  ? -1.979  20.847  -11.478 1.00 17.13 ? 70   PRO A CB  1 
ATOM   580  C  CG  . PRO A 1 70  ? -3.489  20.885  -11.321 1.00 17.93 ? 70   PRO A CG  1 
ATOM   581  C  CD  . PRO A 1 70  ? -3.662  19.576  -10.401 1.00 15.67 ? 70   PRO A CD  1 
ATOM   582  N  N   . GLY A 1 71  ? 0.460   18.881  -12.702 1.00 17.99 ? 71   GLY A N   1 
ATOM   583  C  CA  . GLY A 1 71  ? 1.884   18.739  -12.769 1.00 20.20 ? 71   GLY A CA  1 
ATOM   584  C  C   . GLY A 1 71  ? 2.358   17.480  -12.185 1.00 19.62 ? 71   GLY A C   1 
ATOM   585  O  O   . GLY A 1 71  ? 3.541   17.338  -11.961 1.00 21.64 ? 71   GLY A O   1 
ATOM   586  N  N   . SER A 1 72  ? 1.450   16.552  -11.932 1.00 20.53 ? 72   SER A N   1 
ATOM   587  C  CA  . SER A 1 72  ? 1.852   15.292  -11.311 1.00 20.68 ? 72   SER A CA  1 
ATOM   588  C  C   . SER A 1 72  ? 2.323   14.323  -12.377 1.00 20.35 ? 72   SER A C   1 
ATOM   589  O  O   . SER A 1 72  ? 2.264   14.588  -13.590 1.00 20.40 ? 72   SER A O   1 
ATOM   590  C  CB  . SER A 1 72  ? 0.623   14.689  -10.587 1.00 20.96 ? 72   SER A CB  1 
ATOM   591  O  OG  . SER A 1 72  ? -0.338  14.193  -11.568 1.00 18.91 ? 72   SER A OG  1 
ATOM   592  N  N   . ARG A 1 73  ? 2.843   13.198  -11.923 1.00 18.53 ? 73   ARG A N   1 
ATOM   593  C  CA  . ARG A 1 73  ? 3.241   12.134  -12.773 1.00 16.12 ? 73   ARG A CA  1 
ATOM   594  C  C   . ARG A 1 73  ? 2.283   10.869  -12.551 1.00 16.33 ? 73   ARG A C   1 
ATOM   595  O  O   . ARG A 1 73  ? 1.414   10.886  -11.652 1.00 18.36 ? 73   ARG A O   1 
ATOM   596  C  CB  . ARG A 1 73  ? 4.687   11.726  -12.485 1.00 18.52 ? 73   ARG A CB  1 
ATOM   597  C  CG  . ARG A 1 73  ? 5.739   12.909  -12.690 1.00 21.36 ? 73   ARG A CG  1 
ATOM   598  C  CD  . ARG A 1 73  ? 5.778   13.209  -14.258 1.00 25.80 ? 73   ARG A CD  1 
ATOM   599  N  NE  . ARG A 1 73  ? 6.409   12.120  -15.030 1.00 27.74 ? 73   ARG A NE  1 
ATOM   600  C  CZ  . ARG A 1 73  ? 7.734   11.963  -15.121 1.00 28.78 ? 73   ARG A CZ  1 
ATOM   601  N  NH1 . ARG A 1 73  ? 8.541   12.818  -14.512 1.00 29.07 ? 73   ARG A NH1 1 
ATOM   602  N  NH2 . ARG A 1 73  ? 8.254   10.934  -15.769 1.00 29.08 ? 73   ARG A NH2 1 
ATOM   603  N  N   . ASN A 1 74  ? 2.485   9.850   -13.367 1.00 15.69 ? 74   ASN A N   1 
ATOM   604  C  CA  . ASN A 1 74  ? 1.739   8.585   -13.326 1.00 13.76 ? 74   ASN A CA  1 
ATOM   605  C  C   . ASN A 1 74  ? 2.780   7.496   -13.515 1.00 14.86 ? 74   ASN A C   1 
ATOM   606  O  O   . ASN A 1 74  ? 2.757   6.769   -14.469 1.00 14.72 ? 74   ASN A O   1 
ATOM   607  C  CB  . ASN A 1 74  ? 0.735   8.609   -14.475 1.00 15.85 ? 74   ASN A CB  1 
ATOM   608  C  CG  . ASN A 1 74  ? -0.122  7.327   -14.539 1.00 13.49 ? 74   ASN A CG  1 
ATOM   609  O  OD1 . ASN A 1 74  ? -0.071  6.499   -13.657 1.00 15.59 ? 74   ASN A OD1 1 
ATOM   610  N  ND2 . ASN A 1 74  ? -0.936  7.182   -15.599 1.00 15.32 ? 74   ASN A ND2 1 
ATOM   611  N  N   . LEU A 1 75  ? 3.680   7.363   -12.568 1.00 12.58 ? 75   LEU A N   1 
ATOM   612  C  CA  . LEU A 1 75  ? 4.780   6.380   -12.752 1.00 14.37 ? 75   LEU A CA  1 
ATOM   613  C  C   . LEU A 1 75  ? 4.358   4.936   -12.746 1.00 14.52 ? 75   LEU A C   1 
ATOM   614  O  O   . LEU A 1 75  ? 5.093   4.077   -13.254 1.00 16.11 ? 75   LEU A O   1 
ATOM   615  C  CB  . LEU A 1 75  ? 5.871   6.634   -11.705 1.00 16.93 ? 75   LEU A CB  1 
ATOM   616  C  CG  . LEU A 1 75  ? 6.552   8.013   -11.874 1.00 17.60 ? 75   LEU A CG  1 
ATOM   617  C  CD1 . LEU A 1 75  ? 7.527   8.229   -10.728 1.00 19.44 ? 75   LEU A CD1 1 
ATOM   618  C  CD2 . LEU A 1 75  ? 7.320   8.112   -13.205 1.00 21.67 ? 75   LEU A CD2 1 
ATOM   619  N  N   . CYS A 1 76  ? 3.192   4.628   -12.137 1.00 12.45 ? 76   CYS A N   1 
ATOM   620  C  CA  . CYS A 1 76  ? 2.759   3.253   -12.216 1.00 11.71 ? 76   CYS A CA  1 
ATOM   621  C  C   . CYS A 1 76  ? 1.933   2.970   -13.470 1.00 12.46 ? 76   CYS A C   1 
ATOM   622  O  O   . CYS A 1 76  ? 1.467   1.882   -13.664 1.00 15.42 ? 76   CYS A O   1 
ATOM   623  C  CB  . CYS A 1 76  ? 1.912   2.838   -11.021 1.00 10.70 ? 76   CYS A CB  1 
ATOM   624  S  SG  . CYS A 1 76  ? 3.022   2.823   -9.541  1.00 12.83 ? 76   CYS A SG  1 
ATOM   625  N  N   . ASN A 1 77  ? 1.692   4.030   -14.281 1.00 13.53 ? 77   ASN A N   1 
ATOM   626  C  CA  . ASN A 1 77  ? 0.938   3.910   -15.539 1.00 15.13 ? 77   ASN A CA  1 
ATOM   627  C  C   . ASN A 1 77  ? -0.413  3.269   -15.401 1.00 14.17 ? 77   ASN A C   1 
ATOM   628  O  O   . ASN A 1 77  ? -0.752  2.369   -16.091 1.00 14.94 ? 77   ASN A O   1 
ATOM   629  C  CB  . ASN A 1 77  ? 1.766   3.124   -16.564 1.00 17.33 ? 77   ASN A CB  1 
ATOM   630  C  CG  . ASN A 1 77  ? 3.075   3.851   -16.864 1.00 22.43 ? 77   ASN A CG  1 
ATOM   631  O  OD1 . ASN A 1 77  ? 3.073   5.030   -17.266 1.00 27.50 ? 77   ASN A OD1 1 
ATOM   632  N  ND2 . ASN A 1 77  ? 4.212   3.168   -16.652 1.00 25.53 ? 77   ASN A ND2 1 
ATOM   633  N  N   . ILE A 1 78  ? -1.182  3.844   -14.490 1.00 14.34 ? 78   ILE A N   1 
ATOM   634  C  CA  . ILE A 1 78  ? -2.520  3.369   -14.187 1.00 13.37 ? 78   ILE A CA  1 
ATOM   635  C  C   . ILE A 1 78  ? -3.464  4.485   -13.750 1.00 13.03 ? 78   ILE A C   1 
ATOM   636  O  O   . ILE A 1 78  ? -3.029  5.524   -13.276 1.00 13.10 ? 78   ILE A O   1 
ATOM   637  C  CB  . ILE A 1 78  ? -2.551  2.368   -12.953 1.00 13.70 ? 78   ILE A CB  1 
ATOM   638  C  CG1 . ILE A 1 78  ? -1.756  2.968   -11.790 1.00 13.70 ? 78   ILE A CG1 1 
ATOM   639  C  CG2 . ILE A 1 78  ? -2.087  0.955   -13.366 1.00 15.38 ? 78   ILE A CG2 1 
ATOM   640  C  CD1 . ILE A 1 78  ? -1.899  2.208   -10.360 1.00 15.44 ? 78   ILE A CD1 1 
ATOM   641  N  N   . PRO A 1 79  ? -4.757  4.285   -14.005 1.00 11.91 ? 79   PRO A N   1 
ATOM   642  C  CA  . PRO A 1 79  ? -5.704  5.309   -13.496 1.00 12.13 ? 79   PRO A CA  1 
ATOM   643  C  C   . PRO A 1 79  ? -5.785  5.047   -11.936 1.00 11.19 ? 79   PRO A C   1 
ATOM   644  O  O   . PRO A 1 79  ? -5.728  3.910   -11.475 1.00 11.25 ? 79   PRO A O   1 
ATOM   645  C  CB  . PRO A 1 79  ? -7.027  4.944   -14.213 1.00 11.07 ? 79   PRO A CB  1 
ATOM   646  C  CG  . PRO A 1 79  ? -6.894  3.428   -14.522 1.00 12.84 ? 79   PRO A CG  1 
ATOM   647  C  CD  . PRO A 1 79  ? -5.395  3.234   -14.840 1.00 12.18 ? 79   PRO A CD  1 
ATOM   648  N  N   . CYS A 1 80  ? -5.842  6.112   -11.132 1.00 10.72 ? 80   CYS A N   1 
ATOM   649  C  CA  . CYS A 1 80  ? -5.858  5.932   -9.686  1.00 7.99  ? 80   CYS A CA  1 
ATOM   650  C  C   . CYS A 1 80  ? -7.050  5.033   -9.268  1.00 9.47  ? 80   CYS A C   1 
ATOM   651  O  O   . CYS A 1 80  ? -6.980  4.286   -8.234  1.00 9.57  ? 80   CYS A O   1 
ATOM   652  C  CB  . CYS A 1 80  ? -5.984  7.268   -8.954  1.00 10.50 ? 80   CYS A CB  1 
ATOM   653  S  SG  . CYS A 1 80  ? -4.539  8.353   -9.278  1.00 9.80  ? 80   CYS A SG  1 
ATOM   654  N  N   . SER A 1 81  ? -8.126  5.037   -10.079 1.00 9.72  ? 81   SER A N   1 
ATOM   655  C  CA  . SER A 1 81  ? -9.280  4.164   -9.739  1.00 9.94  ? 81   SER A CA  1 
ATOM   656  C  C   . SER A 1 81  ? -8.911  2.649   -9.700  1.00 9.50  ? 81   SER A C   1 
ATOM   657  O  O   . SER A 1 81  ? -9.552  1.833   -9.006  1.00 11.33 ? 81   SER A O   1 
ATOM   658  C  CB  . SER A 1 81  ? -10.420 4.413   -10.766 1.00 10.80 ? 81   SER A CB  1 
ATOM   659  O  OG  . SER A 1 81  ? -9.984  4.098   -12.092 1.00 11.93 ? 81   SER A OG  1 
ATOM   660  N  N   . ALA A 1 82  ? -7.894  2.262   -10.466 1.00 11.04 ? 82   ALA A N   1 
ATOM   661  C  CA  . ALA A 1 82  ? -7.431  0.876   -10.417 1.00 12.03 ? 82   ALA A CA  1 
ATOM   662  C  C   . ALA A 1 82  ? -6.968  0.462   -9.040  1.00 13.02 ? 82   ALA A C   1 
ATOM   663  O  O   . ALA A 1 82  ? -6.938  -0.716  -8.728  1.00 12.84 ? 82   ALA A O   1 
ATOM   664  C  CB  . ALA A 1 82  ? -6.262  0.664   -11.425 1.00 12.93 ? 82   ALA A CB  1 
ATOM   665  N  N   . LEU A 1 83  ? -6.595  1.436   -8.238  1.00 11.36 ? 83   LEU A N   1 
ATOM   666  C  CA  . LEU A 1 83  ? -6.083  1.190   -6.939  1.00 10.94 ? 83   LEU A CA  1 
ATOM   667  C  C   . LEU A 1 83  ? -7.229  1.000   -5.947  1.00 11.43 ? 83   LEU A C   1 
ATOM   668  O  O   . LEU A 1 83  ? -6.960  0.790   -4.752  1.00 11.94 ? 83   LEU A O   1 
ATOM   669  C  CB  . LEU A 1 83  ? -5.245  2.368   -6.495  1.00 12.83 ? 83   LEU A CB  1 
ATOM   670  C  CG  . LEU A 1 83  ? -3.983  2.619   -7.323  1.00 10.96 ? 83   LEU A CG  1 
ATOM   671  C  CD1 . LEU A 1 83  ? -3.277  3.968   -6.948  1.00 11.89 ? 83   LEU A CD1 1 
ATOM   672  C  CD2 . LEU A 1 83  ? -3.012  1.388   -7.043  1.00 14.36 ? 83   LEU A CD2 1 
ATOM   673  N  N   . LEU A 1 84  ? -8.501  1.059   -6.415  1.00 10.22 ? 84   LEU A N   1 
ATOM   674  C  CA  . LEU A 1 84  ? -9.609  0.916   -5.472  1.00 10.49 ? 84   LEU A CA  1 
ATOM   675  C  C   . LEU A 1 84  ? -10.351 -0.410  -5.622  1.00 10.90 ? 84   LEU A C   1 
ATOM   676  O  O   . LEU A 1 84  ? -11.272 -0.685  -4.879  1.00 11.79 ? 84   LEU A O   1 
ATOM   677  C  CB  . LEU A 1 84  ? -10.682 2.062   -5.616  1.00 12.09 ? 84   LEU A CB  1 
ATOM   678  C  CG  . LEU A 1 84  ? -10.067 3.476   -5.526  1.00 11.41 ? 84   LEU A CG  1 
ATOM   679  C  CD1 . LEU A 1 84  ? -11.199 4.551   -5.686  1.00 14.11 ? 84   LEU A CD1 1 
ATOM   680  C  CD2 . LEU A 1 84  ? -9.432  3.703   -4.173  1.00 11.43 ? 84   LEU A CD2 1 
ATOM   681  N  N   A SER A 1 85  ? -9.900  -1.212  -6.574  0.51 11.08 ? 85   SER A N   1 
ATOM   682  N  N   B SER A 1 85  ? -9.925  -1.211  -6.573  0.49 11.38 ? 85   SER A N   1 
ATOM   683  C  CA  A SER A 1 85  ? -10.520 -2.480  -6.900  0.51 11.79 ? 85   SER A CA  1 
ATOM   684  C  CA  B SER A 1 85  ? -10.631 -2.431  -6.834  0.49 12.28 ? 85   SER A CA  1 
ATOM   685  C  C   A SER A 1 85  ? -10.469 -3.534  -5.787  0.51 12.36 ? 85   SER A C   1 
ATOM   686  C  C   B SER A 1 85  ? -10.510 -3.503  -5.754  0.49 12.59 ? 85   SER A C   1 
ATOM   687  O  O   A SER A 1 85  ? -9.576  -3.517  -4.961  0.51 11.94 ? 85   SER A O   1 
ATOM   688  O  O   B SER A 1 85  ? -9.599  -3.489  -4.947  0.49 12.25 ? 85   SER A O   1 
ATOM   689  C  CB  A SER A 1 85  ? -9.811  -3.048  -8.129  0.51 11.72 ? 85   SER A CB  1 
ATOM   690  C  CB  B SER A 1 85  ? -10.119 -2.992  -8.127  0.49 12.61 ? 85   SER A CB  1 
ATOM   691  O  OG  A SER A 1 85  ? -10.252 -4.370  -8.495  0.51 11.29 ? 85   SER A OG  1 
ATOM   692  O  OG  B SER A 1 85  ? -8.744  -3.276  -7.986  0.49 14.14 ? 85   SER A OG  1 
ATOM   693  N  N   . SER A 1 86  ? -11.407 -4.469  -5.784  1.00 13.26 ? 86   SER A N   1 
ATOM   694  C  CA  . SER A 1 86  ? -11.354 -5.571  -4.799  1.00 14.61 ? 86   SER A CA  1 
ATOM   695  C  C   . SER A 1 86  ? -10.082 -6.445  -5.076  1.00 14.72 ? 86   SER A C   1 
ATOM   696  O  O   . SER A 1 86  ? -9.559  -7.055  -4.142  1.00 15.86 ? 86   SER A O   1 
ATOM   697  C  CB  . SER A 1 86  ? -12.589 -6.445  -4.870  1.00 18.10 ? 86   SER A CB  1 
ATOM   698  O  OG  . SER A 1 86  ? -12.672 -6.998  -6.106  1.00 22.91 ? 86   SER A OG  1 
ATOM   699  N  N   . ASP A 1 87  ? -9.585  -6.443  -6.305  1.00 11.86 ? 87   ASP A N   1 
ATOM   700  C  CA  . ASP A 1 87  ? -8.393  -7.225  -6.709  1.00 13.71 ? 87   ASP A CA  1 
ATOM   701  C  C   . ASP A 1 87  ? -7.228  -6.287  -6.390  1.00 13.63 ? 87   ASP A C   1 
ATOM   702  O  O   . ASP A 1 87  ? -7.160  -5.199  -6.974  1.00 12.68 ? 87   ASP A O   1 
ATOM   703  C  CB  . ASP A 1 87  ? -8.549  -7.503  -8.211  1.00 14.44 ? 87   ASP A CB  1 
ATOM   704  C  CG  . ASP A 1 87  ? -7.338  -8.153  -8.852  1.00 20.45 ? 87   ASP A CG  1 
ATOM   705  O  OD1 . ASP A 1 87  ? -6.178  -7.958  -8.423  1.00 17.67 ? 87   ASP A OD1 1 
ATOM   706  O  OD2 . ASP A 1 87  ? -7.525  -8.865  -9.886  1.00 22.83 ? 87   ASP A OD2 1 
ATOM   707  N  N   . ILE A 1 88  ? -6.299  -6.740  -5.560  1.00 12.36 ? 88   ILE A N   1 
ATOM   708  C  CA  . ILE A 1 88  ? -5.197  -5.834  -5.194  1.00 11.15 ? 88   ILE A CA  1 
ATOM   709  C  C   . ILE A 1 88  ? -4.045  -5.807  -6.108  1.00 12.64 ? 88   ILE A C   1 
ATOM   710  O  O   . ILE A 1 88  ? -3.020  -5.161  -5.804  1.00 10.80 ? 88   ILE A O   1 
ATOM   711  C  CB  . ILE A 1 88  ? -4.709  -6.077  -3.729  1.00 9.46  ? 88   ILE A CB  1 
ATOM   712  C  CG1 . ILE A 1 88  ? -4.001  -7.484  -3.595  1.00 12.34 ? 88   ILE A CG1 1 
ATOM   713  C  CG2 . ILE A 1 88  ? -5.976  -5.972  -2.738  1.00 11.88 ? 88   ILE A CG2 1 
ATOM   714  C  CD1 . ILE A 1 88  ? -3.267  -7.586  -2.321  1.00 13.16 ? 88   ILE A CD1 1 
ATOM   715  N  N   . THR A 1 89  ? -4.109  -6.521  -7.215  1.00 13.28 ? 89   THR A N   1 
ATOM   716  C  CA  . THR A 1 89  ? -2.965  -6.557  -8.100  1.00 11.34 ? 89   THR A CA  1 
ATOM   717  C  C   . THR A 1 89  ? -2.346  -5.159  -8.469  1.00 12.36 ? 89   THR A C   1 
ATOM   718  O  O   . THR A 1 89  ? -1.105  -4.953  -8.370  1.00 12.44 ? 89   THR A O   1 
ATOM   719  C  CB  . THR A 1 89  ? -3.331  -7.264  -9.456  1.00 13.34 ? 89   THR A CB  1 
ATOM   720  O  OG1 . THR A 1 89  ? -3.715  -8.563  -9.149  1.00 15.74 ? 89   THR A OG1 1 
ATOM   721  C  CG2 . THR A 1 89  ? -2.133  -7.296  -10.393 1.00 15.00 ? 89   THR A CG2 1 
ATOM   722  N  N   . ALA A 1 90  ? -3.196  -4.220  -8.878  1.00 10.90 ? 90   ALA A N   1 
ATOM   723  C  CA  . ALA A 1 90  ? -2.634  -2.947  -9.267  1.00 11.08 ? 90   ALA A CA  1 
ATOM   724  C  C   . ALA A 1 90  ? -1.958  -2.221  -8.079  1.00 12.82 ? 90   ALA A C   1 
ATOM   725  O  O   . ALA A 1 90  ? -0.863  -1.689  -8.262  1.00 11.81 ? 90   ALA A O   1 
ATOM   726  C  CB  . ALA A 1 90  ? -3.738  -2.006  -9.956  1.00 13.78 ? 90   ALA A CB  1 
ATOM   727  N  N   . SER A 1 91  ? -2.586  -2.260  -6.888  1.00 10.94 ? 91   SER A N   1 
ATOM   728  C  CA  . SER A 1 91  ? -1.955  -1.615  -5.702  1.00 9.92  ? 91   SER A CA  1 
ATOM   729  C  C   . SER A 1 91  ? -0.628  -2.315  -5.377  1.00 11.04 ? 91   SER A C   1 
ATOM   730  O  O   . SER A 1 91  ? 0.349   -1.625  -5.021  1.00 10.89 ? 91   SER A O   1 
ATOM   731  C  CB  . SER A 1 91  ? -2.924  -1.730  -4.486  1.00 10.87 ? 91   SER A CB  1 
ATOM   732  O  OG  . SER A 1 91  ? -3.897  -0.657  -4.557  1.00 9.07  ? 91   SER A OG  1 
ATOM   733  N  N   . VAL A 1 92  ? -0.595  -3.650  -5.449  1.00 9.98  ? 92   VAL A N   1 
ATOM   734  C  CA  . VAL A 1 92  ? 0.648   -4.330  -5.174  1.00 10.61 ? 92   VAL A CA  1 
ATOM   735  C  C   . VAL A 1 92  ? 1.766   -4.020  -6.158  1.00 11.30 ? 92   VAL A C   1 
ATOM   736  O  O   . VAL A 1 92  ? 2.912   -3.718  -5.734  1.00 13.28 ? 92   VAL A O   1 
ATOM   737  C  CB  . VAL A 1 92  ? 0.449   -5.847  -5.151  1.00 11.79 ? 92   VAL A CB  1 
ATOM   738  C  CG1 . VAL A 1 92  ? 1.878   -6.545  -5.107  1.00 12.20 ? 92   VAL A CG1 1 
ATOM   739  C  CG2 . VAL A 1 92  ? -0.369  -6.224  -3.909  1.00 12.19 ? 92   VAL A CG2 1 
ATOM   740  N  N   . ASN A 1 93  ? 1.454   -4.027  -7.432  1.00 11.47 ? 93   ASN A N   1 
ATOM   741  C  CA  . ASN A 1 93  ? 2.442   -3.787  -8.484  1.00 13.07 ? 93   ASN A CA  1 
ATOM   742  C  C   . ASN A 1 93  ? 2.991   -2.380  -8.331  1.00 12.72 ? 93   ASN A C   1 
ATOM   743  O  O   . ASN A 1 93  ? 4.205   -2.130  -8.513  1.00 12.22 ? 93   ASN A O   1 
ATOM   744  C  CB  . ASN A 1 93  ? 1.869   -4.003  -9.909  1.00 15.64 ? 93   ASN A CB  1 
ATOM   745  C  CG  . ASN A 1 93  ? 1.575   -5.504  -10.155 1.00 20.98 ? 93   ASN A CG  1 
ATOM   746  O  OD1 . ASN A 1 93  ? 1.999   -6.335  -9.320  1.00 23.54 ? 93   ASN A OD1 1 
ATOM   747  N  ND2 . ASN A 1 93  ? 0.800   -5.856  -11.221 1.00 22.18 ? 93   ASN A ND2 1 
ATOM   748  N  N   . CYS A 1 94  ? 2.090   -1.434  -8.019  1.00 12.50 ? 94   CYS A N   1 
ATOM   749  C  CA  . CYS A 1 94  ? 2.548   -0.056  -7.907  1.00 11.71 ? 94   CYS A CA  1 
ATOM   750  C  C   . CYS A 1 94  ? 3.374   0.121   -6.614  1.00 11.87 ? 94   CYS A C   1 
ATOM   751  O  O   . CYS A 1 94  ? 4.398   0.779   -6.594  1.00 11.87 ? 94   CYS A O   1 
ATOM   752  C  CB  . CYS A 1 94  ? 1.310   0.876   -7.924  1.00 11.86 ? 94   CYS A CB  1 
ATOM   753  S  SG  . CYS A 1 94  ? 1.739   2.642   -7.978  1.00 12.22 ? 94   CYS A SG  1 
ATOM   754  N  N   . ALA A 1 95  ? 2.890   -0.501  -5.539  1.00 10.44 ? 95   ALA A N   1 
ATOM   755  C  CA  . ALA A 1 95  ? 3.683   -0.437  -4.327  1.00 10.40 ? 95   ALA A CA  1 
ATOM   756  C  C   . ALA A 1 95  ? 5.091   -1.035  -4.526  1.00 9.21  ? 95   ALA A C   1 
ATOM   757  O  O   . ALA A 1 95  ? 6.031   -0.531  -3.874  1.00 9.30  ? 95   ALA A O   1 
ATOM   758  C  CB  . ALA A 1 95  ? 2.993   -1.125  -3.173  1.00 11.00 ? 95   ALA A CB  1 
ATOM   759  N  N   . LYS A 1 96  ? 5.230   -2.123  -5.291  1.00 9.98  ? 96   LYS A N   1 
ATOM   760  C  CA  . LYS A 1 96  ? 6.617   -2.644  -5.532  1.00 10.72 ? 96   LYS A CA  1 
ATOM   761  C  C   . LYS A 1 96  ? 7.494   -1.575  -6.197  1.00 12.64 ? 96   LYS A C   1 
ATOM   762  O  O   . LYS A 1 96  ? 8.668   -1.437  -5.897  1.00 12.93 ? 96   LYS A O   1 
ATOM   763  C  CB  . LYS A 1 96  ? 6.571   -3.877  -6.432  1.00 12.14 ? 96   LYS A CB  1 
ATOM   764  C  CG  . LYS A 1 96  ? 6.042   -5.129  -5.681  1.00 11.37 ? 96   LYS A CG  1 
ATOM   765  C  CD  . LYS A 1 96  ? 5.925   -6.300  -6.651  1.00 15.23 ? 96   LYS A CD  1 
ATOM   766  C  CE  . LYS A 1 96  ? 5.332   -7.551  -5.938  1.00 15.12 ? 96   LYS A CE  1 
ATOM   767  N  NZ  . LYS A 1 96  ? 4.961   -8.603  -6.912  1.00 18.06 ? 96   LYS A NZ  1 
ATOM   768  N  N   . LYS A 1 97  ? 6.938   -0.773  -7.122  1.00 12.56 ? 97   LYS A N   1 
ATOM   769  C  CA  . LYS A 1 97  ? 7.731   0.285   -7.733  1.00 12.80 ? 97   LYS A CA  1 
ATOM   770  C  C   . LYS A 1 97  ? 8.088   1.406   -6.675  1.00 13.61 ? 97   LYS A C   1 
ATOM   771  O  O   . LYS A 1 97  ? 9.197   1.924   -6.602  1.00 11.76 ? 97   LYS A O   1 
ATOM   772  C  CB  . LYS A 1 97  ? 6.958   0.873   -8.945  1.00 14.88 ? 97   LYS A CB  1 
ATOM   773  C  CG  . LYS A 1 97  ? 7.729   1.929   -9.697  1.00 19.91 ? 97   LYS A CG  1 
ATOM   774  C  CD  . LYS A 1 97  ? 6.944   2.154   -11.026 1.00 23.83 ? 97   LYS A CD  1 
ATOM   775  C  CE  . LYS A 1 97  ? 7.483   1.240   -12.194 1.00 28.72 ? 97   LYS A CE  1 
ATOM   776  N  NZ  . LYS A 1 97  ? 6.517   1.122   -13.404 1.00 32.18 ? 97   LYS A NZ  1 
ATOM   777  N  N   . ILE A 1 98  ? 7.129   1.742   -5.844  1.00 11.13 ? 98   ILE A N   1 
ATOM   778  C  CA  . ILE A 1 98  ? 7.324   2.794   -4.820  1.00 10.02 ? 98   ILE A CA  1 
ATOM   779  C  C   . ILE A 1 98  ? 8.446   2.389   -3.843  1.00 10.68 ? 98   ILE A C   1 
ATOM   780  O  O   . ILE A 1 98  ? 9.364   3.125   -3.594  1.00 11.27 ? 98   ILE A O   1 
ATOM   781  C  CB  . ILE A 1 98  ? 6.003   3.077   -4.000  1.00 11.50 ? 98   ILE A CB  1 
ATOM   782  C  CG1 . ILE A 1 98  ? 4.956   3.680   -4.977  1.00 11.63 ? 98   ILE A CG1 1 
ATOM   783  C  CG2 . ILE A 1 98  ? 6.294   4.103   -2.848  1.00 11.85 ? 98   ILE A CG2 1 
ATOM   784  C  CD1 . ILE A 1 98  ? 3.505   3.791   -4.414  1.00 12.37 ? 98   ILE A CD1 1 
ATOM   785  N  N   . VAL A 1 99  ? 8.342   1.170   -3.337  1.00 9.76  ? 99   VAL A N   1 
ATOM   786  C  CA  . VAL A 1 99  ? 9.310   0.697   -2.346  1.00 11.02 ? 99   VAL A CA  1 
ATOM   787  C  C   . VAL A 1 99  ? 10.693  0.432   -2.920  1.00 13.40 ? 99   VAL A C   1 
ATOM   788  O  O   . VAL A 1 99  ? 11.686  0.325   -2.144  1.00 14.76 ? 99   VAL A O   1 
ATOM   789  C  CB  . VAL A 1 99  ? 8.757   -0.525  -1.607  1.00 12.02 ? 99   VAL A CB  1 
ATOM   790  C  CG1 . VAL A 1 99  ? 8.852   -1.791  -2.469  1.00 11.50 ? 99   VAL A CG1 1 
ATOM   791  C  CG2 . VAL A 1 99  ? 9.442   -0.721  -0.269  1.00 12.69 ? 99   VAL A CG2 1 
ATOM   792  N  N   . SER A 1 100 ? 10.796  0.429   -4.233  1.00 13.37 ? 100  SER A N   1 
ATOM   793  C  CA  . SER A 1 100 ? 12.107  0.285   -4.870  1.00 15.59 ? 100  SER A CA  1 
ATOM   794  C  C   . SER A 1 100 ? 12.686  1.632   -5.280  1.00 17.74 ? 100  SER A C   1 
ATOM   795  O  O   . SER A 1 100 ? 13.752  1.628   -5.869  1.00 20.54 ? 100  SER A O   1 
ATOM   796  C  CB  . SER A 1 100 ? 11.937  -0.553  -6.177  1.00 14.20 ? 100  SER A CB  1 
ATOM   797  O  OG  . SER A 1 100 ? 11.322  -1.725  -5.867  1.00 16.81 ? 100  SER A OG  1 
ATOM   798  N  N   A ASP A 1 101 ? 12.025  2.742   -4.965  0.71 18.80 ? 101  ASP A N   1 
ATOM   799  N  N   B ASP A 1 101 ? 12.039  2.749   -5.036  0.29 17.76 ? 101  ASP A N   1 
ATOM   800  C  CA  A ASP A 1 101 ? 12.347  4.138   -5.394  0.71 20.30 ? 101  ASP A CA  1 
ATOM   801  C  CA  B ASP A 1 101 ? 12.606  3.962   -5.589  0.29 18.28 ? 101  ASP A CA  1 
ATOM   802  C  C   A ASP A 1 101 ? 13.491  4.837   -4.656  0.71 20.95 ? 101  ASP A C   1 
ATOM   803  C  C   B ASP A 1 101 ? 13.779  4.587   -4.876  0.29 19.07 ? 101  ASP A C   1 
ATOM   804  O  O   A ASP A 1 101 ? 13.889  5.952   -5.040  0.71 20.51 ? 101  ASP A O   1 
ATOM   805  O  O   B ASP A 1 101 ? 14.431  5.451   -5.437  0.29 19.05 ? 101  ASP A O   1 
ATOM   806  C  CB  A ASP A 1 101 ? 11.079  4.991   -5.328  0.71 23.78 ? 101  ASP A CB  1 
ATOM   807  C  CB  B ASP A 1 101 ? 11.527  5.006   -5.825  0.29 17.19 ? 101  ASP A CB  1 
ATOM   808  C  CG  A ASP A 1 101 ? 11.254  6.434   -5.871  0.71 26.98 ? 101  ASP A CG  1 
ATOM   809  C  CG  B ASP A 1 101 ? 11.018  5.633   -4.551  0.29 17.02 ? 101  ASP A CG  1 
ATOM   810  O  OD1 A ASP A 1 101 ? 11.474  6.639   -7.100  0.71 28.67 ? 101  ASP A OD1 1 
ATOM   811  O  OD1 B ASP A 1 101 ? 11.716  5.559   -3.516  0.29 17.66 ? 101  ASP A OD1 1 
ATOM   812  O  OD2 A ASP A 1 101 ? 11.135  7.378   -5.052  0.71 29.40 ? 101  ASP A OD2 1 
ATOM   813  O  OD2 B ASP A 1 101 ? 9.912   6.207   -4.589  0.29 15.60 ? 101  ASP A OD2 1 
ATOM   814  N  N   . GLY A 1 102 ? 14.040  4.154   -3.651  1.00 19.74 ? 102  GLY A N   1 
ATOM   815  C  CA  . GLY A 1 102 ? 15.165  4.698   -2.881  1.00 19.69 ? 102  GLY A CA  1 
ATOM   816  C  C   . GLY A 1 102 ? 14.954  4.792   -1.363  1.00 18.63 ? 102  GLY A C   1 
ATOM   817  O  O   . GLY A 1 102 ? 15.879  4.508   -0.579  1.00 17.74 ? 102  GLY A O   1 
ATOM   818  N  N   . ASN A 1 103 ? 13.717  5.107   -0.941  1.00 16.10 ? 103  ASN A N   1 
ATOM   819  C  CA  . ASN A 1 103 ? 13.493  5.330   0.473   1.00 16.31 ? 103  ASN A CA  1 
ATOM   820  C  C   . ASN A 1 103 ? 12.779  4.178   1.141   1.00 13.85 ? 103  ASN A C   1 
ATOM   821  O  O   . ASN A 1 103 ? 12.414  4.254   2.308   1.00 12.95 ? 103  ASN A O   1 
ATOM   822  C  CB  . ASN A 1 103 ? 12.738  6.657   0.656   1.00 20.65 ? 103  ASN A CB  1 
ATOM   823  C  CG  . ASN A 1 103 ? 13.548  7.819   0.114   1.00 24.26 ? 103  ASN A CG  1 
ATOM   824  O  OD1 . ASN A 1 103 ? 14.747  7.963   0.444   1.00 27.16 ? 103  ASN A OD1 1 
ATOM   825  N  ND2 . ASN A 1 103 ? 12.930  8.615   -0.770  1.00 27.38 ? 103  ASN A ND2 1 
ATOM   826  N  N   . GLY A 1 104 ? 12.693  3.076   0.411   1.00 13.81 ? 104  GLY A N   1 
ATOM   827  C  CA  . GLY A 1 104 ? 12.068  1.933   1.027   1.00 10.88 ? 104  GLY A CA  1 
ATOM   828  C  C   . GLY A 1 104 ? 10.617  2.231   1.515   1.00 11.81 ? 104  GLY A C   1 
ATOM   829  O  O   . GLY A 1 104 ? 9.887   3.000   0.880   1.00 11.53 ? 104  GLY A O   1 
ATOM   830  N  N   . MET A 1 105 ? 10.219  1.664   2.626   1.00 9.67  ? 105  MET A N   1 
ATOM   831  C  CA  . MET A 1 105 ? 8.837   1.845   3.085   1.00 9.90  ? 105  MET A CA  1 
ATOM   832  C  C   . MET A 1 105 ? 8.614   3.211   3.726   1.00 9.95  ? 105  MET A C   1 
ATOM   833  O  O   . MET A 1 105 ? 7.468   3.560   4.057   1.00 11.28 ? 105  MET A O   1 
ATOM   834  C  CB  . MET A 1 105 ? 8.366   0.715   3.961   1.00 11.10 ? 105  MET A CB  1 
ATOM   835  C  CG  . MET A 1 105 ? 8.030   -0.553  3.150   1.00 9.22  ? 105  MET A CG  1 
ATOM   836  S  SD  . MET A 1 105 ? 7.079   -1.808  4.077   1.00 10.81 ? 105  MET A SD  1 
ATOM   837  C  CE  . MET A 1 105 ? 5.427   -0.924  3.937   1.00 10.42 ? 105  MET A CE  1 
ATOM   838  N  N   . ASN A 1 106 ? 9.688   4.004   3.894   1.00 10.55 ? 106  ASN A N   1 
ATOM   839  C  CA  . ASN A 1 106 ? 9.522   5.362   4.414   1.00 10.43 ? 106  ASN A CA  1 
ATOM   840  C  C   . ASN A 1 106 ? 8.631   6.223   3.517   1.00 10.63 ? 106  ASN A C   1 
ATOM   841  O  O   . ASN A 1 106 ? 8.148   7.218   4.001   1.00 13.50 ? 106  ASN A O   1 
ATOM   842  C  CB  . ASN A 1 106 ? 10.919  5.993   4.661   1.00 11.17 ? 106  ASN A CB  1 
ATOM   843  C  CG  . ASN A 1 106 ? 11.694  5.262   5.746   1.00 10.85 ? 106  ASN A CG  1 
ATOM   844  O  OD1 . ASN A 1 106 ? 11.341  5.315   6.922   1.00 12.50 ? 106  ASN A OD1 1 
ATOM   845  N  ND2 . ASN A 1 106 ? 12.787  4.577   5.334   1.00 11.66 ? 106  ASN A ND2 1 
ATOM   846  N  N   . ALA A 1 107 ? 8.390   5.806   2.268   1.00 10.77 ? 107  ALA A N   1 
ATOM   847  C  CA  . ALA A 1 107 ? 7.448   6.481   1.334   1.00 11.86 ? 107  ALA A CA  1 
ATOM   848  C  C   . ALA A 1 107 ? 6.081   6.513   2.016   1.00 12.96 ? 107  ALA A C   1 
ATOM   849  O  O   . ALA A 1 107 ? 5.269   7.455   1.784   1.00 14.22 ? 107  ALA A O   1 
ATOM   850  C  CB  . ALA A 1 107 ? 7.351   5.708   0.099   1.00 12.67 ? 107  ALA A CB  1 
ATOM   851  N  N   . TRP A 1 108 ? 5.763   5.531   2.871   1.00 10.86 ? 108  TRP A N   1 
ATOM   852  C  CA  . TRP A 1 108 ? 4.450   5.546   3.551   1.00 12.37 ? 108  TRP A CA  1 
ATOM   853  C  C   . TRP A 1 108 ? 4.616   6.157   4.948   1.00 13.40 ? 108  TRP A C   1 
ATOM   854  O  O   . TRP A 1 108 ? 5.192   5.538   5.828   1.00 11.51 ? 108  TRP A O   1 
ATOM   855  C  CB  . TRP A 1 108 ? 3.900   4.111   3.626   1.00 11.20 ? 108  TRP A CB  1 
ATOM   856  C  CG  . TRP A 1 108 ? 3.416   3.546   2.338   1.00 10.42 ? 108  TRP A CG  1 
ATOM   857  C  CD1 . TRP A 1 108 ? 2.155   3.699   1.802   1.00 11.94 ? 108  TRP A CD1 1 
ATOM   858  C  CD2 . TRP A 1 108 ? 4.179   2.770   1.387   1.00 10.90 ? 108  TRP A CD2 1 
ATOM   859  N  NE1 . TRP A 1 108 ? 2.104   3.061   0.581   1.00 10.61 ? 108  TRP A NE1 1 
ATOM   860  C  CE2 . TRP A 1 108 ? 3.310   2.482   0.269   1.00 9.28  ? 108  TRP A CE2 1 
ATOM   861  C  CE3 . TRP A 1 108 ? 5.497   2.278   1.357   1.00 10.02 ? 108  TRP A CE3 1 
ATOM   862  C  CZ2 . TRP A 1 108 ? 3.711   1.764   -0.826  1.00 10.87 ? 108  TRP A CZ2 1 
ATOM   863  C  CZ3 . TRP A 1 108 ? 5.895   1.557   0.248   1.00 10.70 ? 108  TRP A CZ3 1 
ATOM   864  C  CH2 . TRP A 1 108 ? 5.016   1.303   -0.842  1.00 10.74 ? 108  TRP A CH2 1 
ATOM   865  N  N   . VAL A 1 109 ? 4.150   7.401   5.109   1.00 13.83 ? 109  VAL A N   1 
ATOM   866  C  CA  . VAL A 1 109 ? 4.340   8.091   6.379   1.00 17.13 ? 109  VAL A CA  1 
ATOM   867  C  C   . VAL A 1 109 ? 3.732   7.295   7.523   1.00 14.35 ? 109  VAL A C   1 
ATOM   868  O  O   . VAL A 1 109 ? 4.364   7.270   8.557   1.00 16.53 ? 109  VAL A O   1 
ATOM   869  C  CB  . VAL A 1 109 ? 3.683   9.492   6.291   1.00 17.04 ? 109  VAL A CB  1 
ATOM   870  C  CG1 . VAL A 1 109 ? 3.577   10.152  7.723   1.00 20.30 ? 109  VAL A CG1 1 
ATOM   871  C  CG2 . VAL A 1 109 ? 4.471   10.389  5.261   1.00 22.22 ? 109  VAL A CG2 1 
ATOM   872  N  N   . ALA A 1 110 ? 2.587   6.680   7.343   1.00 15.06 ? 110  ALA A N   1 
ATOM   873  C  CA  . ALA A 1 110 ? 1.938   5.888   8.421   1.00 13.66 ? 110  ALA A CA  1 
ATOM   874  C  C   . ALA A 1 110 ? 2.835   4.679   8.744   1.00 14.09 ? 110  ALA A C   1 
ATOM   875  O  O   . ALA A 1 110 ? 2.871   4.273   9.921   1.00 13.96 ? 110  ALA A O   1 
ATOM   876  C  CB  . ALA A 1 110 ? 0.556   5.349   8.039   1.00 15.22 ? 110  ALA A CB  1 
ATOM   877  N  N   . TRP A 1 111 ? 3.533   4.110   7.739   1.00 12.03 ? 111  TRP A N   1 
ATOM   878  C  CA  . TRP A 1 111 ? 4.406   3.000   8.078   1.00 11.05 ? 111  TRP A CA  1 
ATOM   879  C  C   . TRP A 1 111 ? 5.548   3.572   8.944   1.00 12.05 ? 111  TRP A C   1 
ATOM   880  O  O   . TRP A 1 111 ? 5.863   2.955   9.994   1.00 12.53 ? 111  TRP A O   1 
ATOM   881  C  CB  . TRP A 1 111 ? 4.960   2.275   6.816   1.00 11.06 ? 111  TRP A CB  1 
ATOM   882  C  CG  . TRP A 1 111 ? 5.966   1.245   7.207   1.00 10.05 ? 111  TRP A CG  1 
ATOM   883  C  CD1 . TRP A 1 111 ? 5.715   -0.034  7.565   1.00 11.13 ? 111  TRP A CD1 1 
ATOM   884  C  CD2 . TRP A 1 111 ? 7.392   1.414   7.280   1.00 10.36 ? 111  TRP A CD2 1 
ATOM   885  N  NE1 . TRP A 1 111 ? 6.918   -0.659  7.878   1.00 11.08 ? 111  TRP A NE1 1 
ATOM   886  C  CE2 . TRP A 1 111 ? 7.939   0.212   7.688   1.00 11.41 ? 111  TRP A CE2 1 
ATOM   887  C  CE3 . TRP A 1 111 ? 8.252   2.489   7.005   1.00 10.12 ? 111  TRP A CE3 1 
ATOM   888  C  CZ2 . TRP A 1 111 ? 9.340   0.041   7.845   1.00 11.86 ? 111  TRP A CZ2 1 
ATOM   889  C  CZ3 . TRP A 1 111 ? 9.628   2.326   7.142   1.00 10.49 ? 111  TRP A CZ3 1 
ATOM   890  C  CH2 . TRP A 1 111 ? 10.148  1.112   7.559   1.00 12.11 ? 111  TRP A CH2 1 
ATOM   891  N  N   . ARG A 1 112 ? 6.188   4.646   8.512   1.00 11.69 ? 112  ARG A N   1 
ATOM   892  C  CA  . ARG A 1 112 ? 7.259   5.152   9.344   1.00 12.40 ? 112  ARG A CA  1 
ATOM   893  C  C   . ARG A 1 112 ? 6.804   5.471   10.757  1.00 12.06 ? 112  ARG A C   1 
ATOM   894  O  O   . ARG A 1 112 ? 7.564   5.217   11.727  1.00 12.19 ? 112  ARG A O   1 
ATOM   895  C  CB  . ARG A 1 112 ? 7.886   6.400   8.663   1.00 16.89 ? 112  ARG A CB  1 
ATOM   896  C  CG  . ARG A 1 112 ? 9.030   6.940   9.476   1.00 19.90 ? 112  ARG A CG  1 
ATOM   897  C  CD  . ARG A 1 112 ? 9.777   8.038   8.764   1.00 24.31 ? 112  ARG A CD  1 
ATOM   898  N  NE  . ARG A 1 112 ? 8.953   9.117   8.186   1.00 26.68 ? 112  ARG A NE  1 
ATOM   899  C  CZ  . ARG A 1 112 ? 8.278   10.086  8.815   1.00 28.13 ? 112  ARG A CZ  1 
ATOM   900  N  NH1 . ARG A 1 112 ? 7.592   10.960  8.073   1.00 29.42 ? 112  ARG A NH1 1 
ATOM   901  N  NH2 . ARG A 1 112 ? 8.245   10.193  10.127  1.00 26.54 ? 112  ARG A NH2 1 
ATOM   902  N  N   . ASN A 1 113 ? 5.626   6.097   10.874  1.00 11.20 ? 113  ASN A N   1 
ATOM   903  C  CA  . ASN A 1 113 ? 5.220   6.526   12.199  1.00 12.90 ? 113  ASN A CA  1 
ATOM   904  C  C   . ASN A 1 113 ? 4.530   5.504   13.069  1.00 12.44 ? 113  ASN A C   1 
ATOM   905  O  O   . ASN A 1 113 ? 4.492   5.681   14.293  1.00 13.24 ? 113  ASN A O   1 
ATOM   906  C  CB  . ASN A 1 113 ? 4.359   7.750   12.075  1.00 11.52 ? 113  ASN A CB  1 
ATOM   907  C  CG  . ASN A 1 113 ? 5.138   8.979   11.596  1.00 13.62 ? 113  ASN A CG  1 
ATOM   908  O  OD1 . ASN A 1 113 ? 6.323   9.161   11.933  1.00 14.51 ? 113  ASN A OD1 1 
ATOM   909  N  ND2 . ASN A 1 113 ? 4.417   9.867   10.860  1.00 14.35 ? 113  ASN A ND2 1 
ATOM   910  N  N   . ARG A 1 114 ? 4.005   4.426   12.469  1.00 12.47 ? 114  ARG A N   1 
ATOM   911  C  CA  . ARG A 1 114 ? 3.272   3.491   13.305  1.00 13.16 ? 114  ARG A CA  1 
ATOM   912  C  C   . ARG A 1 114 ? 3.669   2.067   13.196  1.00 14.74 ? 114  ARG A C   1 
ATOM   913  O  O   . ARG A 1 114 ? 3.172   1.250   13.994  1.00 15.20 ? 114  ARG A O   1 
ATOM   914  C  CB  . ARG A 1 114 ? 1.767   3.617   12.993  1.00 12.95 ? 114  ARG A CB  1 
ATOM   915  C  CG  . ARG A 1 114 ? 1.375   5.147   13.070  1.00 14.39 ? 114  ARG A CG  1 
ATOM   916  C  CD  . ARG A 1 114 ? -0.089  5.418   12.706  1.00 13.16 ? 114  ARG A CD  1 
ATOM   917  N  NE  . ARG A 1 114 ? -0.964  4.789   13.721  1.00 11.14 ? 114  ARG A NE  1 
ATOM   918  C  CZ  . ARG A 1 114 ? -2.275  4.893   13.645  1.00 13.17 ? 114  ARG A CZ  1 
ATOM   919  N  NH1 . ARG A 1 114 ? -2.833  5.580   12.611  1.00 11.97 ? 114  ARG A NH1 1 
ATOM   920  N  NH2 . ARG A 1 114 ? -3.043  4.411   14.612  1.00 15.23 ? 114  ARG A NH2 1 
ATOM   921  N  N   . CYS A 1 115 ? 4.546   1.763   12.257  1.00 10.68 ? 115  CYS A N   1 
ATOM   922  C  CA  . CYS A 1 115 ? 4.983   0.364   12.064  1.00 12.91 ? 115  CYS A CA  1 
ATOM   923  C  C   . CYS A 1 115 ? 6.482   0.124   12.203  1.00 11.93 ? 115  CYS A C   1 
ATOM   924  O  O   . CYS A 1 115 ? 6.896   -0.889  12.785  1.00 11.22 ? 115  CYS A O   1 
ATOM   925  C  CB  . CYS A 1 115 ? 4.561   -0.107  10.640  1.00 11.10 ? 115  CYS A CB  1 
ATOM   926  S  SG  . CYS A 1 115 ? 2.766   -0.042  10.325  1.00 10.91 ? 115  CYS A SG  1 
ATOM   927  N  N   . LYS A 1 116 ? 7.262   1.001   11.600  1.00 11.61 ? 116  LYS A N   1 
ATOM   928  C  CA  . LYS A 1 116 ? 8.735   0.911   11.634  1.00 12.52 ? 116  LYS A CA  1 
ATOM   929  C  C   . LYS A 1 116 ? 9.214   0.781   13.070  1.00 13.08 ? 116  LYS A C   1 
ATOM   930  O  O   . LYS A 1 116 ? 8.814   1.549   13.933  1.00 14.11 ? 116  LYS A O   1 
ATOM   931  C  CB  . LYS A 1 116 ? 9.306   2.174   10.998  1.00 12.45 ? 116  LYS A CB  1 
ATOM   932  C  CG  . LYS A 1 116 ? 10.839  2.225   10.893  1.00 14.80 ? 116  LYS A CG  1 
ATOM   933  C  CD  . LYS A 1 116 ? 11.284  3.529   10.281  1.00 14.14 ? 116  LYS A CD  1 
ATOM   934  C  CE  . LYS A 1 116 ? 12.697  3.440   9.862   1.00 13.62 ? 116  LYS A CE  1 
ATOM   935  N  NZ  . LYS A 1 116 ? 13.123  4.732   9.205   1.00 14.02 ? 116  LYS A NZ  1 
ATOM   936  N  N   . GLY A 1 117 ? 9.965   -0.285  13.270  1.00 15.12 ? 117  GLY A N   1 
ATOM   937  C  CA  . GLY A 1 117 ? 10.584  -0.526  14.574  1.00 17.48 ? 117  GLY A CA  1 
ATOM   938  C  C   . GLY A 1 117 ? 9.716   -1.294  15.543  1.00 18.94 ? 117  GLY A C   1 
ATOM   939  O  O   . GLY A 1 117 ? 10.141  -1.717  16.615  1.00 22.87 ? 117  GLY A O   1 
ATOM   940  N  N   . THR A 1 118 ? 8.474   -1.486  15.194  1.00 14.56 ? 118  THR A N   1 
ATOM   941  C  CA  . THR A 1 118 ? 7.561   -2.212  16.090  1.00 15.55 ? 118  THR A CA  1 
ATOM   942  C  C   . THR A 1 118 ? 7.547   -3.722  15.758  1.00 15.24 ? 118  THR A C   1 
ATOM   943  O  O   . THR A 1 118 ? 8.181   -4.179  14.754  1.00 14.91 ? 118  THR A O   1 
ATOM   944  C  CB  . THR A 1 118 ? 6.101   -1.692  15.963  1.00 15.61 ? 118  THR A CB  1 
ATOM   945  O  OG1 . THR A 1 118 ? 5.553   -2.133  14.712  1.00 12.60 ? 118  THR A OG1 1 
ATOM   946  C  CG2 . THR A 1 118 ? 5.985   -0.140  16.004  1.00 12.92 ? 118  THR A CG2 1 
ATOM   947  N  N   . ASP A 1 119 ? 6.918   -4.506  16.644  1.00 16.37 ? 119  ASP A N   1 
ATOM   948  C  CA  . ASP A 1 119 ? 6.756   -5.920  16.388  1.00 17.81 ? 119  ASP A CA  1 
ATOM   949  C  C   . ASP A 1 119 ? 5.729   -6.210  15.253  1.00 17.76 ? 119  ASP A C   1 
ATOM   950  O  O   . ASP A 1 119 ? 4.657   -6.703  15.463  1.00 18.78 ? 119  ASP A O   1 
ATOM   951  C  CB  . ASP A 1 119 ? 6.368   -6.607  17.716  1.00 20.01 ? 119  ASP A CB  1 
ATOM   952  C  CG  . ASP A 1 119 ? 6.206   -8.099  17.563  1.00 24.24 ? 119  ASP A CG  1 
ATOM   953  O  OD1 . ASP A 1 119 ? 6.730   -8.679  16.569  1.00 22.96 ? 119  ASP A OD1 1 
ATOM   954  O  OD2 . ASP A 1 119 ? 5.528   -8.715  18.460  1.00 26.64 ? 119  ASP A OD2 1 
ATOM   955  N  N   . VAL A 1 120 ? 6.123   -5.928  14.015  1.00 17.20 ? 120  VAL A N   1 
ATOM   956  C  CA  . VAL A 1 120 ? 5.194   -6.117  12.897  1.00 15.37 ? 120  VAL A CA  1 
ATOM   957  C  C   . VAL A 1 120 ? 4.768   -7.538  12.652  1.00 15.19 ? 120  VAL A C   1 
ATOM   958  O  O   . VAL A 1 120 ? 3.758   -7.788  11.980  1.00 14.07 ? 120  VAL A O   1 
ATOM   959  C  CB  . VAL A 1 120 ? 5.763   -5.511  11.596  1.00 16.23 ? 120  VAL A CB  1 
ATOM   960  C  CG1 . VAL A 1 120 ? 5.987   -3.943  11.759  1.00 15.54 ? 120  VAL A CG1 1 
ATOM   961  C  CG2 . VAL A 1 120 ? 7.049   -6.214  11.303  1.00 16.85 ? 120  VAL A CG2 1 
ATOM   962  N  N   A GLN A 1 121 ? 5.549   -8.462  13.198  0.50 16.27 ? 121  GLN A N   1 
ATOM   963  N  N   B GLN A 1 121 ? 5.506   -8.550  13.130  0.50 15.39 ? 121  GLN A N   1 
ATOM   964  C  CA  A GLN A 1 121 ? 5.270   -9.872  13.100  0.50 17.78 ? 121  GLN A CA  1 
ATOM   965  C  CA  B GLN A 1 121 ? 5.067   -9.950  12.894  0.50 16.26 ? 121  GLN A CA  1 
ATOM   966  C  C   A GLN A 1 121 ? 3.850   -10.159 13.615  0.50 16.59 ? 121  GLN A C   1 
ATOM   967  C  C   B GLN A 1 121 ? 3.711   -10.188 13.606  0.50 15.97 ? 121  GLN A C   1 
ATOM   968  O  O   A GLN A 1 121 ? 3.171   -11.053 13.092  0.50 16.36 ? 121  GLN A O   1 
ATOM   969  O  O   B GLN A 1 121 ? 2.931   -11.095 13.255  0.50 15.50 ? 121  GLN A O   1 
ATOM   970  C  CB  A GLN A 1 121 ? 6.291   -10.626 13.953  0.50 19.46 ? 121  GLN A CB  1 
ATOM   971  C  CB  B GLN A 1 121 ? 6.143   -10.936 13.403  0.50 17.12 ? 121  GLN A CB  1 
ATOM   972  C  CG  A GLN A 1 121 ? 6.168   -12.087 13.846  0.50 22.88 ? 121  GLN A CG  1 
ATOM   973  C  CG  B GLN A 1 121 ? 5.891   -12.411 13.041  0.50 19.57 ? 121  GLN A CG  1 
ATOM   974  C  CD  A GLN A 1 121 ? 7.278   -12.780 14.556  0.50 24.00 ? 121  GLN A CD  1 
ATOM   975  C  CD  B GLN A 1 121 ? 4.757   -13.043 13.812  0.50 20.46 ? 121  GLN A CD  1 
ATOM   976  O  OE1 A GLN A 1 121 ? 8.409   -12.252 14.661  0.50 25.97 ? 121  GLN A OE1 1 
ATOM   977  O  OE1 B GLN A 1 121 ? 4.101   -13.962 13.316  0.50 19.28 ? 121  GLN A OE1 1 
ATOM   978  N  NE2 A GLN A 1 121 ? 6.993   -13.983 15.036  0.50 25.36 ? 121  GLN A NE2 1 
ATOM   979  N  NE2 B GLN A 1 121 ? 4.518   -12.561 15.031  0.50 21.20 ? 121  GLN A NE2 1 
ATOM   980  N  N   . ALA A 1 122 ? 3.425   -9.388  14.622  1.00 13.82 ? 122  ALA A N   1 
ATOM   981  C  CA  . ALA A 1 122 ? 2.104   -9.504  15.278  1.00 13.34 ? 122  ALA A CA  1 
ATOM   982  C  C   . ALA A 1 122 ? 0.978   -9.421  14.236  1.00 12.21 ? 122  ALA A C   1 
ATOM   983  O  O   . ALA A 1 122 ? -0.098  -10.012 14.387  1.00 14.42 ? 122  ALA A O   1 
ATOM   984  C  CB  . ALA A 1 122 ? 1.928   -8.377  16.378  1.00 17.01 ? 122  ALA A CB  1 
ATOM   985  N  N   . TRP A 1 123 ? 1.213   -8.618  13.191  1.00 12.48 ? 123  TRP A N   1 
ATOM   986  C  CA  . TRP A 1 123 ? 0.181   -8.515  12.177  1.00 13.33 ? 123  TRP A CA  1 
ATOM   987  C  C   . TRP A 1 123 ? -0.172  -9.749  11.363  1.00 16.18 ? 123  TRP A C   1 
ATOM   988  O  O   . TRP A 1 123 ? -1.216  -9.794  10.729  1.00 15.26 ? 123  TRP A O   1 
ATOM   989  C  CB  . TRP A 1 123 ? 0.499   -7.343  11.196  1.00 13.58 ? 123  TRP A CB  1 
ATOM   990  C  CG  . TRP A 1 123 ? 0.420   -6.003  11.927  1.00 14.40 ? 123  TRP A CG  1 
ATOM   991  C  CD1 . TRP A 1 123 ? 1.470   -5.292  12.516  1.00 14.79 ? 123  TRP A CD1 1 
ATOM   992  C  CD2 . TRP A 1 123 ? -0.786  -5.306  12.305  1.00 15.09 ? 123  TRP A CD2 1 
ATOM   993  N  NE1 . TRP A 1 123 ? 0.972   -4.239  13.216  1.00 17.01 ? 123  TRP A NE1 1 
ATOM   994  C  CE2 . TRP A 1 123 ? -0.393  -4.203  13.115  1.00 17.01 ? 123  TRP A CE2 1 
ATOM   995  C  CE3 . TRP A 1 123 ? -2.141  -5.524  12.045  1.00 14.18 ? 123  TRP A CE3 1 
ATOM   996  C  CZ2 . TRP A 1 123 ? -1.318  -3.324  13.659  1.00 18.04 ? 123  TRP A CZ2 1 
ATOM   997  C  CZ3 . TRP A 1 123 ? -3.102  -4.635  12.620  1.00 17.68 ? 123  TRP A CZ3 1 
ATOM   998  C  CH2 . TRP A 1 123 ? -2.648  -3.559  13.421  1.00 17.71 ? 123  TRP A CH2 1 
ATOM   999  N  N   . ILE A 1 124 ? 0.760   -10.710 11.321  1.00 14.99 ? 124  ILE A N   1 
ATOM   1000 C  CA  . ILE A 1 124 ? 0.470   -11.928 10.597  1.00 16.31 ? 124  ILE A CA  1 
ATOM   1001 C  C   . ILE A 1 124 ? 0.363   -13.133 11.535  1.00 17.85 ? 124  ILE A C   1 
ATOM   1002 O  O   . ILE A 1 124 ? 0.173   -14.247 11.050  1.00 16.99 ? 124  ILE A O   1 
ATOM   1003 C  CB  . ILE A 1 124 ? 1.509   -12.232 9.521   1.00 16.62 ? 124  ILE A CB  1 
ATOM   1004 C  CG1 . ILE A 1 124 ? 2.910   -12.389 10.128  1.00 18.54 ? 124  ILE A CG1 1 
ATOM   1005 C  CG2 . ILE A 1 124 ? 1.380   -11.113 8.436   1.00 16.84 ? 124  ILE A CG2 1 
ATOM   1006 C  CD1 . ILE A 1 124 ? 4.086   -12.709 9.055   1.00 22.95 ? 124  ILE A CD1 1 
ATOM   1007 N  N   . ARG A 1 125 ? 0.458   -12.885 12.826  1.00 18.24 ? 125  ARG A N   1 
ATOM   1008 C  CA  . ARG A 1 125 ? 0.437   -13.988 13.835  1.00 21.96 ? 125  ARG A CA  1 
ATOM   1009 C  C   . ARG A 1 125 ? -0.879  -14.677 13.721  1.00 20.42 ? 125  ARG A C   1 
ATOM   1010 O  O   . ARG A 1 125 ? -1.890  -14.037 13.621  1.00 21.40 ? 125  ARG A O   1 
ATOM   1011 C  CB  . ARG A 1 125 ? 0.595   -13.391 15.246  1.00 24.04 ? 125  ARG A CB  1 
ATOM   1012 C  CG  . ARG A 1 125 ? 1.052   -14.291 16.419  1.00 28.40 ? 125  ARG A CG  1 
ATOM   1013 C  CD  . ARG A 1 125 ? 1.645   -13.305 17.531  1.00 30.66 ? 125  ARG A CD  1 
ATOM   1014 N  NE  . ARG A 1 125 ? 2.929   -12.695 17.133  1.00 32.83 ? 125  ARG A NE  1 
ATOM   1015 C  CZ  . ARG A 1 125 ? 3.531   -11.656 17.758  1.00 34.82 ? 125  ARG A CZ  1 
ATOM   1016 N  NH1 . ARG A 1 125 ? 4.697   -11.178 17.310  1.00 32.79 ? 125  ARG A NH1 1 
ATOM   1017 N  NH2 . ARG A 1 125 ? 2.969   -11.067 18.834  1.00 34.68 ? 125  ARG A NH2 1 
ATOM   1018 N  N   . GLY A 1 126 ? -0.856  -16.016 13.721  1.00 21.81 ? 126  GLY A N   1 
ATOM   1019 C  CA  . GLY A 1 126 ? -2.104  -16.743 13.660  1.00 21.84 ? 126  GLY A CA  1 
ATOM   1020 C  C   . GLY A 1 126 ? -2.641  -17.059 12.290  1.00 22.74 ? 126  GLY A C   1 
ATOM   1021 O  O   . GLY A 1 126 ? -3.413  -17.978 12.085  1.00 25.80 ? 126  GLY A O   1 
ATOM   1022 N  N   . CYS A 1 127 ? -2.158  -16.359 11.303  1.00 20.08 ? 127  CYS A N   1 
ATOM   1023 C  CA  . CYS A 1 127 ? -2.712  -16.523 9.979   1.00 20.09 ? 127  CYS A CA  1 
ATOM   1024 C  C   . CYS A 1 127 ? -2.237  -17.736 9.209   1.00 20.21 ? 127  CYS A C   1 
ATOM   1025 O  O   . CYS A 1 127 ? -1.079  -18.062 9.272   1.00 18.86 ? 127  CYS A O   1 
ATOM   1026 C  CB  . CYS A 1 127 ? -2.287  -15.334 9.187   1.00 18.07 ? 127  CYS A CB  1 
ATOM   1027 S  SG  . CYS A 1 127 ? -2.838  -13.701 9.752   1.00 16.49 ? 127  CYS A SG  1 
ATOM   1028 N  N   A ARG A 1 128 ? -3.112  -18.375 8.444   0.71 20.64 ? 128  ARG A N   1 
ATOM   1029 N  N   B ARG A 1 128 ? -3.105  -18.362 8.429   0.29 20.99 ? 128  ARG A N   1 
ATOM   1030 C  CA  A ARG A 1 128 ? -2.625  -19.512 7.658   0.71 22.38 ? 128  ARG A CA  1 
ATOM   1031 C  CA  B ARG A 1 128 ? -2.657  -19.504 7.635   0.29 22.39 ? 128  ARG A CA  1 
ATOM   1032 C  C   A ARG A 1 128 ? -1.878  -18.947 6.432   0.71 23.23 ? 128  ARG A C   1 
ATOM   1033 C  C   B ARG A 1 128 ? -1.883  -18.931 6.432   0.29 23.35 ? 128  ARG A C   1 
ATOM   1034 O  O   A ARG A 1 128 ? -2.468  -18.300 5.566   0.71 24.98 ? 128  ARG A O   1 
ATOM   1035 O  O   B ARG A 1 128 ? -2.466  -18.262 5.581   0.29 24.09 ? 128  ARG A O   1 
ATOM   1036 C  CB  A ARG A 1 128 ? -3.775  -20.409 7.253   0.71 22.91 ? 128  ARG A CB  1 
ATOM   1037 C  CB  B ARG A 1 128 ? -3.858  -20.308 7.158   0.29 22.59 ? 128  ARG A CB  1 
ATOM   1038 C  CG  A ARG A 1 128 ? -3.335  -21.769 6.716   0.71 25.29 ? 128  ARG A CG  1 
ATOM   1039 C  CG  B ARG A 1 128 ? -3.583  -21.783 6.938   0.29 23.18 ? 128  ARG A CG  1 
ATOM   1040 C  CD  A ARG A 1 128 ? -4.454  -22.786 6.854   0.71 23.72 ? 128  ARG A CD  1 
ATOM   1041 C  CD  B ARG A 1 128 ? -4.755  -22.419 6.245   0.29 22.51 ? 128  ARG A CD  1 
ATOM   1042 N  NE  A ARG A 1 128 ? -4.095  -24.147 6.412   0.71 25.10 ? 128  ARG A NE  1 
ATOM   1043 N  NE  B ARG A 1 128 ? -5.992  -22.159 6.962   0.29 22.01 ? 128  ARG A NE  1 
ATOM   1044 C  CZ  A ARG A 1 128 ? -3.692  -25.131 7.218   0.71 25.58 ? 128  ARG A CZ  1 
ATOM   1045 C  CZ  B ARG A 1 128 ? -6.411  -22.875 7.993   0.29 21.00 ? 128  ARG A CZ  1 
ATOM   1046 N  NH1 A ARG A 1 128 ? -3.563  -24.932 8.532   0.71 25.24 ? 128  ARG A NH1 1 
ATOM   1047 N  NH1 B ARG A 1 128 ? -5.685  -23.901 8.422   0.29 22.28 ? 128  ARG A NH1 1 
ATOM   1048 N  NH2 A ARG A 1 128 ? -3.509  -26.358 6.731   0.71 26.54 ? 128  ARG A NH2 1 
ATOM   1049 N  NH2 B ARG A 1 128 ? -7.560  -22.585 8.578   0.29 21.06 ? 128  ARG A NH2 1 
ATOM   1050 N  N   . LEU A 1 129 ? -0.577  -19.173 6.359   1.00 24.48 ? 129  LEU A N   1 
ATOM   1051 C  CA  . LEU A 1 129 ? 0.231   -18.647 5.240   1.00 26.29 ? 129  LEU A CA  1 
ATOM   1052 C  C   . LEU A 1 129 ? 1.243   -19.666 4.707   1.00 29.47 ? 129  LEU A C   1 
ATOM   1053 O  O   . LEU A 1 129 ? 1.520   -20.647 5.495   1.00 30.77 ? 129  LEU A O   1 
ATOM   1054 C  CB  . LEU A 1 129 ? 1.035   -17.388 5.667   1.00 25.27 ? 129  LEU A CB  1 
ATOM   1055 C  CG  . LEU A 1 129 ? 0.262   -16.160 6.229   1.00 24.31 ? 129  LEU A CG  1 
ATOM   1056 C  CD1 . LEU A 1 129 ? 1.265   -15.204 6.923   1.00 25.20 ? 129  LEU A CD1 1 
ATOM   1057 C  CD2 . LEU A 1 129 ? -0.470  -15.373 5.071   1.00 26.91 ? 129  LEU A CD2 1 
ATOM   1058 O  OXT . LEU A 1 129 ? 1.751   -19.451 3.556   1.00 30.79 ? 129  LEU A OXT 1 
HETATM 1059 IR IR  . 2T8 B 2 .   ? -6.751  -15.118 -2.194  0.50 14.40 ? 1001 2T8 A IR  1 
HETATM 1060 C  C   . 2T8 B 2 .   ? -5.134  -16.010 -1.361  0.50 12.49 ? 1001 2T8 A C   1 
HETATM 1061 O  O   . 2T8 B 2 .   ? -4.234  -16.507 -0.897  0.50 13.97 ? 1001 2T8 A O   1 
HETATM 1062 CL CL1 . 2T8 B 2 .   ? -8.304  -16.757 -1.073  1.00 9.41  ? 1001 2T8 A CL1 1 
HETATM 1063 CL CL2 . 2T8 B 2 .   ? -6.609  -16.501 -4.142  1.00 8.37  ? 1001 2T8 A CL2 1 
HETATM 1064 O  O2  . 2T8 B 2 .   ? -8.816  -13.978 -3.258  0.50 12.88 ? 1001 2T8 A O2  1 
HETATM 1065 IR IR  A 2T8 C 2 .   ? 10.571  -8.336  11.845  0.65 28.61 ? 1002 2T8 A IR  1 
HETATM 1066 C  C   A 2T8 C 2 .   ? 9.016   -9.014  11.022  0.65 19.76 ? 1002 2T8 A C   1 
HETATM 1067 O  O   A 2T8 C 2 .   ? 8.129   -9.449  10.525  0.65 23.38 ? 1002 2T8 A O   1 
HETATM 1068 CL CL1 A 2T8 C 2 .   ? 10.249  -6.338  10.583  0.65 11.93 ? 1002 2T8 A CL1 1 
HETATM 1069 CL CL2 A 2T8 C 2 .   ? 11.911  -9.077  10.161  0.65 17.32 ? 1002 2T8 A CL2 1 
HETATM 1070 O  O2  A 2T8 C 2 .   ? 12.435  -7.328  12.941  0.65 21.60 ? 1002 2T8 A O2  1 
HETATM 1071 CL CL3 A 2T8 C 2 .   ? 9.273   -7.491  13.603  0.65 14.09 ? 1002 2T8 A CL3 1 
HETATM 1072 CL CL4 A 2T8 C 2 .   ? 11.044  -10.324 12.955  0.65 15.32 ? 1002 2T8 A CL4 1 
HETATM 1073 IR IR  . 2T8 D 2 .   ? -7.193  7.312   -18.395 0.45 22.59 ? 1003 2T8 A IR  1 
HETATM 1074 C  C   . 2T8 D 2 .   ? -7.884  5.736   -17.812 0.45 13.32 ? 1003 2T8 A C   1 
HETATM 1075 O  O   . 2T8 D 2 .   ? -8.306  4.817   -17.515 0.45 17.32 ? 1003 2T8 A O   1 
HETATM 1076 CL CL1 . 2T8 D 2 .   ? -8.225  8.379   -16.627 0.45 7.79  ? 1003 2T8 A CL1 1 
HETATM 1077 CL CL2 . 2T8 D 2 .   ? -8.954  7.815   -19.771 0.45 10.94 ? 1003 2T8 A CL2 1 
HETATM 1078 O  O2  . 2T8 D 2 .   ? -6.244  9.384   -19.106 0.45 14.63 ? 1003 2T8 A O2  1 
HETATM 1079 CL CL3 . 2T8 D 2 .   ? -5.487  6.970   -16.884 0.45 5.12  ? 1003 2T8 A CL3 1 
HETATM 1080 CL CL4 . 2T8 D 2 .   ? -6.075  6.254   -20.101 0.45 14.31 ? 1003 2T8 A CL4 1 
HETATM 1081 CL CL  . CL  E 3 .   ? 15.082  -0.445  2.516   1.00 16.40 ? 1004 CL  A CL  1 
HETATM 1082 CL CL  . CL  F 3 .   ? -3.596  14.997  -13.279 1.00 18.60 ? 1005 CL  A CL  1 
HETATM 1083 NA NA  . NA  G 4 .   ? -0.810  11.810  -11.301 1.00 17.05 ? 1006 NA  A NA  1 
HETATM 1084 O  O   . HOH H 5 .   ? -2.826  -18.827 3.291   1.00 32.75 ? 1101 HOH A O   1 
HETATM 1085 O  O   . HOH H 5 .   ? -6.933  -5.731  12.511  1.00 22.47 ? 1102 HOH A O   1 
HETATM 1086 O  O   . HOH H 5 .   ? -11.130 -12.904 -3.819  0.50 7.96  ? 1103 HOH A O   1 
HETATM 1087 O  O   . HOH H 5 .   ? -3.223  1.378   -2.615  1.00 10.95 ? 1104 HOH A O   1 
HETATM 1088 O  O   . HOH H 5 .   ? 12.755  -8.033  -3.660  1.00 23.87 ? 1105 HOH A O   1 
HETATM 1089 O  O   . HOH H 5 .   ? -1.276  8.432   3.957   1.00 21.50 ? 1106 HOH A O   1 
HETATM 1090 O  O   . HOH H 5 .   ? -3.391  -10.846 -10.484 1.00 32.29 ? 1107 HOH A O   1 
HETATM 1091 O  O   . HOH H 5 .   ? -9.994  -9.648  -3.521  1.00 19.41 ? 1108 HOH A O   1 
HETATM 1092 O  O   . HOH H 5 .   ? 9.488   -6.642  -9.012  1.00 32.67 ? 1109 HOH A O   1 
HETATM 1093 O  O   . HOH H 5 .   ? 3.987   -7.803  -9.256  1.00 52.77 ? 1110 HOH A O   1 
HETATM 1094 O  O   . HOH H 5 .   ? 2.614   8.612   3.010   1.00 21.80 ? 1111 HOH A O   1 
HETATM 1095 O  O   . HOH H 5 .   ? -6.184  -1.029  -2.967  1.00 14.54 ? 1112 HOH A O   1 
HETATM 1096 O  O   . HOH H 5 .   ? 13.337  -6.182  -6.209  1.00 47.21 ? 1113 HOH A O   1 
HETATM 1097 O  O   . HOH H 5 .   ? 5.866   -3.134  -10.338 1.00 25.00 ? 1114 HOH A O   1 
HETATM 1098 O  O   . HOH H 5 .   ? 6.451   -10.201 9.702   1.00 10.82 ? 1115 HOH A O   1 
HETATM 1099 O  O   . HOH H 5 .   ? -14.904 -1.276  0.457   1.00 11.10 ? 1116 HOH A O   1 
HETATM 1100 O  O   . HOH H 5 .   ? -3.165  12.534  -11.440 1.00 10.50 ? 1117 HOH A O   1 
HETATM 1101 O  O   . HOH H 5 .   ? -13.039 6.701   -0.398  1.00 11.30 ? 1118 HOH A O   1 
HETATM 1102 O  O   . HOH H 5 .   ? -9.065  -12.684 7.647   1.00 17.24 ? 1119 HOH A O   1 
HETATM 1103 O  O   . HOH H 5 .   ? -7.730  11.722  -16.733 1.00 13.84 ? 1120 HOH A O   1 
HETATM 1104 O  O   . HOH H 5 .   ? -0.104  3.270   16.056  1.00 12.83 ? 1121 HOH A O   1 
HETATM 1105 O  O   . HOH H 5 .   ? -5.571  -2.614  -6.880  1.00 13.35 ? 1122 HOH A O   1 
HETATM 1106 O  O   . HOH H 5 .   ? -10.795 -5.990  8.564   1.00 18.26 ? 1123 HOH A O   1 
HETATM 1107 O  O   . HOH H 5 .   ? -5.948  4.361   13.960  1.00 16.57 ? 1124 HOH A O   1 
HETATM 1108 O  O   . HOH H 5 .   ? -1.769  7.482   10.547  1.00 14.98 ? 1125 HOH A O   1 
HETATM 1109 O  O   . HOH H 5 .   ? 1.612   1.118   16.142  1.00 17.68 ? 1126 HOH A O   1 
HETATM 1110 O  O   . HOH H 5 .   ? -6.954  -2.999  -4.411  1.00 13.71 ? 1127 HOH A O   1 
HETATM 1111 O  O   . HOH H 5 .   ? 13.937  1.760   -1.980  1.00 16.83 ? 1128 HOH A O   1 
HETATM 1112 O  O   . HOH H 5 .   ? 6.881   3.625   14.205  1.00 17.02 ? 1129 HOH A O   1 
HETATM 1113 O  O   . HOH H 5 .   ? -11.460 5.426   -13.935 1.00 15.51 ? 1130 HOH A O   1 
HETATM 1114 O  O   . HOH H 5 .   ? 14.831  -8.355  5.335   1.00 17.99 ? 1131 HOH A O   1 
HETATM 1115 O  O   . HOH H 5 .   ? -12.722 16.868  -8.307  1.00 21.31 ? 1132 HOH A O   1 
HETATM 1116 O  O   . HOH H 5 .   ? -13.622 -4.113  -7.683  1.00 19.60 ? 1133 HOH A O   1 
HETATM 1117 O  O   . HOH H 5 .   ? 10.166  -3.767  12.912  1.00 19.68 ? 1134 HOH A O   1 
HETATM 1118 O  O   . HOH H 5 .   ? -6.004  -4.785  -9.605  1.00 15.02 ? 1135 HOH A O   1 
HETATM 1119 O  O   . HOH H 5 .   ? 2.270   7.401   -2.494  1.00 18.20 ? 1136 HOH A O   1 
HETATM 1120 O  O   . HOH H 5 .   ? -12.057 0.602   -9.118  1.00 19.55 ? 1137 HOH A O   1 
HETATM 1121 O  O   . HOH H 5 .   ? -3.940  8.855   3.507   1.00 16.26 ? 1138 HOH A O   1 
HETATM 1122 O  O   . HOH H 5 .   ? 10.565  4.579   -1.445  1.00 18.59 ? 1139 HOH A O   1 
HETATM 1123 O  O   . HOH H 5 .   ? -0.263  -1.004  -10.922 1.00 18.93 ? 1140 HOH A O   1 
HETATM 1124 O  O   . HOH H 5 .   ? -10.912 3.117   5.110   1.00 23.42 ? 1141 HOH A O   1 
HETATM 1125 O  O   . HOH H 5 .   ? 1.551   9.369   -18.063 1.00 60.14 ? 1142 HOH A O   1 
HETATM 1126 O  O   . HOH H 5 .   ? -2.977  5.333   -16.887 1.00 21.32 ? 1143 HOH A O   1 
HETATM 1127 O  O   . HOH H 5 .   ? -14.808 -3.566  -3.721  1.00 15.89 ? 1144 HOH A O   1 
HETATM 1128 O  O   . HOH H 5 .   ? -7.307  -2.802  -10.679 1.00 19.02 ? 1145 HOH A O   1 
HETATM 1129 O  O   . HOH H 5 .   ? 2.963   -3.046  14.964  1.00 17.47 ? 1146 HOH A O   1 
HETATM 1130 O  O   . HOH H 5 .   ? -13.139 -9.578  3.238   1.00 21.59 ? 1147 HOH A O   1 
HETATM 1131 O  O   . HOH H 5 .   ? -15.953 -6.088  1.928   1.00 19.54 ? 1148 HOH A O   1 
HETATM 1132 O  O   . HOH H 5 .   ? -2.811  6.995   7.896   1.00 19.21 ? 1149 HOH A O   1 
HETATM 1133 O  O   . HOH H 5 .   ? 10.754  -9.777  16.898  1.00 46.37 ? 1150 HOH A O   1 
HETATM 1134 O  O   . HOH H 5 .   ? -6.206  -9.759  -5.151  1.00 18.48 ? 1151 HOH A O   1 
HETATM 1135 O  O   . HOH H 5 .   ? -1.060  9.591   -17.432 1.00 25.26 ? 1152 HOH A O   1 
HETATM 1136 O  O   . HOH H 5 .   ? 5.904   -3.471  19.051  1.00 18.62 ? 1153 HOH A O   1 
HETATM 1137 O  O   . HOH H 5 .   ? -1.209  -16.688 -0.298  1.00 28.45 ? 1154 HOH A O   1 
HETATM 1138 O  O   . HOH H 5 .   ? 9.950   6.057   13.324  1.00 29.33 ? 1155 HOH A O   1 
HETATM 1139 O  O   . HOH H 5 .   ? 4.467   9.870   -15.705 1.00 24.70 ? 1156 HOH A O   1 
HETATM 1140 O  O   . HOH H 5 .   ? -10.224 13.698  2.072   1.00 25.47 ? 1157 HOH A O   1 
HETATM 1141 O  O   . HOH H 5 .   ? -0.462  5.276   -18.829 1.00 37.83 ? 1158 HOH A O   1 
HETATM 1142 O  O   . HOH H 5 .   ? 2.048   -0.318  -12.033 1.00 20.38 ? 1159 HOH A O   1 
HETATM 1143 O  O   . HOH H 5 .   ? 9.318   -2.706  -8.810  1.00 28.37 ? 1160 HOH A O   1 
HETATM 1144 O  O   . HOH H 5 .   ? -5.740  19.324  -7.632  1.00 37.60 ? 1161 HOH A O   1 
HETATM 1145 O  O   . HOH H 5 .   ? -15.347 -8.857  1.457   1.00 30.40 ? 1162 HOH A O   1 
HETATM 1146 O  O   . HOH H 5 .   ? 0.549   -0.342  -15.694 1.00 34.74 ? 1163 HOH A O   1 
HETATM 1147 O  O   . HOH H 5 .   ? 7.563   -9.369  -7.605  1.00 27.22 ? 1164 HOH A O   1 
HETATM 1148 O  O   . HOH H 5 .   ? 11.021  2.416   -8.479  1.00 26.65 ? 1165 HOH A O   1 
HETATM 1149 O  O   . HOH H 5 .   ? -6.770  1.925   11.016  1.00 29.47 ? 1166 HOH A O   1 
HETATM 1150 O  O   . HOH H 5 .   ? -7.600  19.807  -9.117  1.00 35.32 ? 1167 HOH A O   1 
HETATM 1151 O  O   . HOH H 5 .   ? -12.866 1.903   6.209   1.00 23.98 ? 1168 HOH A O   1 
HETATM 1152 O  O   . HOH H 5 .   ? 12.787  6.490   11.409  1.00 23.25 ? 1169 HOH A O   1 
HETATM 1153 O  O   . HOH H 5 .   ? -10.656 -3.173  9.086   1.00 24.69 ? 1170 HOH A O   1 
HETATM 1154 O  O   . HOH H 5 .   ? -5.995  -17.640 8.681   1.00 30.85 ? 1171 HOH A O   1 
HETATM 1155 O  O   . HOH H 5 .   ? 12.940  -13.346 0.371   1.00 38.08 ? 1172 HOH A O   1 
HETATM 1156 O  O   . HOH H 5 .   ? 6.733   -13.086 7.048   1.00 42.33 ? 1173 HOH A O   1 
HETATM 1157 O  O   . HOH H 5 .   ? 2.821   -4.973  16.903  1.00 26.51 ? 1174 HOH A O   1 
HETATM 1158 O  O   . HOH H 5 .   ? -4.267  -16.129 5.993   1.00 22.31 ? 1175 HOH A O   1 
HETATM 1159 O  O   . HOH H 5 .   ? -13.632 -12.329 1.524   1.00 32.38 ? 1176 HOH A O   1 
HETATM 1160 O  O   . HOH H 5 .   ? 9.618   2.562   16.287  1.00 29.88 ? 1177 HOH A O   1 
HETATM 1161 O  O   . HOH H 5 .   ? -11.402 -9.897  -6.087  1.00 33.26 ? 1178 HOH A O   1 
HETATM 1162 O  O   . HOH H 5 .   ? -10.218 -5.679  12.471  1.00 14.80 ? 1179 HOH A O   1 
HETATM 1163 O  O   . HOH H 5 .   ? -1.177  11.812  -13.667 1.00 21.04 ? 1180 HOH A O   1 
HETATM 1164 O  O   . HOH H 5 .   ? -0.104  17.589  0.654   1.00 26.39 ? 1181 HOH A O   1 
HETATM 1165 O  O   . HOH H 5 .   ? -7.618  -10.825 -2.970  1.00 24.00 ? 1182 HOH A O   1 
HETATM 1166 O  O   . HOH H 5 .   ? -12.172 -0.440  6.977   1.00 22.70 ? 1183 HOH A O   1 
HETATM 1167 O  O   . HOH H 5 .   ? -0.848  -2.704  -12.758 1.00 29.06 ? 1184 HOH A O   1 
HETATM 1168 O  O   . HOH H 5 .   ? 0.517   7.345   1.703   1.00 34.56 ? 1185 HOH A O   1 
HETATM 1169 O  O   . HOH H 5 .   ? -13.811 -11.049 -2.090  1.00 20.97 ? 1186 HOH A O   1 
HETATM 1170 O  O   . HOH H 5 .   ? -4.931  8.583   6.363   1.00 39.21 ? 1187 HOH A O   1 
HETATM 1171 O  O   . HOH H 5 .   ? 0.713   -1.632  15.992  1.00 23.65 ? 1188 HOH A O   1 
HETATM 1172 O  O   . HOH H 5 .   ? 6.393   8.394   -2.854  1.00 24.90 ? 1189 HOH A O   1 
HETATM 1173 O  O   . HOH H 5 .   ? -7.186  16.818  -16.830 1.00 33.87 ? 1190 HOH A O   1 
HETATM 1174 O  O   . HOH H 5 .   ? 3.379   18.042  -2.539  1.00 30.17 ? 1191 HOH A O   1 
HETATM 1175 O  O   . HOH H 5 .   ? -13.038 -2.056  -9.550  1.00 26.28 ? 1192 HOH A O   1 
HETATM 1176 O  O   . HOH H 5 .   ? 12.471  -3.791  14.272  1.00 32.29 ? 1193 HOH A O   1 
HETATM 1177 O  O   . HOH H 5 .   ? 1.092   -16.799 10.359  1.00 27.48 ? 1194 HOH A O   1 
HETATM 1178 O  O   . HOH H 5 .   ? 6.887   -14.916 5.784   1.00 23.15 ? 1195 HOH A O   1 
HETATM 1179 O  O   . HOH H 5 .   ? -8.310  0.218   -14.913 1.00 30.64 ? 1196 HOH A O   1 
HETATM 1180 O  O   . HOH H 5 .   ? -14.966 17.868  -7.913  1.00 28.47 ? 1197 HOH A O   1 
HETATM 1181 O  O   . HOH H 5 .   ? -9.363  -7.337  10.602  1.00 36.72 ? 1198 HOH A O   1 
HETATM 1182 O  O   . HOH H 5 .   ? 6.409   -5.977  -10.196 1.00 35.45 ? 1199 HOH A O   1 
HETATM 1183 O  O   . HOH H 5 .   ? 12.432  -9.614  6.645   1.00 34.29 ? 1200 HOH A O   1 
HETATM 1184 O  O   . HOH H 5 .   ? -8.881  -7.202  -11.907 1.00 36.50 ? 1201 HOH A O   1 
HETATM 1185 O  O   . HOH H 5 .   ? 16.058  -0.064  -2.238  1.00 31.83 ? 1202 HOH A O   1 
HETATM 1186 O  O   . HOH H 5 .   ? -6.501  14.248  -17.600 1.00 27.12 ? 1203 HOH A O   1 
HETATM 1187 O  O   . HOH H 5 .   ? 12.056  4.548   13.609  1.00 29.06 ? 1204 HOH A O   1 
HETATM 1188 O  O   . HOH H 5 .   ? 5.415   6.971   -16.666 1.00 31.47 ? 1205 HOH A O   1 
HETATM 1189 O  O   . HOH H 5 .   ? -1.118  8.623   6.526   1.00 30.84 ? 1206 HOH A O   1 
HETATM 1190 O  O   . HOH H 5 .   ? 8.355   6.369   16.000  1.00 32.44 ? 1207 HOH A O   1 
HETATM 1191 O  O   . HOH H 5 .   ? -17.010 -6.107  4.625   1.00 38.28 ? 1208 HOH A O   1 
HETATM 1192 O  O   . HOH H 5 .   ? -0.804  -10.539 16.759  1.00 39.38 ? 1209 HOH A O   1 
HETATM 1193 O  O   . HOH H 5 .   ? 3.536   -2.675  18.644  1.00 28.77 ? 1210 HOH A O   1 
HETATM 1194 O  O   . HOH H 5 .   ? 7.524   -1.211  19.695  1.00 31.49 ? 1211 HOH A O   1 
HETATM 1195 O  O   . HOH H 5 .   ? -1.001  -17.111 -7.526  1.00 33.70 ? 1212 HOH A O   1 
HETATM 1196 O  O   . HOH H 5 .   ? 4.242   7.333   -1.355  1.00 28.69 ? 1213 HOH A O   1 
HETATM 1197 O  O   . HOH H 5 .   ? -2.245  16.801  3.397   1.00 36.78 ? 1214 HOH A O   1 
HETATM 1198 O  O   . HOH H 5 .   ? -10.463 17.513  -6.878  1.00 37.17 ? 1215 HOH A O   1 
HETATM 1199 O  O   . HOH H 5 .   ? 8.376   9.255   13.578  1.00 42.56 ? 1216 HOH A O   1 
HETATM 1200 O  O   . HOH H 5 .   ? -3.970  13.844  -16.398 1.00 32.39 ? 1217 HOH A O   1 
HETATM 1201 O  O   . HOH H 5 .   ? 0.509   -9.018  -11.470 1.00 31.01 ? 1218 HOH A O   1 
HETATM 1202 O  O   . HOH H 5 .   ? 5.818   16.134  -11.340 1.00 43.76 ? 1219 HOH A O   1 
HETATM 1203 O  O   . HOH H 5 .   ? 5.765   -20.093 2.505   1.00 43.89 ? 1220 HOH A O   1 
HETATM 1204 O  O   . HOH H 5 .   ? 3.459   -20.418 7.731   1.00 45.17 ? 1221 HOH A O   1 
HETATM 1205 O  O   . HOH H 5 .   ? -7.603  -9.282  13.426  1.00 34.93 ? 1222 HOH A O   1 
HETATM 1206 O  O   . HOH H 5 .   ? -10.058 -9.823  -10.632 1.00 35.73 ? 1223 HOH A O   1 
HETATM 1207 O  O   . HOH H 5 .   ? 0.572   -8.295  -8.143  1.00 32.75 ? 1224 HOH A O   1 
HETATM 1208 O  O   . HOH H 5 .   ? -0.767  19.871  -8.140  1.00 39.27 ? 1225 HOH A O   1 
HETATM 1209 O  O   . HOH H 5 .   ? 0.370   19.280  4.119   1.00 46.60 ? 1226 HOH A O   1 
HETATM 1210 O  O   . HOH H 5 .   ? 0.036   -22.594 7.277   1.00 36.62 ? 1227 HOH A O   1 
HETATM 1211 O  O   . HOH H 5 .   ? -12.183 -8.748  -9.070  1.00 36.53 ? 1228 HOH A O   1 
HETATM 1212 O  O   . HOH H 5 .   ? -8.471  -11.099 -7.176  1.00 58.20 ? 1229 HOH A O   1 
HETATM 1213 O  O   . HOH H 5 .   ? 11.346  0.588   18.227  1.00 32.61 ? 1230 HOH A O   1 
HETATM 1214 O  O   . HOH H 5 .   ? 7.319   4.678   -15.565 1.00 54.47 ? 1231 HOH A O   1 
HETATM 1215 O  O   . HOH H 5 .   ? 2.464   11.705  -16.932 1.00 56.97 ? 1232 HOH A O   1 
HETATM 1216 O  O   . HOH H 5 .   ? 7.644   9.194   6.056   1.00 50.48 ? 1233 HOH A O   1 
HETATM 1217 O  O   . HOH H 5 .   ? -10.126 -5.145  -11.009 1.00 34.82 ? 1234 HOH A O   1 
HETATM 1218 O  O   . HOH H 5 .   ? 8.182   -11.287 -4.542  1.00 25.96 ? 1235 HOH A O   1 
HETATM 1219 O  O   . HOH H 5 .   ? 3.427   -0.776  -14.683 1.00 52.87 ? 1236 HOH A O   1 
HETATM 1220 O  O   . HOH H 5 .   ? -5.472  -16.956 12.029  1.00 58.15 ? 1237 HOH A O   1 
HETATM 1221 O  O   . HOH H 5 .   ? -16.024 -4.426  -7.717  1.00 36.28 ? 1238 HOH A O   1 
HETATM 1222 O  O   . HOH H 5 .   ? -5.384  -9.106  -11.887 1.00 36.43 ? 1239 HOH A O   1 
HETATM 1223 O  O   . HOH H 5 .   ? -7.405  -12.205 15.352  1.00 41.44 ? 1240 HOH A O   1 
HETATM 1224 O  O   . HOH H 5 .   ? 7.763   -10.725 -9.532  1.00 45.22 ? 1241 HOH A O   1 
HETATM 1225 O  O   . HOH H 5 .   ? -4.809  -18.978 10.245  1.00 49.91 ? 1242 HOH A O   1 
HETATM 1226 O  O   . HOH H 5 .   ? 1.240   7.754   5.144   1.00 26.42 ? 1243 HOH A O   1 
HETATM 1227 O  O   . HOH H 5 .   ? 4.857   9.728   -1.550  1.00 6.06  ? 1244 HOH A O   1 
HETATM 1228 O  O   . HOH H 5 .   ? -6.369  14.610  -6.578  1.00 10.55 ? 1245 HOH A O   1 
HETATM 1229 O  O   . HOH H 5 .   ? -1.923  3.166   18.050  1.00 19.79 ? 1246 HOH A O   1 
HETATM 1230 O  O   . HOH H 5 .   ? -15.669 -1.006  -9.330  1.00 20.20 ? 1247 HOH A O   1 
HETATM 1231 O  O   . HOH H 5 .   ? 1.054   15.444  2.473   1.00 21.40 ? 1248 HOH A O   1 
HETATM 1232 O  O   . HOH H 5 .   ? 1.536   14.987  -2.402  1.00 31.16 ? 1249 HOH A O   1 
HETATM 1233 O  O   . HOH H 5 .   ? -5.433  -11.090 -8.684  1.00 34.69 ? 1250 HOH A O   1 
HETATM 1234 O  O   . HOH H 5 .   ? -5.749  -6.238  -12.152 1.00 35.13 ? 1251 HOH A O   1 
HETATM 1235 O  O   . HOH H 5 .   ? -3.809  11.681  3.067   1.00 27.41 ? 1252 HOH A O   1 
HETATM 1236 O  O   . HOH H 5 .   ? -5.845  -0.044  -15.024 1.00 28.97 ? 1253 HOH A O   1 
HETATM 1237 O  O   . HOH H 5 .   ? -7.221  19.991  -0.660  1.00 28.94 ? 1254 HOH A O   1 
HETATM 1238 O  O   . HOH H 5 .   ? 13.957  -10.648 -0.312  1.00 34.23 ? 1255 HOH A O   1 
HETATM 1239 O  O   . HOH H 5 .   ? 3.043   -3.286  -13.275 1.00 42.40 ? 1256 HOH A O   1 
HETATM 1240 O  O   . HOH H 5 .   ? -1.028  12.485  -17.332 1.00 31.28 ? 1257 HOH A O   1 
HETATM 1241 O  O   . HOH H 5 .   ? 6.923   -16.240 -0.389  1.00 41.81 ? 1258 HOH A O   1 
HETATM 1242 O  O   . HOH H 5 .   ? 16.479  2.235   -5.906  1.00 39.58 ? 1259 HOH A O   1 
HETATM 1243 O  O   . HOH H 5 .   ? 9.008   6.654   -16.536 1.00 32.88 ? 1260 HOH A O   1 
HETATM 1244 O  O   . HOH H 5 .   ? -0.655  10.515  8.851   1.00 29.18 ? 1261 HOH A O   1 
HETATM 1245 O  O   . HOH H 5 .   ? 0.814   -20.625 8.134   1.00 33.02 ? 1262 HOH A O   1 
HETATM 1246 O  O   . HOH H 5 .   ? 1.208   -10.612 -9.274  1.00 42.58 ? 1263 HOH A O   1 
HETATM 1247 O  O   . HOH H 5 .   ? -14.886 -7.322  5.790   1.00 34.24 ? 1264 HOH A O   1 
HETATM 1248 O  O   . HOH H 5 .   ? -3.121  2.578   -17.792 1.00 37.01 ? 1265 HOH A O   1 
HETATM 1249 O  O   . HOH H 5 .   ? -15.416 -9.250  -1.140  1.00 45.09 ? 1266 HOH A O   1 
HETATM 1250 O  O   . HOH H 5 .   ? 5.646   -5.103  21.577  1.00 45.09 ? 1267 HOH A O   1 
HETATM 1251 O  O   . HOH H 5 .   ? -7.114  -13.570 -6.052  1.00 44.72 ? 1268 HOH A O   1 
HETATM 1252 O  O   . HOH H 5 .   ? 14.767  10.975  -1.047  1.00 43.48 ? 1269 HOH A O   1 
HETATM 1253 O  O   . HOH H 5 .   ? 10.545  7.428   -1.789  1.00 35.28 ? 1270 HOH A O   1 
HETATM 1254 O  O   . HOH H 5 .   ? -3.684  -4.610  -12.840 1.00 42.28 ? 1271 HOH A O   1 
HETATM 1255 O  O   . HOH H 5 .   ? 5.262   19.675  -12.137 1.00 36.87 ? 1272 HOH A O   1 
HETATM 1256 O  O   . HOH H 5 .   ? 0.619   12.873  -15.506 1.00 44.43 ? 1273 HOH A O   1 
HETATM 1257 O  O   . HOH H 5 .   ? 8.411   -15.958 7.288   1.00 40.99 ? 1274 HOH A O   1 
HETATM 1258 O  O   . HOH H 5 .   ? -0.507  -9.791  19.012  1.00 53.37 ? 1275 HOH A O   1 
HETATM 1259 O  O   . HOH H 5 .   ? 9.275   -10.897 -2.363  1.00 40.59 ? 1276 HOH A O   1 
HETATM 1260 O  O   . HOH H 5 .   ? -0.057  11.385  1.012   1.00 40.14 ? 1277 HOH A O   1 
HETATM 1261 O  O   . HOH H 5 .   ? -4.488  -2.363  -13.759 1.00 50.03 ? 1278 HOH A O   1 
HETATM 1262 O  O   . HOH H 5 .   ? -1.256  12.029  2.999   1.00 35.48 ? 1279 HOH A O   1 
HETATM 1263 O  O   . HOH H 5 .   ? -5.348  -15.086 14.292  1.00 46.39 ? 1280 HOH A O   1 
HETATM 1264 O  O   . HOH H 5 .   ? 5.175   18.002  -4.223  1.00 42.64 ? 1281 HOH A O   1 
HETATM 1265 O  O   . HOH H 5 .   ? 2.075   7.171   -0.064  1.00 53.02 ? 1282 HOH A O   1 
HETATM 1266 O  O   . HOH H 5 .   ? 10.811  -1.095  -9.608  1.00 41.41 ? 1283 HOH A O   1 
HETATM 1267 O  O   . HOH H 5 .   ? 7.889   15.670  -12.686 1.00 55.21 ? 1284 HOH A O   1 
HETATM 1268 O  O   . HOH H 5 .   ? 4.773   -15.940 5.089   1.00 41.95 ? 1285 HOH A O   1 
HETATM 1269 O  O   . HOH H 5 .   ? 14.970  -7.709  -1.659  1.00 44.07 ? 1286 HOH A O   1 
HETATM 1270 O  O   A HOH H 5 .   ? -8.112  -12.202 10.272  0.50 14.37 ? 1287 HOH A O   1 
HETATM 1271 O  O   B HOH H 5 .   ? -9.722  -13.565 9.908   0.50 9.98  ? 1287 HOH A O   1 
HETATM 1272 O  O   B HOH H 5 .   ? -11.480 -6.095  -8.647  0.50 18.00 ? 1288 HOH A O   1 
HETATM 1273 O  O   B HOH H 5 .   ? 11.155  -8.368  14.041  0.35 8.54  ? 1289 HOH A O   1 
HETATM 1274 O  O   B HOH H 5 .   ? 8.676   -8.211  14.023  0.35 9.30  ? 1290 HOH A O   1 
# 
